data_7K0R
#
_entry.id   7K0R
#
_cell.length_a   1.00
_cell.length_b   1.00
_cell.length_c   1.00
_cell.angle_alpha   90.00
_cell.angle_beta   90.00
_cell.angle_gamma   90.00
#
_symmetry.space_group_name_H-M   'P 1'
#
loop_
_entity.id
_entity.type
_entity.pdbx_description
1 polymer 'Uridylate-specific endoribonuclease'
2 non-polymer "URIDINE-5'-MONOPHOSPHATE"
3 non-polymer 'PHOSPHATE ION'
#
_entity_poly.entity_id   1
_entity_poly.type   'polypeptide(L)'
_entity_poly.pdbx_seq_one_letter_code
;GSHMLEENLYFQSLEMSLENVAFNVVNKGHFDGQQGEVPVSIINNTVYTKVDGVDVELFENKTTLPVNVAFELWAKRNIK
PVPEVKILNNLGVDIAANTVIWDYKRDAPAHISTIGVCSMTDIAKKPTETICAPLTVFFDGRVDGQVDLFRNARNGVLIT
EGSVKGLQPSVGPKQASLNGVTLIGEAVKTQFNYYKKVDGVVQQLPETYFTQSRNLQEFKPRSQMEIDFLELAMDEFIER
YKLEGYAFEHIVYGDFSHSQLGGLHLLIGLAKRFKESPFELEDFIPMDSTVKNYFITDAQTGSSKCVCSVIDLLLDDFVE
IIKSQDLSVVSKVVKVTIDYTEISFMLWCKDGHVETFYPKLQ
;
_entity_poly.pdbx_strand_id   A,B,C,D,E,F
#
# COMPACT_ATOMS: atom_id res chain seq x y z
N MET A 16 -13.29 -19.54 -16.51
CA MET A 16 -12.29 -19.16 -15.51
C MET A 16 -12.73 -17.92 -14.74
N SER A 17 -12.36 -17.85 -13.47
CA SER A 17 -12.86 -16.82 -12.57
C SER A 17 -12.06 -16.88 -11.28
N LEU A 18 -11.78 -15.70 -10.71
CA LEU A 18 -11.11 -15.64 -9.41
C LEU A 18 -11.83 -16.47 -8.36
N GLU A 19 -13.15 -16.30 -8.25
CA GLU A 19 -13.91 -17.01 -7.23
C GLU A 19 -13.92 -18.51 -7.45
N ASN A 20 -13.86 -18.96 -8.69
CA ASN A 20 -13.78 -20.39 -8.92
C ASN A 20 -12.42 -20.93 -8.52
N VAL A 21 -11.35 -20.18 -8.79
CA VAL A 21 -10.03 -20.58 -8.32
C VAL A 21 -10.03 -20.72 -6.80
N ALA A 22 -10.60 -19.74 -6.11
CA ALA A 22 -10.64 -19.83 -4.65
C ALA A 22 -11.46 -21.03 -4.21
N PHE A 23 -12.55 -21.34 -4.90
CA PHE A 23 -13.32 -22.52 -4.55
C PHE A 23 -12.47 -23.77 -4.62
N ASN A 24 -11.69 -23.91 -5.69
CA ASN A 24 -10.84 -25.09 -5.83
C ASN A 24 -9.78 -25.14 -4.75
N VAL A 25 -9.18 -23.99 -4.44
CA VAL A 25 -8.16 -23.96 -3.39
C VAL A 25 -8.75 -24.43 -2.07
N VAL A 26 -9.94 -23.92 -1.74
CA VAL A 26 -10.56 -24.26 -0.47
C VAL A 26 -10.95 -25.73 -0.43
N ASN A 27 -11.39 -26.28 -1.56
CA ASN A 27 -11.95 -27.62 -1.54
C ASN A 27 -10.99 -28.69 -2.02
N LYS A 28 -9.97 -28.33 -2.80
CA LYS A 28 -9.09 -29.31 -3.39
C LYS A 28 -7.62 -29.07 -3.10
N GLY A 29 -7.26 -27.97 -2.45
CA GLY A 29 -5.88 -27.68 -2.13
C GLY A 29 -5.12 -26.97 -3.23
N HIS A 30 -5.69 -26.86 -4.41
CA HIS A 30 -5.06 -26.26 -5.57
C HIS A 30 -6.13 -26.20 -6.65
N PHE A 31 -5.78 -25.67 -7.81
CA PHE A 31 -6.75 -25.62 -8.89
C PHE A 31 -6.92 -26.99 -9.50
N ASP A 32 -8.16 -27.49 -9.48
CA ASP A 32 -8.47 -28.83 -9.93
C ASP A 32 -9.57 -28.84 -10.97
N GLY A 33 -9.92 -27.69 -11.54
CA GLY A 33 -10.95 -27.68 -12.56
C GLY A 33 -12.36 -27.94 -12.08
N GLN A 34 -12.63 -27.78 -10.78
CA GLN A 34 -13.97 -28.04 -10.27
C GLN A 34 -14.84 -26.81 -10.44
N GLN A 35 -16.13 -27.04 -10.64
CA GLN A 35 -17.08 -25.93 -10.73
C GLN A 35 -17.45 -25.46 -9.34
N GLY A 36 -17.60 -24.16 -9.18
CA GLY A 36 -18.02 -23.60 -7.91
C GLY A 36 -17.43 -22.23 -7.71
N GLU A 37 -17.93 -21.54 -6.69
CA GLU A 37 -17.40 -20.24 -6.34
C GLU A 37 -17.51 -20.06 -4.83
N VAL A 38 -16.58 -19.28 -4.27
CA VAL A 38 -16.68 -18.83 -2.89
C VAL A 38 -16.44 -17.33 -2.85
N PRO A 39 -16.89 -16.66 -1.79
CA PRO A 39 -16.66 -15.22 -1.71
C PRO A 39 -15.22 -14.92 -1.39
N VAL A 40 -14.67 -13.92 -2.07
CA VAL A 40 -13.26 -13.60 -1.98
C VAL A 40 -13.13 -12.12 -1.66
N SER A 41 -12.19 -11.78 -0.79
CA SER A 41 -11.81 -10.41 -0.54
C SER A 41 -10.34 -10.23 -0.87
N ILE A 42 -10.00 -9.12 -1.53
CA ILE A 42 -8.61 -8.77 -1.76
C ILE A 42 -8.36 -7.48 -1.02
N ILE A 43 -7.40 -7.51 -0.10
CA ILE A 43 -7.02 -6.31 0.64
C ILE A 43 -5.50 -6.26 0.74
N ASN A 44 -4.93 -5.15 0.30
CA ASN A 44 -3.51 -5.01 0.01
C ASN A 44 -3.04 -6.11 -0.92
N ASN A 45 -2.15 -6.96 -0.44
CA ASN A 45 -1.49 -7.97 -1.25
C ASN A 45 -1.87 -9.36 -0.78
N THR A 46 -3.03 -9.50 -0.16
CA THR A 46 -3.45 -10.76 0.40
C THR A 46 -4.85 -11.10 -0.10
N VAL A 47 -5.10 -12.37 -0.35
CA VAL A 47 -6.42 -12.83 -0.77
C VAL A 47 -7.07 -13.53 0.40
N TYR A 48 -8.30 -13.14 0.71
CA TYR A 48 -9.06 -13.78 1.77
C TYR A 48 -10.33 -14.37 1.20
N THR A 49 -10.84 -15.38 1.90
CA THR A 49 -12.17 -15.89 1.64
C THR A 49 -12.94 -15.97 2.94
N LYS A 50 -14.25 -15.84 2.87
CA LYS A 50 -15.08 -15.83 4.06
C LYS A 50 -15.44 -17.28 4.31
N VAL A 51 -15.09 -17.79 5.48
CA VAL A 51 -15.38 -19.16 5.87
C VAL A 51 -16.17 -19.12 7.17
N ASP A 52 -17.44 -19.47 7.09
CA ASP A 52 -18.33 -19.51 8.24
C ASP A 52 -18.28 -18.21 9.01
N GLY A 53 -18.44 -17.11 8.28
CA GLY A 53 -18.58 -15.80 8.87
C GLY A 53 -17.30 -15.06 9.18
N VAL A 54 -16.14 -15.68 8.99
CA VAL A 54 -14.87 -15.00 9.22
C VAL A 54 -13.98 -15.14 8.00
N ASP A 55 -13.05 -14.20 7.88
CA ASP A 55 -12.15 -14.16 6.76
C ASP A 55 -10.92 -14.99 7.06
N VAL A 56 -10.53 -15.83 6.10
CA VAL A 56 -9.37 -16.68 6.21
C VAL A 56 -8.42 -16.35 5.07
N GLU A 57 -7.15 -16.12 5.40
CA GLU A 57 -6.18 -15.80 4.37
C GLU A 57 -5.88 -17.03 3.54
N LEU A 58 -5.98 -16.89 2.22
CA LEU A 58 -5.66 -18.00 1.33
C LEU A 58 -4.31 -17.85 0.65
N PHE A 59 -3.83 -16.63 0.45
CA PHE A 59 -2.63 -16.42 -0.33
C PHE A 59 -2.11 -15.02 -0.09
N GLU A 60 -0.82 -14.91 0.18
CA GLU A 60 -0.15 -13.63 0.31
C GLU A 60 0.83 -13.49 -0.85
N ASN A 61 0.65 -12.45 -1.64
CA ASN A 61 1.46 -12.28 -2.84
C ASN A 61 2.85 -11.79 -2.46
N LYS A 62 3.86 -12.58 -2.75
CA LYS A 62 5.25 -12.20 -2.58
C LYS A 62 5.93 -11.96 -3.91
N THR A 63 5.18 -12.06 -4.99
CA THR A 63 5.67 -11.86 -6.34
C THR A 63 5.51 -10.39 -6.73
N THR A 64 6.00 -10.05 -7.92
CA THR A 64 5.79 -8.74 -8.50
C THR A 64 4.61 -8.71 -9.46
N LEU A 65 3.82 -9.75 -9.50
CA LEU A 65 2.60 -9.76 -10.29
C LEU A 65 1.42 -9.19 -9.51
N PRO A 66 0.34 -8.81 -10.19
CA PRO A 66 -0.87 -8.42 -9.47
C PRO A 66 -1.39 -9.55 -8.61
N VAL A 67 -1.91 -9.18 -7.43
CA VAL A 67 -2.30 -10.18 -6.45
C VAL A 67 -3.26 -11.21 -7.03
N ASN A 68 -4.24 -10.77 -7.81
CA ASN A 68 -5.19 -11.76 -8.31
C ASN A 68 -4.56 -12.63 -9.38
N VAL A 69 -3.55 -12.11 -10.09
CA VAL A 69 -2.86 -12.91 -11.09
C VAL A 69 -1.93 -13.90 -10.45
N ALA A 70 -1.12 -13.46 -9.48
CA ALA A 70 -0.25 -14.37 -8.77
C ALA A 70 -1.04 -15.49 -8.12
N PHE A 71 -2.20 -15.16 -7.55
CA PHE A 71 -3.04 -16.17 -6.92
C PHE A 71 -3.43 -17.25 -7.91
N GLU A 72 -3.82 -16.86 -9.12
CA GLU A 72 -4.24 -17.86 -10.10
C GLU A 72 -3.07 -18.71 -10.54
N LEU A 73 -1.91 -18.11 -10.78
CA LEU A 73 -0.75 -18.91 -11.16
C LEU A 73 -0.32 -19.84 -10.03
N TRP A 74 -0.33 -19.34 -8.79
CA TRP A 74 -0.02 -20.19 -7.66
C TRP A 74 -0.97 -21.37 -7.54
N ALA A 75 -2.27 -21.11 -7.66
CA ALA A 75 -3.22 -22.21 -7.52
C ALA A 75 -3.05 -23.25 -8.61
N LYS A 76 -2.56 -22.85 -9.78
CA LYS A 76 -2.40 -23.77 -10.89
C LYS A 76 -0.99 -24.34 -11.00
N ARG A 77 -0.18 -24.22 -9.95
CA ARG A 77 1.18 -24.72 -10.00
C ARG A 77 1.19 -26.22 -10.24
N ASN A 78 2.25 -26.71 -10.85
CA ASN A 78 2.41 -28.14 -11.05
C ASN A 78 2.71 -28.84 -9.72
N ILE A 79 1.93 -29.87 -9.40
CA ILE A 79 2.07 -30.57 -8.13
C ILE A 79 2.58 -32.00 -8.33
N LYS A 80 3.16 -32.31 -9.45
CA LYS A 80 3.90 -33.54 -9.64
C LYS A 80 5.38 -33.27 -9.51
N PRO A 81 6.22 -34.29 -9.38
CA PRO A 81 7.66 -34.03 -9.39
C PRO A 81 8.08 -33.40 -10.70
N VAL A 82 8.85 -32.32 -10.59
CA VAL A 82 9.33 -31.60 -11.76
C VAL A 82 10.82 -31.33 -11.56
N PRO A 83 11.55 -31.07 -12.65
CA PRO A 83 12.95 -30.70 -12.51
C PRO A 83 13.10 -29.49 -11.61
N GLU A 84 14.16 -29.48 -10.83
CA GLU A 84 14.45 -28.29 -10.05
C GLU A 84 14.68 -27.12 -10.99
N VAL A 85 14.32 -25.93 -10.52
CA VAL A 85 14.36 -24.75 -11.37
C VAL A 85 15.78 -24.49 -11.89
N LYS A 86 16.79 -24.79 -11.08
CA LYS A 86 18.15 -24.56 -11.54
C LYS A 86 18.47 -25.37 -12.78
N ILE A 87 17.92 -26.58 -12.90
CA ILE A 87 18.16 -27.36 -14.11
C ILE A 87 17.50 -26.70 -15.31
N LEU A 88 16.24 -26.30 -15.17
CA LEU A 88 15.54 -25.66 -16.27
C LEU A 88 16.22 -24.38 -16.70
N ASN A 89 16.64 -23.56 -15.74
CA ASN A 89 17.35 -22.34 -16.10
C ASN A 89 18.61 -22.67 -16.88
N ASN A 90 19.38 -23.63 -16.39
CA ASN A 90 20.62 -23.99 -17.05
C ASN A 90 20.37 -24.53 -18.44
N LEU A 91 19.22 -25.16 -18.67
CA LEU A 91 18.91 -25.65 -20.00
C LEU A 91 18.28 -24.60 -20.89
N GLY A 92 18.16 -23.37 -20.41
CA GLY A 92 17.62 -22.33 -21.26
C GLY A 92 16.13 -22.35 -21.44
N VAL A 93 15.39 -22.99 -20.55
CA VAL A 93 13.94 -23.03 -20.69
C VAL A 93 13.38 -21.63 -20.47
N ASP A 94 12.52 -21.19 -21.40
CA ASP A 94 11.91 -19.87 -21.31
C ASP A 94 10.49 -19.90 -20.76
N ILE A 95 9.76 -21.00 -20.94
CA ILE A 95 8.32 -21.00 -20.69
C ILE A 95 7.89 -22.45 -20.65
N ALA A 96 6.76 -22.73 -20.00
CA ALA A 96 6.28 -24.09 -19.88
C ALA A 96 5.00 -24.28 -20.68
N ALA A 97 4.86 -25.47 -21.27
CA ALA A 97 3.68 -25.83 -22.03
C ALA A 97 2.56 -26.27 -21.09
N ASN A 98 1.57 -25.40 -20.91
CA ASN A 98 0.30 -25.76 -20.27
C ASN A 98 0.48 -26.16 -18.82
N THR A 99 1.41 -25.51 -18.13
CA THR A 99 1.59 -25.72 -16.70
C THR A 99 2.32 -24.52 -16.14
N VAL A 100 2.35 -24.45 -14.82
CA VAL A 100 3.14 -23.44 -14.11
C VAL A 100 4.17 -24.15 -13.28
N ILE A 101 5.44 -23.84 -13.51
CA ILE A 101 6.52 -24.28 -12.62
C ILE A 101 6.66 -23.23 -11.54
N TRP A 102 6.23 -23.54 -10.33
CA TRP A 102 6.35 -22.60 -9.24
C TRP A 102 7.75 -22.66 -8.66
N ASP A 103 8.40 -21.52 -8.52
CA ASP A 103 9.77 -21.45 -8.02
C ASP A 103 9.68 -21.19 -6.52
N TYR A 104 9.82 -22.24 -5.72
CA TYR A 104 9.61 -22.10 -4.28
C TYR A 104 10.73 -21.35 -3.58
N LYS A 105 11.93 -21.28 -4.17
CA LYS A 105 12.98 -20.47 -3.55
C LYS A 105 12.68 -18.99 -3.64
N ARG A 106 12.02 -18.57 -4.71
CA ARG A 106 11.66 -17.17 -4.91
C ARG A 106 10.22 -16.90 -4.54
N ASP A 107 9.46 -17.94 -4.23
CA ASP A 107 8.03 -17.85 -3.99
C ASP A 107 7.31 -17.12 -5.11
N ALA A 108 7.59 -17.53 -6.33
CA ALA A 108 7.11 -16.85 -7.52
C ALA A 108 7.17 -17.83 -8.67
N PRO A 109 6.46 -17.58 -9.77
CA PRO A 109 6.61 -18.46 -10.93
C PRO A 109 8.03 -18.46 -11.43
N ALA A 110 8.47 -19.63 -11.87
CA ALA A 110 9.80 -19.74 -12.43
C ALA A 110 9.91 -19.03 -13.77
N HIS A 111 8.80 -18.85 -14.48
CA HIS A 111 8.84 -18.25 -15.80
C HIS A 111 7.84 -17.10 -15.85
N ILE A 112 8.21 -16.07 -16.61
CA ILE A 112 7.43 -14.84 -16.62
C ILE A 112 6.11 -15.02 -17.35
N SER A 113 6.08 -15.83 -18.40
CA SER A 113 4.90 -15.98 -19.24
C SER A 113 4.40 -17.41 -19.16
N THR A 114 3.22 -17.64 -19.71
CA THR A 114 2.59 -18.94 -19.68
C THR A 114 2.03 -19.24 -21.05
N ILE A 115 1.68 -20.50 -21.25
CA ILE A 115 1.02 -20.95 -22.46
C ILE A 115 -0.24 -21.69 -22.04
N GLY A 116 -1.39 -21.11 -22.34
CA GLY A 116 -2.62 -21.82 -22.04
C GLY A 116 -2.92 -22.01 -20.58
N VAL A 117 -2.52 -21.07 -19.73
CA VAL A 117 -2.73 -21.17 -18.28
C VAL A 117 -3.67 -20.10 -17.77
N CYS A 118 -3.45 -18.85 -18.17
CA CYS A 118 -4.06 -17.73 -17.47
C CYS A 118 -4.17 -16.58 -18.46
N SER A 119 -5.34 -15.96 -18.51
CA SER A 119 -5.62 -14.99 -19.56
C SER A 119 -4.76 -13.75 -19.43
N MET A 120 -4.41 -13.36 -18.22
CA MET A 120 -3.58 -12.18 -18.07
C MET A 120 -2.14 -12.44 -18.49
N THR A 121 -1.65 -13.66 -18.32
CA THR A 121 -0.26 -13.98 -18.58
C THR A 121 -0.02 -14.83 -19.82
N ASP A 122 -1.07 -15.41 -20.41
CA ASP A 122 -0.86 -16.26 -21.57
C ASP A 122 -0.27 -15.45 -22.71
N ILE A 123 0.73 -16.03 -23.38
CA ILE A 123 1.13 -15.51 -24.68
C ILE A 123 0.59 -16.35 -25.81
N ALA A 124 -0.01 -17.50 -25.50
CA ALA A 124 -0.56 -18.40 -26.50
C ALA A 124 -1.42 -19.40 -25.75
N LYS A 125 -2.33 -20.05 -26.47
CA LYS A 125 -3.07 -21.12 -25.83
C LYS A 125 -2.39 -22.45 -26.02
N LYS A 126 -1.68 -22.62 -27.13
CA LYS A 126 -0.97 -23.85 -27.42
C LYS A 126 0.45 -23.51 -27.83
N PRO A 127 1.42 -24.38 -27.53
CA PRO A 127 2.81 -24.09 -27.89
C PRO A 127 3.11 -24.20 -29.36
N THR A 128 2.16 -24.61 -30.19
CA THR A 128 2.40 -24.65 -31.63
C THR A 128 2.23 -23.30 -32.32
N GLU A 129 1.77 -22.28 -31.62
CA GLU A 129 1.62 -20.97 -32.24
C GLU A 129 2.98 -20.34 -32.51
N THR A 130 3.00 -19.45 -33.50
CA THR A 130 4.26 -18.93 -34.00
C THR A 130 4.99 -18.12 -32.95
N ILE A 131 4.25 -17.46 -32.05
CA ILE A 131 4.90 -16.67 -31.02
C ILE A 131 5.75 -17.52 -30.10
N CYS A 132 5.46 -18.82 -30.00
CA CYS A 132 6.22 -19.70 -29.14
C CYS A 132 7.44 -20.27 -29.82
N ALA A 133 7.49 -20.23 -31.15
CA ALA A 133 8.58 -20.83 -31.91
C ALA A 133 9.97 -20.39 -31.47
N PRO A 134 10.27 -19.11 -31.30
CA PRO A 134 11.63 -18.74 -30.88
C PRO A 134 11.93 -19.03 -29.43
N LEU A 135 10.95 -19.31 -28.58
CA LEU A 135 11.22 -19.56 -27.18
C LEU A 135 11.58 -21.02 -26.97
N THR A 136 12.46 -21.27 -25.99
CA THR A 136 12.76 -22.64 -25.62
C THR A 136 11.69 -23.08 -24.64
N VAL A 137 10.75 -23.87 -25.13
CA VAL A 137 9.57 -24.27 -24.37
C VAL A 137 9.87 -25.59 -23.68
N PHE A 138 9.50 -25.68 -22.41
CA PHE A 138 9.63 -26.92 -21.65
C PHE A 138 8.40 -27.81 -21.86
N PHE A 139 8.63 -29.00 -22.36
CA PHE A 139 7.58 -29.98 -22.57
C PHE A 139 7.76 -31.14 -21.61
N ASP A 140 6.65 -31.69 -21.14
CA ASP A 140 6.66 -32.73 -20.11
C ASP A 140 6.04 -33.98 -20.70
N GLY A 141 6.88 -34.96 -21.02
CA GLY A 141 6.43 -36.20 -21.63
C GLY A 141 5.45 -37.00 -20.82
N ARG A 142 5.27 -36.69 -19.53
CA ARG A 142 4.24 -37.38 -18.75
C ARG A 142 2.85 -36.94 -19.12
N VAL A 143 2.69 -35.78 -19.74
CA VAL A 143 1.41 -35.29 -20.17
C VAL A 143 1.17 -35.76 -21.60
N ASP A 144 -0.02 -36.28 -21.85
CA ASP A 144 -0.34 -36.81 -23.17
C ASP A 144 -0.15 -35.79 -24.27
N GLY A 145 0.47 -36.23 -25.36
CA GLY A 145 0.64 -35.42 -26.54
C GLY A 145 1.89 -34.57 -26.55
N GLN A 146 2.51 -34.36 -25.41
CA GLN A 146 3.61 -33.39 -25.36
C GLN A 146 4.88 -33.92 -25.99
N VAL A 147 5.11 -35.23 -25.97
CA VAL A 147 6.27 -35.75 -26.69
C VAL A 147 6.18 -35.41 -28.17
N ASP A 148 5.01 -35.59 -28.78
CA ASP A 148 4.89 -35.29 -30.20
C ASP A 148 4.96 -33.80 -30.46
N LEU A 149 4.47 -32.99 -29.53
CA LEU A 149 4.67 -31.54 -29.65
C LEU A 149 6.14 -31.22 -29.65
N PHE A 150 6.92 -31.91 -28.81
CA PHE A 150 8.35 -31.70 -28.81
C PHE A 150 8.97 -32.07 -30.15
N ARG A 151 8.51 -33.15 -30.78
CA ARG A 151 9.12 -33.52 -32.05
C ARG A 151 8.88 -32.44 -33.10
N ASN A 152 7.82 -31.67 -32.96
CA ASN A 152 7.48 -30.62 -33.90
C ASN A 152 7.94 -29.24 -33.48
N ALA A 153 8.28 -29.04 -32.21
CA ALA A 153 8.63 -27.70 -31.78
C ALA A 153 10.00 -27.33 -32.31
N ARG A 154 10.20 -26.04 -32.54
CA ARG A 154 11.47 -25.53 -33.05
C ARG A 154 12.53 -25.51 -31.95
N ASN A 155 12.15 -25.07 -30.77
CA ASN A 155 13.05 -24.95 -29.63
C ASN A 155 12.32 -25.57 -28.45
N GLY A 156 12.98 -26.45 -27.72
CA GLY A 156 12.27 -27.12 -26.64
C GLY A 156 13.20 -27.96 -25.80
N VAL A 157 12.72 -28.25 -24.59
CA VAL A 157 13.33 -29.25 -23.72
C VAL A 157 12.25 -30.23 -23.30
N LEU A 158 12.55 -31.51 -23.35
CA LEU A 158 11.55 -32.53 -23.04
C LEU A 158 12.12 -33.40 -21.95
N ILE A 159 11.33 -33.68 -20.93
CA ILE A 159 11.66 -34.71 -19.96
C ILE A 159 10.67 -35.85 -20.11
N THR A 160 11.15 -37.05 -19.89
CA THR A 160 10.30 -38.22 -19.85
C THR A 160 10.79 -39.13 -18.74
N GLU A 161 9.94 -40.06 -18.39
CA GLU A 161 10.28 -41.09 -17.43
C GLU A 161 10.87 -42.30 -18.10
N GLY A 162 10.73 -42.40 -19.41
CA GLY A 162 11.27 -43.54 -20.14
C GLY A 162 11.79 -43.15 -21.50
N SER A 163 12.01 -44.15 -22.36
CA SER A 163 12.61 -43.94 -23.66
C SER A 163 11.71 -43.18 -24.62
N VAL A 164 12.33 -42.42 -25.51
CA VAL A 164 11.68 -41.75 -26.63
C VAL A 164 12.25 -42.33 -27.91
N LYS A 165 11.38 -42.77 -28.81
CA LYS A 165 11.83 -43.43 -30.01
C LYS A 165 12.71 -42.52 -30.85
N GLY A 166 13.91 -42.99 -31.18
CA GLY A 166 14.79 -42.27 -32.07
C GLY A 166 15.55 -41.12 -31.45
N LEU A 167 15.51 -40.97 -30.14
CA LEU A 167 16.24 -39.90 -29.48
C LEU A 167 17.13 -40.48 -28.40
N GLN A 168 18.38 -40.08 -28.38
CA GLN A 168 19.26 -40.46 -27.29
C GLN A 168 18.99 -39.58 -26.08
N PRO A 169 18.76 -40.16 -24.92
CA PRO A 169 18.49 -39.35 -23.73
C PRO A 169 19.76 -39.01 -22.98
N SER A 170 19.69 -37.92 -22.24
CA SER A 170 20.68 -37.59 -21.23
C SER A 170 20.02 -37.81 -19.88
N VAL A 171 20.61 -38.68 -19.06
CA VAL A 171 20.02 -39.01 -17.78
C VAL A 171 20.20 -37.86 -16.82
N GLY A 172 19.09 -37.37 -16.29
CA GLY A 172 19.10 -36.23 -15.41
C GLY A 172 19.43 -36.62 -13.99
N PRO A 173 19.32 -35.67 -13.07
CA PRO A 173 19.61 -35.97 -11.67
C PRO A 173 18.61 -36.96 -11.09
N LYS A 174 19.00 -37.54 -9.96
CA LYS A 174 18.13 -38.50 -9.29
C LYS A 174 16.97 -37.81 -8.58
N GLN A 175 17.15 -36.57 -8.15
CA GLN A 175 16.16 -35.88 -7.34
C GLN A 175 15.33 -34.94 -8.20
N ALA A 176 14.13 -34.63 -7.71
CA ALA A 176 13.29 -33.64 -8.35
C ALA A 176 12.49 -32.92 -7.27
N SER A 177 11.76 -31.91 -7.68
CA SER A 177 11.02 -31.08 -6.75
C SER A 177 9.56 -31.45 -6.80
N LEU A 178 8.99 -31.74 -5.63
CA LEU A 178 7.57 -32.05 -5.49
C LEU A 178 6.98 -31.11 -4.46
N ASN A 179 6.13 -30.18 -4.90
CA ASN A 179 5.53 -29.20 -4.02
C ASN A 179 6.60 -28.49 -3.17
N GLY A 180 7.73 -28.18 -3.80
CA GLY A 180 8.76 -27.48 -3.10
C GLY A 180 9.68 -28.37 -2.31
N VAL A 181 9.43 -29.67 -2.28
CA VAL A 181 10.26 -30.63 -1.57
C VAL A 181 11.16 -31.31 -2.57
N THR A 182 12.47 -31.13 -2.42
CA THR A 182 13.44 -31.80 -3.26
C THR A 182 13.70 -33.18 -2.68
N LEU A 183 13.55 -34.22 -3.50
CA LEU A 183 13.64 -35.56 -2.98
C LEU A 183 14.08 -36.52 -4.07
N ILE A 184 14.66 -37.63 -3.64
CA ILE A 184 14.89 -38.77 -4.53
C ILE A 184 13.68 -39.69 -4.38
N GLY A 185 12.91 -39.83 -5.46
CA GLY A 185 11.62 -40.48 -5.31
C GLY A 185 11.77 -41.97 -5.14
N GLU A 186 10.96 -42.53 -4.24
CA GLU A 186 10.84 -43.97 -4.08
C GLU A 186 9.48 -44.51 -4.47
N ALA A 187 8.41 -43.80 -4.12
CA ALA A 187 7.07 -44.13 -4.55
C ALA A 187 6.70 -43.45 -5.86
N VAL A 188 7.52 -42.51 -6.31
CA VAL A 188 7.28 -41.77 -7.53
C VAL A 188 8.62 -41.62 -8.21
N LYS A 189 8.62 -41.55 -9.54
CA LYS A 189 9.85 -41.42 -10.28
C LYS A 189 10.30 -39.97 -10.37
N THR A 190 11.54 -39.71 -9.99
CA THR A 190 12.11 -38.38 -10.06
C THR A 190 13.31 -38.34 -10.98
N GLN A 191 13.69 -39.46 -11.55
CA GLN A 191 14.86 -39.56 -12.42
C GLN A 191 14.35 -39.46 -13.85
N PHE A 192 14.71 -38.40 -14.54
CA PHE A 192 14.22 -38.17 -15.90
C PHE A 192 15.32 -38.32 -16.94
N ASN A 193 14.91 -38.72 -18.13
CA ASN A 193 15.71 -38.50 -19.31
C ASN A 193 15.48 -37.10 -19.83
N TYR A 194 16.54 -36.47 -20.34
CA TYR A 194 16.44 -35.12 -20.88
C TYR A 194 16.76 -35.12 -22.36
N TYR A 195 16.04 -34.28 -23.10
CA TYR A 195 16.26 -34.09 -24.53
C TYR A 195 16.10 -32.60 -24.82
N LYS A 196 16.82 -32.12 -25.82
CA LYS A 196 16.76 -30.70 -26.13
C LYS A 196 16.84 -30.50 -27.62
N LYS A 197 16.02 -29.57 -28.12
CA LYS A 197 16.03 -29.19 -29.52
C LYS A 197 16.30 -27.71 -29.66
N VAL A 198 17.12 -27.37 -30.62
CA VAL A 198 17.41 -25.99 -30.97
C VAL A 198 17.22 -25.86 -32.46
N ASP A 199 16.32 -24.98 -32.88
CA ASP A 199 16.00 -24.75 -34.28
C ASP A 199 15.68 -26.07 -34.98
N GLY A 200 14.84 -26.87 -34.35
CA GLY A 200 14.41 -28.10 -34.94
C GLY A 200 15.41 -29.23 -34.89
N VAL A 201 16.57 -29.03 -34.29
CA VAL A 201 17.63 -30.03 -34.29
C VAL A 201 17.82 -30.52 -32.86
N VAL A 202 17.75 -31.83 -32.66
CA VAL A 202 17.98 -32.41 -31.35
C VAL A 202 19.44 -32.24 -30.94
N GLN A 203 19.64 -31.76 -29.72
CA GLN A 203 20.98 -31.55 -29.19
C GLN A 203 21.45 -32.78 -28.42
N GLN A 204 22.74 -33.02 -28.46
CA GLN A 204 23.38 -33.93 -27.52
C GLN A 204 23.79 -33.16 -26.27
N LEU A 205 23.10 -33.42 -25.17
CA LEU A 205 23.42 -32.70 -23.96
C LEU A 205 24.76 -33.20 -23.44
N PRO A 206 25.56 -32.32 -22.83
CA PRO A 206 26.91 -32.72 -22.44
C PRO A 206 26.94 -33.63 -21.23
N GLU A 207 28.00 -34.42 -21.15
CA GLU A 207 28.33 -35.08 -19.89
C GLU A 207 28.38 -34.03 -18.79
N THR A 208 27.81 -34.35 -17.63
CA THR A 208 27.70 -33.36 -16.58
C THR A 208 27.69 -34.03 -15.22
N TYR A 209 28.28 -33.35 -14.26
CA TYR A 209 27.98 -33.65 -12.88
C TYR A 209 26.66 -32.99 -12.51
N PHE A 210 26.11 -33.40 -11.37
CA PHE A 210 24.90 -32.80 -10.82
C PHE A 210 25.13 -32.38 -9.38
N THR A 211 24.63 -31.22 -9.01
CA THR A 211 24.62 -30.87 -7.61
C THR A 211 23.57 -31.69 -6.88
N GLN A 212 23.72 -31.76 -5.56
CA GLN A 212 22.95 -32.69 -4.76
C GLN A 212 21.79 -32.03 -4.04
N SER A 213 21.75 -30.70 -3.98
CA SER A 213 20.59 -29.95 -3.51
C SER A 213 20.28 -30.21 -2.04
N ARG A 214 21.29 -30.46 -1.23
CA ARG A 214 21.04 -30.67 0.19
C ARG A 214 21.06 -29.33 0.91
N ASN A 215 20.67 -29.35 2.19
CA ASN A 215 20.70 -28.15 3.00
C ASN A 215 21.46 -28.38 4.29
N LEU A 216 21.81 -27.29 4.96
CA LEU A 216 22.71 -27.34 6.10
C LEU A 216 22.11 -28.12 7.25
N GLN A 217 20.90 -27.75 7.67
CA GLN A 217 20.37 -28.25 8.92
C GLN A 217 20.07 -29.74 8.85
N GLU A 218 19.64 -30.22 7.70
CA GLU A 218 19.28 -31.63 7.53
C GLU A 218 20.25 -32.34 6.60
N PHE A 219 21.52 -31.94 6.61
CA PHE A 219 22.46 -32.55 5.70
C PHE A 219 22.65 -34.02 6.04
N LYS A 220 22.50 -34.88 5.03
CA LYS A 220 22.66 -36.30 5.18
C LYS A 220 23.69 -36.81 4.19
N PRO A 221 24.71 -37.54 4.63
CA PRO A 221 25.69 -38.05 3.66
C PRO A 221 25.05 -39.04 2.71
N ARG A 222 25.56 -39.09 1.49
CA ARG A 222 25.02 -39.96 0.46
C ARG A 222 26.05 -40.91 -0.13
N SER A 223 27.22 -41.00 0.47
CA SER A 223 28.20 -41.99 0.04
C SER A 223 29.09 -42.30 1.24
N GLN A 224 29.86 -43.38 1.12
CA GLN A 224 30.79 -43.69 2.19
C GLN A 224 31.83 -42.60 2.37
N MET A 225 32.31 -42.03 1.26
CA MET A 225 33.28 -40.94 1.40
C MET A 225 32.67 -39.78 2.16
N GLU A 226 31.40 -39.48 1.93
CA GLU A 226 30.77 -38.39 2.66
C GLU A 226 30.57 -38.77 4.11
N ILE A 227 30.20 -40.03 4.34
CA ILE A 227 30.14 -40.56 5.70
C ILE A 227 31.50 -40.43 6.37
N ASP A 228 32.55 -40.80 5.65
CA ASP A 228 33.88 -40.68 6.23
C ASP A 228 34.19 -39.24 6.56
N PHE A 229 33.80 -38.31 5.68
CA PHE A 229 34.08 -36.91 5.95
C PHE A 229 33.42 -36.46 7.26
N LEU A 230 32.18 -36.87 7.49
CA LEU A 230 31.51 -36.46 8.70
C LEU A 230 32.04 -37.21 9.92
N GLU A 231 32.43 -38.47 9.75
CA GLU A 231 32.83 -39.26 10.91
C GLU A 231 34.28 -39.05 11.28
N LEU A 232 35.17 -38.97 10.30
CA LEU A 232 36.59 -38.94 10.61
C LEU A 232 37.04 -37.54 10.94
N ALA A 233 38.16 -37.47 11.66
CA ALA A 233 38.85 -36.21 11.84
C ALA A 233 39.43 -35.76 10.50
N MET A 234 39.79 -34.48 10.46
CA MET A 234 40.22 -33.87 9.21
C MET A 234 41.44 -34.56 8.63
N ASP A 235 42.48 -34.73 9.43
CA ASP A 235 43.71 -35.34 8.92
C ASP A 235 43.53 -36.81 8.57
N GLU A 236 42.72 -37.51 9.36
CA GLU A 236 42.40 -38.90 9.08
C GLU A 236 41.71 -39.08 7.74
N PHE A 237 40.74 -38.24 7.43
CA PHE A 237 40.00 -38.41 6.19
C PHE A 237 40.90 -38.16 4.99
N ILE A 238 41.65 -37.05 5.02
CA ILE A 238 42.52 -36.69 3.91
C ILE A 238 43.57 -37.77 3.71
N GLU A 239 44.01 -38.38 4.79
CA GLU A 239 44.97 -39.47 4.72
C GLU A 239 44.36 -40.71 4.10
N ARG A 240 43.14 -41.08 4.50
CA ARG A 240 42.56 -42.32 4.04
C ARG A 240 42.37 -42.32 2.53
N TYR A 241 41.92 -41.21 1.98
CA TYR A 241 41.67 -41.08 0.56
C TYR A 241 42.83 -40.41 -0.16
N LYS A 242 43.96 -40.26 0.52
CA LYS A 242 45.20 -39.76 -0.06
C LYS A 242 44.98 -38.43 -0.77
N LEU A 243 44.46 -37.47 -0.02
CA LEU A 243 44.08 -36.17 -0.55
C LEU A 243 45.05 -35.07 -0.10
N GLU A 244 46.19 -35.45 0.46
CA GLU A 244 47.21 -34.48 0.88
C GLU A 244 47.66 -33.61 -0.28
N GLY A 245 47.76 -32.30 -0.04
CA GLY A 245 48.20 -31.40 -1.08
C GLY A 245 47.10 -30.82 -1.94
N TYR A 246 45.86 -31.21 -1.71
CA TYR A 246 44.72 -30.67 -2.42
C TYR A 246 44.00 -29.60 -1.61
N ALA A 247 44.57 -29.19 -0.48
CA ALA A 247 44.06 -28.08 0.32
C ALA A 247 42.65 -28.30 0.82
N PHE A 248 42.28 -29.54 1.12
CA PHE A 248 40.96 -29.77 1.70
C PHE A 248 40.80 -29.08 3.04
N GLU A 249 41.89 -28.98 3.81
CA GLU A 249 41.85 -28.29 5.09
C GLU A 249 41.27 -26.90 4.95
N HIS A 250 41.64 -26.22 3.87
CA HIS A 250 41.17 -24.88 3.57
C HIS A 250 39.85 -24.91 2.82
N ILE A 251 39.83 -25.62 1.68
CA ILE A 251 38.73 -25.52 0.73
C ILE A 251 37.44 -26.09 1.32
N VAL A 252 37.52 -27.28 1.90
CA VAL A 252 36.33 -28.00 2.33
C VAL A 252 36.03 -27.80 3.81
N TYR A 253 37.04 -27.92 4.66
CA TYR A 253 36.79 -27.81 6.09
C TYR A 253 36.59 -26.36 6.53
N GLY A 254 37.21 -25.43 5.83
CA GLY A 254 37.15 -24.03 6.20
C GLY A 254 38.25 -23.64 7.17
N ASP A 255 38.68 -22.39 7.05
CA ASP A 255 39.72 -21.84 7.90
C ASP A 255 39.10 -20.68 8.67
N PHE A 256 38.92 -20.86 9.97
CA PHE A 256 38.26 -19.89 10.82
C PHE A 256 39.24 -19.17 11.74
N SER A 257 40.52 -19.11 11.37
CA SER A 257 41.54 -18.58 12.24
C SER A 257 41.76 -17.08 12.09
N HIS A 258 41.30 -16.49 10.99
CA HIS A 258 41.49 -15.07 10.73
C HIS A 258 40.16 -14.37 10.67
N SER A 259 40.23 -13.03 10.70
CA SER A 259 39.02 -12.23 10.68
C SER A 259 38.20 -12.51 9.42
N GLN A 260 38.87 -12.72 8.30
CA GLN A 260 38.20 -13.16 7.07
C GLN A 260 38.18 -14.68 7.03
N LEU A 261 36.98 -15.26 6.87
CA LEU A 261 36.85 -16.70 6.80
C LEU A 261 37.49 -17.25 5.53
N GLY A 262 38.38 -18.22 5.69
CA GLY A 262 39.06 -18.80 4.56
C GLY A 262 38.35 -20.03 4.03
N GLY A 263 38.18 -20.08 2.71
CA GLY A 263 37.64 -21.27 2.08
C GLY A 263 36.19 -21.56 2.46
N LEU A 264 35.93 -22.84 2.71
CA LEU A 264 34.61 -23.36 3.05
C LEU A 264 33.65 -23.20 1.87
N HIS A 265 33.88 -23.93 0.78
CA HIS A 265 33.12 -23.75 -0.46
C HIS A 265 32.24 -24.94 -0.85
N LEU A 266 32.25 -26.03 -0.11
CA LEU A 266 31.43 -27.20 -0.39
C LEU A 266 30.44 -27.37 0.74
N LEU A 267 29.18 -27.62 0.38
CA LEU A 267 28.14 -27.69 1.40
C LEU A 267 28.47 -28.71 2.47
N ILE A 268 29.01 -29.88 2.09
CA ILE A 268 29.34 -30.86 3.11
C ILE A 268 30.30 -30.28 4.13
N GLY A 269 31.17 -29.37 3.72
CA GLY A 269 32.10 -28.77 4.67
C GLY A 269 31.40 -27.82 5.62
N LEU A 270 30.43 -27.07 5.11
CA LEU A 270 29.58 -26.27 5.98
C LEU A 270 28.79 -27.14 6.93
N ALA A 271 28.27 -28.26 6.43
CA ALA A 271 27.50 -29.16 7.29
C ALA A 271 28.32 -29.67 8.46
N LYS A 272 29.57 -30.03 8.21
CA LYS A 272 30.38 -30.55 9.31
C LYS A 272 30.62 -29.48 10.35
N ARG A 273 30.96 -28.26 9.93
CA ARG A 273 31.15 -27.21 10.92
C ARG A 273 29.84 -26.91 11.63
N PHE A 274 28.74 -26.89 10.88
CA PHE A 274 27.48 -26.47 11.47
C PHE A 274 27.02 -27.46 12.53
N LYS A 275 27.25 -28.75 12.30
CA LYS A 275 26.83 -29.76 13.26
C LYS A 275 27.61 -29.65 14.56
N GLU A 276 28.79 -29.04 14.52
CA GLU A 276 29.57 -28.84 15.74
C GLU A 276 29.40 -27.45 16.31
N SER A 277 29.18 -26.46 15.45
CA SER A 277 29.24 -25.06 15.85
C SER A 277 28.39 -24.26 14.87
N PRO A 278 27.44 -23.47 15.35
CA PRO A 278 26.52 -22.78 14.45
C PRO A 278 27.15 -21.52 13.89
N PHE A 279 26.63 -21.11 12.74
CA PHE A 279 27.02 -19.86 12.10
C PHE A 279 25.86 -19.35 11.28
N GLU A 280 25.94 -18.10 10.87
CA GLU A 280 24.89 -17.43 10.13
C GLU A 280 25.26 -17.32 8.66
N LEU A 281 24.32 -17.64 7.79
CA LEU A 281 24.47 -17.51 6.35
C LEU A 281 23.40 -16.58 5.83
N GLU A 282 23.80 -15.39 5.38
CA GLU A 282 22.87 -14.45 4.76
C GLU A 282 22.84 -14.73 3.27
N ASP A 283 21.68 -15.18 2.78
CA ASP A 283 21.49 -15.56 1.39
C ASP A 283 21.04 -14.32 0.63
N PHE A 284 22.01 -13.51 0.19
CA PHE A 284 21.67 -12.16 -0.24
C PHE A 284 21.16 -12.10 -1.68
N ILE A 285 21.27 -13.18 -2.45
CA ILE A 285 20.55 -13.30 -3.72
C ILE A 285 19.68 -14.54 -3.65
N PRO A 286 18.46 -14.46 -3.12
CA PRO A 286 17.71 -15.68 -2.84
C PRO A 286 16.99 -16.27 -4.04
N MET A 287 17.69 -17.12 -4.78
CA MET A 287 17.10 -17.83 -5.90
C MET A 287 17.77 -19.19 -5.98
N ASP A 288 17.22 -20.05 -6.82
CA ASP A 288 17.82 -21.36 -7.06
C ASP A 288 18.94 -21.21 -8.09
N SER A 289 20.15 -21.61 -7.73
CA SER A 289 21.23 -21.65 -8.72
C SER A 289 22.27 -22.68 -8.31
N THR A 290 23.00 -23.16 -9.32
CA THR A 290 24.00 -24.20 -9.08
C THR A 290 25.05 -23.76 -8.07
N VAL A 291 25.56 -22.54 -8.20
CA VAL A 291 26.46 -21.97 -7.21
C VAL A 291 25.70 -20.95 -6.38
N LYS A 292 25.85 -21.03 -5.06
CA LYS A 292 25.23 -20.10 -4.14
C LYS A 292 26.27 -19.24 -3.45
N ASN A 293 25.94 -17.98 -3.23
CA ASN A 293 26.82 -17.02 -2.59
C ASN A 293 26.17 -16.60 -1.28
N TYR A 294 26.93 -16.68 -0.19
CA TYR A 294 26.42 -16.36 1.14
C TYR A 294 27.33 -15.37 1.82
N PHE A 295 26.72 -14.46 2.58
CA PHE A 295 27.44 -13.64 3.53
C PHE A 295 27.48 -14.42 4.83
N ILE A 296 28.63 -14.97 5.16
CA ILE A 296 28.76 -15.94 6.25
C ILE A 296 29.44 -15.27 7.43
N THR A 297 28.91 -15.51 8.63
CA THR A 297 29.51 -15.05 9.88
C THR A 297 29.65 -16.23 10.81
N ASP A 298 30.87 -16.56 11.20
CA ASP A 298 31.06 -17.68 12.11
C ASP A 298 30.85 -17.21 13.54
N ALA A 299 29.89 -17.83 14.22
CA ALA A 299 29.50 -17.36 15.55
C ALA A 299 30.58 -17.65 16.58
N GLN A 300 31.31 -18.75 16.42
CA GLN A 300 32.28 -19.14 17.43
C GLN A 300 33.51 -18.23 17.43
N THR A 301 34.00 -17.88 16.24
CA THR A 301 35.27 -17.18 16.14
C THR A 301 35.13 -15.71 15.77
N GLY A 302 34.03 -15.32 15.15
CA GLY A 302 33.92 -14.00 14.57
C GLY A 302 34.52 -13.89 13.20
N SER A 303 35.08 -14.97 12.67
CA SER A 303 35.52 -14.98 11.28
C SER A 303 34.33 -14.86 10.35
N SER A 304 34.46 -14.04 9.31
CA SER A 304 33.36 -13.78 8.41
C SER A 304 33.89 -13.52 7.01
N LYS A 305 33.00 -13.60 6.03
CA LYS A 305 33.34 -13.32 4.65
C LYS A 305 32.08 -12.89 3.91
N CYS A 306 32.19 -11.81 3.16
CA CYS A 306 31.03 -11.21 2.53
C CYS A 306 30.47 -12.07 1.41
N VAL A 307 31.33 -12.64 0.59
CA VAL A 307 30.92 -13.48 -0.54
C VAL A 307 31.65 -14.81 -0.41
N CYS A 308 30.96 -15.83 0.08
CA CYS A 308 31.48 -17.18 0.18
C CYS A 308 30.69 -18.04 -0.81
N SER A 309 31.32 -18.41 -1.92
CA SER A 309 30.65 -19.22 -2.91
C SER A 309 30.65 -20.68 -2.49
N VAL A 310 29.47 -21.30 -2.57
CA VAL A 310 29.21 -22.62 -2.01
C VAL A 310 28.54 -23.46 -3.08
N ILE A 311 29.05 -24.65 -3.31
CA ILE A 311 28.47 -25.59 -4.25
C ILE A 311 28.27 -26.91 -3.52
N ASP A 312 27.16 -27.58 -3.82
CA ASP A 312 26.87 -28.88 -3.23
C ASP A 312 27.11 -29.98 -4.24
N LEU A 313 28.36 -30.37 -4.39
CA LEU A 313 28.66 -31.59 -5.12
C LEU A 313 28.77 -32.75 -4.15
N LEU A 314 28.38 -33.93 -4.62
CA LEU A 314 28.73 -35.14 -3.90
C LEU A 314 30.24 -35.19 -3.73
N LEU A 315 30.68 -35.49 -2.51
CA LEU A 315 32.11 -35.39 -2.22
C LEU A 315 32.93 -36.25 -3.16
N ASP A 316 32.42 -37.44 -3.52
CA ASP A 316 33.15 -38.29 -4.45
C ASP A 316 33.35 -37.59 -5.78
N ASP A 317 32.35 -36.82 -6.20
CA ASP A 317 32.44 -36.11 -7.46
C ASP A 317 33.44 -34.96 -7.39
N PHE A 318 33.43 -34.22 -6.28
CA PHE A 318 34.37 -33.12 -6.11
C PHE A 318 35.81 -33.61 -6.08
N VAL A 319 36.06 -34.75 -5.45
CA VAL A 319 37.41 -35.30 -5.43
C VAL A 319 37.85 -35.67 -6.84
N GLU A 320 36.94 -36.29 -7.61
CA GLU A 320 37.27 -36.61 -8.99
C GLU A 320 37.65 -35.36 -9.75
N ILE A 321 36.87 -34.29 -9.57
CA ILE A 321 37.13 -33.05 -10.30
C ILE A 321 38.50 -32.49 -9.93
N ILE A 322 38.76 -32.35 -8.62
CA ILE A 322 40.00 -31.69 -8.21
C ILE A 322 41.21 -32.57 -8.51
N LYS A 323 41.06 -33.90 -8.46
CA LYS A 323 42.18 -34.74 -8.84
C LYS A 323 42.40 -34.79 -10.34
N SER A 324 41.57 -34.12 -11.13
CA SER A 324 41.74 -34.16 -12.57
C SER A 324 42.28 -32.85 -13.08
N GLN A 325 42.83 -32.03 -12.19
CA GLN A 325 43.39 -30.74 -12.53
C GLN A 325 44.90 -30.79 -12.44
N ASP A 326 45.54 -30.02 -13.29
CA ASP A 326 46.97 -29.77 -13.19
C ASP A 326 47.25 -28.73 -12.12
N LEU A 327 48.24 -28.98 -11.26
CA LEU A 327 48.44 -28.11 -10.11
C LEU A 327 49.72 -27.31 -10.26
N SER A 328 50.19 -27.14 -11.49
CA SER A 328 51.51 -26.61 -11.78
C SER A 328 51.51 -25.11 -12.02
N VAL A 329 50.37 -24.44 -11.88
CA VAL A 329 50.26 -23.04 -12.26
C VAL A 329 49.68 -22.27 -11.09
N VAL A 330 50.13 -21.01 -10.97
CA VAL A 330 49.74 -20.19 -9.83
C VAL A 330 48.24 -20.03 -9.76
N SER A 331 47.61 -19.64 -10.86
CA SER A 331 46.18 -19.41 -10.83
C SER A 331 45.60 -19.64 -12.21
N LYS A 332 44.40 -20.18 -12.27
CA LYS A 332 43.72 -20.35 -13.54
C LYS A 332 42.25 -20.63 -13.29
N VAL A 333 41.48 -20.51 -14.35
CA VAL A 333 40.05 -20.81 -14.33
C VAL A 333 39.85 -22.24 -14.79
N VAL A 334 39.11 -23.01 -14.02
CA VAL A 334 38.79 -24.38 -14.37
C VAL A 334 37.31 -24.46 -14.69
N LYS A 335 37.00 -25.07 -15.84
CA LYS A 335 35.64 -25.22 -16.32
C LYS A 335 35.19 -26.65 -16.02
N VAL A 336 34.03 -26.76 -15.39
CA VAL A 336 33.44 -28.04 -15.01
C VAL A 336 31.99 -27.99 -15.44
N THR A 337 31.57 -28.94 -16.27
CA THR A 337 30.18 -28.98 -16.66
C THR A 337 29.38 -29.58 -15.51
N ILE A 338 28.44 -28.79 -15.00
CA ILE A 338 27.62 -29.16 -13.86
C ILE A 338 26.19 -28.70 -14.13
N ASP A 339 25.21 -29.57 -13.87
CA ASP A 339 23.82 -29.25 -14.16
C ASP A 339 23.64 -28.74 -15.58
N TYR A 340 24.40 -29.31 -16.50
CA TYR A 340 24.36 -29.02 -17.93
C TYR A 340 24.97 -27.67 -18.27
N THR A 341 25.48 -26.95 -17.29
CA THR A 341 26.14 -25.68 -17.54
C THR A 341 27.61 -25.78 -17.15
N GLU A 342 28.43 -24.92 -17.75
CA GLU A 342 29.84 -24.86 -17.45
C GLU A 342 30.05 -23.95 -16.25
N ILE A 343 30.47 -24.53 -15.13
CA ILE A 343 30.78 -23.76 -13.94
C ILE A 343 32.26 -23.45 -13.94
N SER A 344 32.60 -22.18 -13.72
CA SER A 344 33.97 -21.74 -13.62
C SER A 344 34.45 -21.82 -12.18
N PHE A 345 35.58 -22.51 -11.98
CA PHE A 345 36.26 -22.57 -10.70
C PHE A 345 37.57 -21.80 -10.77
N MET A 346 37.93 -21.15 -9.67
CA MET A 346 39.24 -20.53 -9.55
C MET A 346 40.17 -21.54 -8.89
N LEU A 347 41.28 -21.84 -9.55
CA LEU A 347 42.27 -22.76 -9.01
C LEU A 347 43.55 -22.01 -8.72
N TRP A 348 43.96 -21.99 -7.46
CA TRP A 348 45.20 -21.38 -7.05
C TRP A 348 46.15 -22.44 -6.52
N CYS A 349 47.38 -22.44 -7.00
CA CYS A 349 48.34 -23.45 -6.60
C CYS A 349 49.65 -22.78 -6.24
N LYS A 350 50.42 -23.47 -5.41
CA LYS A 350 51.76 -23.01 -5.05
C LYS A 350 52.64 -24.22 -4.84
N ASP A 351 53.77 -24.25 -5.53
CA ASP A 351 54.75 -25.33 -5.41
C ASP A 351 54.11 -26.70 -5.60
N GLY A 352 53.19 -26.79 -6.56
CA GLY A 352 52.58 -28.05 -6.91
C GLY A 352 51.45 -28.50 -6.01
N HIS A 353 51.05 -27.69 -5.03
CA HIS A 353 49.92 -28.00 -4.18
C HIS A 353 48.83 -26.97 -4.39
N VAL A 354 47.59 -27.36 -4.11
CA VAL A 354 46.49 -26.42 -4.14
C VAL A 354 46.64 -25.43 -3.00
N GLU A 355 46.39 -24.15 -3.28
CA GLU A 355 46.18 -23.17 -2.24
C GLU A 355 44.71 -22.93 -1.97
N THR A 356 43.92 -22.66 -3.00
CA THR A 356 42.49 -22.71 -2.85
C THR A 356 41.86 -23.05 -4.20
N PHE A 357 40.58 -23.35 -4.15
CA PHE A 357 39.87 -23.80 -5.35
C PHE A 357 38.40 -23.54 -5.06
N TYR A 358 37.82 -22.54 -5.70
CA TYR A 358 36.45 -22.21 -5.35
C TYR A 358 35.68 -21.85 -6.60
N PRO A 359 34.38 -22.13 -6.61
CA PRO A 359 33.56 -21.73 -7.76
C PRO A 359 33.27 -20.25 -7.71
N LYS A 360 33.08 -19.68 -8.89
CA LYS A 360 32.79 -18.25 -8.97
C LYS A 360 31.31 -18.01 -9.23
N MET B 16 -11.04 6.98 25.52
CA MET B 16 -10.35 6.07 24.63
C MET B 16 -9.60 6.81 23.53
N SER B 17 -8.47 6.27 23.11
CA SER B 17 -7.57 6.96 22.19
C SER B 17 -6.51 5.99 21.73
N LEU B 18 -6.13 6.09 20.46
CA LEU B 18 -5.03 5.29 19.93
C LEU B 18 -3.77 5.42 20.78
N GLU B 19 -3.37 6.64 21.08
CA GLU B 19 -2.13 6.86 21.84
C GLU B 19 -2.21 6.32 23.25
N ASN B 20 -3.39 6.30 23.86
CA ASN B 20 -3.51 5.70 25.17
C ASN B 20 -3.40 4.19 25.09
N VAL B 21 -3.97 3.58 24.05
CA VAL B 21 -3.79 2.15 23.84
C VAL B 21 -2.33 1.81 23.71
N ALA B 22 -1.59 2.59 22.92
CA ALA B 22 -0.16 2.33 22.76
C ALA B 22 0.56 2.49 24.08
N PHE B 23 0.17 3.48 24.89
CA PHE B 23 0.81 3.64 26.18
C PHE B 23 0.64 2.40 27.03
N ASN B 24 -0.57 1.83 27.05
CA ASN B 24 -0.80 0.62 27.83
C ASN B 24 0.01 -0.55 27.30
N VAL B 25 0.06 -0.69 25.98
CA VAL B 25 0.83 -1.79 25.39
C VAL B 25 2.29 -1.68 25.82
N VAL B 26 2.84 -0.48 25.73
CA VAL B 26 4.25 -0.28 26.05
C VAL B 26 4.51 -0.53 27.54
N ASN B 27 3.57 -0.15 28.39
CA ASN B 27 3.83 -0.17 29.82
C ASN B 27 3.23 -1.39 30.52
N LYS B 28 2.21 -2.01 29.95
CA LYS B 28 1.51 -3.09 30.63
C LYS B 28 1.43 -4.36 29.82
N GLY B 29 1.88 -4.37 28.56
CA GLY B 29 1.83 -5.54 27.74
C GLY B 29 0.53 -5.75 27.00
N HIS B 30 -0.49 -4.97 27.30
CA HIS B 30 -1.82 -5.09 26.73
C HIS B 30 -2.62 -3.90 27.25
N PHE B 31 -3.87 -3.80 26.85
CA PHE B 31 -4.69 -2.70 27.34
C PHE B 31 -5.10 -2.98 28.76
N ASP B 32 -4.76 -2.08 29.67
CA ASP B 32 -5.01 -2.25 31.08
C ASP B 32 -5.75 -1.07 31.68
N GLY B 33 -6.31 -0.19 30.86
CA GLY B 33 -7.05 0.92 31.40
C GLY B 33 -6.23 1.99 32.08
N GLN B 34 -4.94 2.07 31.82
CA GLN B 34 -4.11 3.07 32.46
C GLN B 34 -4.17 4.38 31.68
N GLN B 35 -4.03 5.48 32.40
CA GLN B 35 -4.00 6.79 31.75
C GLN B 35 -2.60 7.05 31.22
N GLY B 36 -2.52 7.67 30.06
CA GLY B 36 -1.25 8.05 29.49
C GLY B 36 -1.31 8.02 27.98
N GLU B 37 -0.27 8.57 27.37
CA GLU B 37 -0.16 8.55 25.91
C GLU B 37 1.31 8.44 25.54
N VAL B 38 1.56 7.81 24.39
CA VAL B 38 2.88 7.82 23.78
C VAL B 38 2.73 8.19 22.31
N PRO B 39 3.79 8.68 21.68
CA PRO B 39 3.70 9.04 20.27
C PRO B 39 3.64 7.80 19.41
N VAL B 40 2.77 7.83 18.41
CA VAL B 40 2.50 6.67 17.57
C VAL B 40 2.65 7.08 16.12
N SER B 41 3.23 6.21 15.32
CA SER B 41 3.27 6.37 13.89
C SER B 41 2.58 5.18 13.23
N ILE B 42 1.77 5.44 12.22
CA ILE B 42 1.20 4.37 11.41
C ILE B 42 1.73 4.53 10.01
N ILE B 43 2.40 3.48 9.52
CA ILE B 43 2.92 3.48 8.17
C ILE B 43 2.65 2.12 7.54
N ASN B 44 1.99 2.13 6.39
CA ASN B 44 1.37 0.96 5.79
C ASN B 44 0.45 0.27 6.78
N ASN B 45 0.79 -0.95 7.14
CA ASN B 45 -0.07 -1.80 7.97
C ASN B 45 0.60 -2.10 9.29
N THR B 46 1.48 -1.22 9.74
CA THR B 46 2.24 -1.45 10.96
C THR B 46 2.11 -0.24 11.86
N VAL B 47 2.04 -0.48 13.15
CA VAL B 47 1.98 0.60 14.14
C VAL B 47 3.33 0.70 14.82
N TYR B 48 3.89 1.90 14.87
CA TYR B 48 5.14 2.14 15.54
C TYR B 48 4.95 3.15 16.66
N THR B 49 5.82 3.08 17.64
CA THR B 49 5.95 4.12 18.64
C THR B 49 7.39 4.53 18.77
N LYS B 50 7.61 5.78 19.16
CA LYS B 50 8.96 6.30 19.25
C LYS B 50 9.42 6.01 20.66
N VAL B 51 10.51 5.27 20.79
CA VAL B 51 11.08 4.92 22.08
C VAL B 51 12.51 5.40 22.11
N ASP B 52 12.76 6.43 22.92
CA ASP B 52 14.09 6.99 23.09
C ASP B 52 14.72 7.33 21.74
N GLY B 53 13.95 8.04 20.93
CA GLY B 53 14.44 8.58 19.68
C GLY B 53 14.37 7.67 18.48
N VAL B 54 13.98 6.41 18.65
CA VAL B 54 13.84 5.51 17.52
C VAL B 54 12.47 4.87 17.52
N ASP B 55 12.05 4.43 16.35
CA ASP B 55 10.74 3.84 16.17
C ASP B 55 10.81 2.35 16.42
N VAL B 56 9.86 1.85 17.21
CA VAL B 56 9.77 0.44 17.54
C VAL B 56 8.41 -0.07 17.09
N GLU B 57 8.41 -1.17 16.35
CA GLU B 57 7.16 -1.73 15.87
C GLU B 57 6.39 -2.33 17.03
N LEU B 58 5.13 -1.96 17.17
CA LEU B 58 4.28 -2.53 18.21
C LEU B 58 3.30 -3.55 17.69
N PHE B 59 2.89 -3.46 16.43
CA PHE B 59 1.82 -4.31 15.94
C PHE B 59 1.82 -4.27 14.42
N GLU B 60 1.76 -5.43 13.80
CA GLU B 60 1.61 -5.55 12.36
C GLU B 60 0.25 -6.15 12.08
N ASN B 61 -0.57 -5.44 11.32
CA ASN B 61 -1.93 -5.88 11.08
C ASN B 61 -1.93 -7.00 10.05
N LYS B 62 -2.38 -8.17 10.46
CA LYS B 62 -2.57 -9.30 9.56
C LYS B 62 -4.04 -9.56 9.32
N THR B 63 -4.92 -8.73 9.88
CA THR B 63 -6.35 -8.85 9.74
C THR B 63 -6.82 -8.04 8.54
N THR B 64 -8.11 -8.14 8.24
CA THR B 64 -8.75 -7.32 7.23
C THR B 64 -9.39 -6.07 7.80
N LEU B 65 -9.16 -5.76 9.05
CA LEU B 65 -9.63 -4.53 9.64
C LEU B 65 -8.64 -3.39 9.43
N PRO B 66 -9.08 -2.15 9.59
CA PRO B 66 -8.13 -1.03 9.56
C PRO B 66 -7.08 -1.17 10.63
N VAL B 67 -5.85 -0.76 10.29
CA VAL B 67 -4.72 -1.00 11.18
C VAL B 67 -4.97 -0.44 12.57
N ASN B 68 -5.53 0.76 12.67
CA ASN B 68 -5.70 1.31 14.01
C ASN B 68 -6.81 0.60 14.75
N VAL B 69 -7.77 0.02 14.03
CA VAL B 69 -8.84 -0.73 14.67
C VAL B 69 -8.35 -2.09 15.13
N ALA B 70 -7.65 -2.80 14.25
CA ALA B 70 -7.09 -4.09 14.65
C ALA B 70 -6.16 -3.93 15.84
N PHE B 71 -5.38 -2.87 15.87
CA PHE B 71 -4.48 -2.64 17.00
C PHE B 71 -5.26 -2.53 18.30
N GLU B 72 -6.37 -1.80 18.30
CA GLU B 72 -7.12 -1.65 19.53
C GLU B 72 -7.75 -2.95 19.96
N LEU B 73 -8.31 -3.72 19.03
CA LEU B 73 -8.89 -5.01 19.38
C LEU B 73 -7.81 -5.97 19.88
N TRP B 74 -6.66 -5.99 19.22
CA TRP B 74 -5.55 -6.82 19.67
C TRP B 74 -5.11 -6.46 21.09
N ALA B 75 -4.95 -5.16 21.36
CA ALA B 75 -4.50 -4.77 22.68
C ALA B 75 -5.50 -5.13 23.76
N LYS B 76 -6.77 -5.21 23.42
CA LYS B 76 -7.81 -5.51 24.38
C LYS B 76 -8.19 -6.98 24.40
N ARG B 77 -7.38 -7.85 23.81
CA ARG B 77 -7.71 -9.27 23.77
C ARG B 77 -7.80 -9.83 25.19
N ASN B 78 -8.61 -10.86 25.34
CA ASN B 78 -8.72 -11.55 26.63
C ASN B 78 -7.45 -12.33 26.93
N ILE B 79 -6.85 -12.10 28.09
CA ILE B 79 -5.60 -12.75 28.47
C ILE B 79 -5.78 -13.73 29.62
N LYS B 80 -6.99 -14.18 29.88
CA LYS B 80 -7.23 -15.30 30.76
C LYS B 80 -7.48 -16.54 29.95
N PRO B 81 -7.47 -17.72 30.54
CA PRO B 81 -7.84 -18.92 29.78
C PRO B 81 -9.26 -18.80 29.27
N VAL B 82 -9.43 -19.08 27.99
CA VAL B 82 -10.74 -19.02 27.36
C VAL B 82 -10.93 -20.27 26.51
N PRO B 83 -12.16 -20.63 26.21
CA PRO B 83 -12.39 -21.77 25.32
C PRO B 83 -11.67 -21.58 24.01
N GLU B 84 -11.15 -22.68 23.46
CA GLU B 84 -10.58 -22.61 22.14
C GLU B 84 -11.65 -22.18 21.15
N VAL B 85 -11.21 -21.47 20.12
CA VAL B 85 -12.15 -20.88 19.16
C VAL B 85 -13.00 -21.95 18.50
N LYS B 86 -12.44 -23.13 18.25
CA LYS B 86 -13.22 -24.17 17.61
C LYS B 86 -14.43 -24.55 18.46
N ILE B 87 -14.31 -24.52 19.78
CA ILE B 87 -15.46 -24.83 20.62
C ILE B 87 -16.52 -23.75 20.47
N LEU B 88 -16.12 -22.48 20.55
CA LEU B 88 -17.09 -21.39 20.41
C LEU B 88 -17.77 -21.43 19.05
N ASN B 89 -17.01 -21.64 17.99
CA ASN B 89 -17.64 -21.73 16.67
C ASN B 89 -18.66 -22.85 16.65
N ASN B 90 -18.29 -24.02 17.16
CA ASN B 90 -19.19 -25.16 17.15
C ASN B 90 -20.44 -24.89 17.97
N LEU B 91 -20.32 -24.07 19.00
CA LEU B 91 -21.49 -23.74 19.80
C LEU B 91 -22.30 -22.59 19.23
N GLY B 92 -21.92 -22.08 18.07
CA GLY B 92 -22.69 -21.03 17.45
C GLY B 92 -22.52 -19.67 18.06
N VAL B 93 -21.42 -19.41 18.77
CA VAL B 93 -21.21 -18.10 19.36
C VAL B 93 -21.00 -17.08 18.25
N ASP B 94 -21.73 -15.97 18.32
CA ASP B 94 -21.61 -14.90 17.34
C ASP B 94 -20.74 -13.74 17.78
N ILE B 95 -20.64 -13.49 19.09
CA ILE B 95 -20.07 -12.25 19.59
C ILE B 95 -19.80 -12.44 21.07
N ALA B 96 -18.89 -11.66 21.62
CA ALA B 96 -18.53 -11.79 23.02
C ALA B 96 -18.98 -10.57 23.81
N ALA B 97 -19.41 -10.81 25.05
CA ALA B 97 -19.84 -9.75 25.94
C ALA B 97 -18.64 -9.09 26.59
N ASN B 98 -18.29 -7.89 26.14
CA ASN B 98 -17.35 -7.01 26.83
C ASN B 98 -15.95 -7.60 26.88
N THR B 99 -15.56 -8.30 25.82
CA THR B 99 -14.21 -8.82 25.70
C THR B 99 -13.93 -9.08 24.23
N VAL B 100 -12.67 -9.33 23.92
CA VAL B 100 -12.26 -9.76 22.60
C VAL B 100 -11.63 -11.14 22.71
N ILE B 101 -12.19 -12.11 22.00
CA ILE B 101 -11.55 -13.41 21.85
C ILE B 101 -10.63 -13.31 20.65
N TRP B 102 -9.33 -13.27 20.90
CA TRP B 102 -8.38 -13.20 19.80
C TRP B 102 -8.14 -14.59 19.24
N ASP B 103 -8.27 -14.75 17.92
CA ASP B 103 -8.10 -16.05 17.28
C ASP B 103 -6.66 -16.13 16.81
N TYR B 104 -5.82 -16.83 17.58
CA TYR B 104 -4.40 -16.85 17.28
C TYR B 104 -4.04 -17.69 16.06
N LYS B 105 -4.90 -18.62 15.66
CA LYS B 105 -4.63 -19.36 14.42
C LYS B 105 -4.77 -18.48 13.19
N ARG B 106 -5.69 -17.53 13.23
CA ARG B 106 -5.91 -16.62 12.14
C ARG B 106 -5.23 -15.28 12.35
N ASP B 107 -4.67 -15.07 13.54
CA ASP B 107 -4.10 -13.79 13.94
C ASP B 107 -5.09 -12.65 13.73
N ALA B 108 -6.30 -12.84 14.21
CA ALA B 108 -7.39 -11.92 13.97
C ALA B 108 -8.44 -12.15 15.04
N PRO B 109 -9.35 -11.22 15.26
CA PRO B 109 -10.43 -11.47 16.21
C PRO B 109 -11.26 -12.66 15.78
N ALA B 110 -11.68 -13.45 16.76
CA ALA B 110 -12.54 -14.59 16.46
C ALA B 110 -13.91 -14.16 16.00
N HIS B 111 -14.35 -12.95 16.37
CA HIS B 111 -15.69 -12.50 16.04
C HIS B 111 -15.60 -11.15 15.37
N ILE B 112 -16.52 -10.93 14.42
CA ILE B 112 -16.45 -9.74 13.59
C ILE B 112 -16.83 -8.49 14.36
N SER B 113 -17.77 -8.59 15.30
CA SER B 113 -18.29 -7.44 16.02
C SER B 113 -17.97 -7.57 17.49
N THR B 114 -18.20 -6.49 18.23
CA THR B 114 -17.91 -6.46 19.65
C THR B 114 -19.08 -5.83 20.37
N ILE B 115 -19.09 -5.98 21.68
CA ILE B 115 -20.06 -5.34 22.55
C ILE B 115 -19.29 -4.58 23.61
N GLY B 116 -19.35 -3.26 23.55
CA GLY B 116 -18.72 -2.50 24.61
C GLY B 116 -17.22 -2.57 24.64
N VAL B 117 -16.56 -2.70 23.49
CA VAL B 117 -15.11 -2.82 23.41
C VAL B 117 -14.49 -1.64 22.70
N CYS B 118 -15.03 -1.28 21.54
CA CYS B 118 -14.30 -0.41 20.62
C CYS B 118 -15.34 0.33 19.79
N SER B 119 -15.16 1.65 19.65
CA SER B 119 -16.21 2.47 19.06
C SER B 119 -16.39 2.16 17.59
N MET B 120 -15.33 1.78 16.89
CA MET B 120 -15.49 1.48 15.48
C MET B 120 -16.22 0.16 15.25
N THR B 121 -16.06 -0.79 16.16
CA THR B 121 -16.62 -2.12 15.98
C THR B 121 -17.79 -2.44 16.89
N ASP B 122 -18.06 -1.63 17.90
CA ASP B 122 -19.16 -1.94 18.81
C ASP B 122 -20.48 -1.94 18.05
N ILE B 123 -21.31 -2.95 18.31
CA ILE B 123 -22.71 -2.86 17.92
C ILE B 123 -23.60 -2.50 19.09
N ALA B 124 -23.06 -2.48 20.30
CA ALA B 124 -23.82 -2.16 21.49
C ALA B 124 -22.81 -1.93 22.60
N LYS B 125 -23.22 -1.23 23.65
CA LYS B 125 -22.33 -1.12 24.80
C LYS B 125 -22.58 -2.22 25.80
N LYS B 126 -23.80 -2.72 25.88
CA LYS B 126 -24.13 -3.80 26.78
C LYS B 126 -24.90 -4.86 26.02
N PRO B 127 -24.75 -6.13 26.40
CA PRO B 127 -25.45 -7.21 25.69
C PRO B 127 -26.95 -7.25 25.92
N THR B 128 -27.49 -6.41 26.79
CA THR B 128 -28.93 -6.36 26.99
C THR B 128 -29.68 -5.56 25.94
N GLU B 129 -28.99 -4.86 25.06
CA GLU B 129 -29.67 -4.09 24.03
C GLU B 129 -30.31 -5.01 23.00
N THR B 130 -31.34 -4.50 22.35
CA THR B 130 -32.17 -5.33 21.49
C THR B 130 -31.39 -5.86 20.29
N ILE B 131 -30.41 -5.11 19.82
CA ILE B 131 -29.63 -5.56 18.67
C ILE B 131 -28.86 -6.83 18.98
N CYS B 132 -28.59 -7.09 20.25
CA CYS B 132 -27.86 -8.29 20.64
C CYS B 132 -28.76 -9.49 20.82
N ALA B 133 -30.06 -9.27 20.99
CA ALA B 133 -31.00 -10.35 21.27
C ALA B 133 -30.94 -11.50 20.28
N PRO B 134 -30.96 -11.29 18.96
CA PRO B 134 -30.91 -12.45 18.05
C PRO B 134 -29.55 -13.10 17.96
N LEU B 135 -28.47 -12.48 18.43
CA LEU B 135 -27.16 -13.09 18.32
C LEU B 135 -26.91 -14.03 19.47
N THR B 136 -26.15 -15.09 19.21
CA THR B 136 -25.74 -15.98 20.29
C THR B 136 -24.50 -15.37 20.92
N VAL B 137 -24.69 -14.76 22.08
CA VAL B 137 -23.63 -14.00 22.74
C VAL B 137 -22.92 -14.91 23.72
N PHE B 138 -21.60 -14.85 23.72
CA PHE B 138 -20.79 -15.60 24.67
C PHE B 138 -20.63 -14.82 25.96
N PHE B 139 -21.06 -15.40 27.07
CA PHE B 139 -20.93 -14.80 28.39
C PHE B 139 -19.94 -15.62 29.21
N ASP B 140 -19.17 -14.92 30.05
CA ASP B 140 -18.09 -15.53 30.81
C ASP B 140 -18.40 -15.36 32.28
N GLY B 141 -18.82 -16.46 32.92
CA GLY B 141 -19.20 -16.43 34.31
C GLY B 141 -18.11 -16.01 35.28
N ARG B 142 -16.86 -15.97 34.84
CA ARG B 142 -15.79 -15.47 35.71
C ARG B 142 -15.86 -13.96 35.89
N VAL B 143 -16.53 -13.26 35.00
CA VAL B 143 -16.68 -11.82 35.09
C VAL B 143 -17.96 -11.54 35.86
N ASP B 144 -17.89 -10.61 36.82
CA ASP B 144 -19.04 -10.30 37.65
C ASP B 144 -20.24 -9.88 36.83
N GLY B 145 -21.41 -10.41 37.20
CA GLY B 145 -22.65 -10.02 36.60
C GLY B 145 -23.04 -10.80 35.36
N GLN B 146 -22.10 -11.49 34.74
CA GLN B 146 -22.39 -12.09 33.45
C GLN B 146 -23.26 -13.33 33.57
N VAL B 147 -23.19 -14.06 34.67
CA VAL B 147 -24.10 -15.17 34.85
C VAL B 147 -25.55 -14.69 34.82
N ASP B 148 -25.84 -13.60 35.52
CA ASP B 148 -27.21 -13.11 35.54
C ASP B 148 -27.62 -12.53 34.20
N LEU B 149 -26.67 -11.94 33.48
CA LEU B 149 -26.95 -11.52 32.11
C LEU B 149 -27.33 -12.72 31.27
N PHE B 150 -26.64 -13.85 31.47
CA PHE B 150 -27.00 -15.05 30.74
C PHE B 150 -28.40 -15.51 31.08
N ARG B 151 -28.82 -15.42 32.35
CA ARG B 151 -30.17 -15.86 32.68
C ARG B 151 -31.21 -15.04 31.96
N ASN B 152 -30.89 -13.79 31.63
CA ASN B 152 -31.82 -12.89 30.96
C ASN B 152 -31.63 -12.85 29.46
N ALA B 153 -30.50 -13.30 28.93
CA ALA B 153 -30.29 -13.15 27.50
C ALA B 153 -31.16 -14.15 26.75
N ARG B 154 -31.54 -13.76 25.54
CA ARG B 154 -32.37 -14.61 24.70
C ARG B 154 -31.57 -15.75 24.09
N ASN B 155 -30.37 -15.46 23.63
CA ASN B 155 -29.49 -16.43 22.99
C ASN B 155 -28.12 -16.23 23.61
N GLY B 156 -27.49 -17.31 24.05
CA GLY B 156 -26.23 -17.14 24.74
C GLY B 156 -25.55 -18.46 25.01
N VAL B 157 -24.25 -18.37 25.26
CA VAL B 157 -23.46 -19.47 25.78
C VAL B 157 -22.71 -18.97 27.00
N LEU B 158 -22.72 -19.74 28.07
CA LEU B 158 -22.10 -19.31 29.31
C LEU B 158 -21.10 -20.37 29.73
N ILE B 159 -19.90 -19.95 30.09
CA ILE B 159 -18.94 -20.84 30.74
C ILE B 159 -18.76 -20.37 32.17
N THR B 160 -18.56 -21.33 33.06
CA THR B 160 -18.21 -21.04 34.43
C THR B 160 -17.18 -22.04 34.89
N GLU B 161 -16.55 -21.71 35.99
CA GLU B 161 -15.62 -22.60 36.64
C GLU B 161 -16.30 -23.51 37.64
N GLY B 162 -17.53 -23.18 38.02
CA GLY B 162 -18.27 -23.98 38.98
C GLY B 162 -19.75 -24.04 38.67
N SER B 163 -20.53 -24.47 39.65
CA SER B 163 -21.95 -24.70 39.45
C SER B 163 -22.73 -23.40 39.26
N VAL B 164 -23.81 -23.51 38.48
CA VAL B 164 -24.79 -22.44 38.32
C VAL B 164 -26.12 -22.95 38.84
N LYS B 165 -26.74 -22.18 39.73
CA LYS B 165 -27.97 -22.63 40.38
C LYS B 165 -29.06 -22.90 39.37
N GLY B 166 -29.61 -24.10 39.41
CA GLY B 166 -30.75 -24.44 38.58
C GLY B 166 -30.43 -24.79 37.14
N LEU B 167 -29.16 -24.93 36.79
CA LEU B 167 -28.79 -25.28 35.42
C LEU B 167 -27.90 -26.50 35.44
N GLN B 168 -28.23 -27.48 34.61
CA GLN B 168 -27.34 -28.62 34.45
C GLN B 168 -26.18 -28.25 33.54
N PRO B 169 -24.95 -28.48 33.95
CA PRO B 169 -23.81 -28.13 33.11
C PRO B 169 -23.42 -29.28 32.19
N SER B 170 -22.78 -28.92 31.10
CA SER B 170 -22.06 -29.87 30.26
C SER B 170 -20.58 -29.61 30.48
N VAL B 171 -19.85 -30.63 30.91
CA VAL B 171 -18.44 -30.47 31.21
C VAL B 171 -17.65 -30.35 29.91
N GLY B 172 -16.92 -29.25 29.79
CA GLY B 172 -16.18 -28.97 28.59
C GLY B 172 -14.85 -29.68 28.59
N PRO B 173 -14.01 -29.38 27.60
CA PRO B 173 -12.69 -30.01 27.52
C PRO B 173 -11.81 -29.61 28.70
N LYS B 174 -10.76 -30.39 28.88
CA LYS B 174 -9.82 -30.12 29.96
C LYS B 174 -8.92 -28.93 29.64
N GLN B 175 -8.65 -28.69 28.38
CA GLN B 175 -7.70 -27.67 27.97
C GLN B 175 -8.42 -26.39 27.57
N ALA B 176 -7.69 -25.28 27.63
CA ALA B 176 -8.19 -24.00 27.16
C ALA B 176 -7.02 -23.21 26.62
N SER B 177 -7.34 -22.07 26.03
CA SER B 177 -6.33 -21.25 25.38
C SER B 177 -6.00 -20.07 26.27
N LEU B 178 -4.71 -19.88 26.55
CA LEU B 178 -4.20 -18.76 27.33
C LEU B 178 -3.16 -18.04 26.51
N ASN B 179 -3.47 -16.84 26.05
CA ASN B 179 -2.55 -16.07 25.22
C ASN B 179 -2.05 -16.89 24.04
N GLY B 180 -2.95 -17.66 23.45
CA GLY B 180 -2.58 -18.45 22.31
C GLY B 180 -1.95 -19.78 22.64
N VAL B 181 -1.76 -20.07 23.92
CA VAL B 181 -1.17 -21.33 24.36
C VAL B 181 -2.30 -22.24 24.82
N THR B 182 -2.47 -23.36 24.15
CA THR B 182 -3.46 -24.34 24.55
C THR B 182 -2.85 -25.24 25.60
N LEU B 183 -3.51 -25.37 26.74
CA LEU B 183 -2.91 -26.08 27.86
C LEU B 183 -3.98 -26.65 28.76
N ILE B 184 -3.61 -27.69 29.49
CA ILE B 184 -4.42 -28.20 30.59
C ILE B 184 -3.92 -27.50 31.85
N GLY B 185 -4.76 -26.66 32.46
CA GLY B 185 -4.26 -25.79 33.50
C GLY B 185 -3.99 -26.55 34.78
N GLU B 186 -2.89 -26.21 35.43
CA GLU B 186 -2.59 -26.71 36.77
C GLU B 186 -2.59 -25.63 37.83
N ALA B 187 -2.06 -24.45 37.50
CA ALA B 187 -2.14 -23.30 38.39
C ALA B 187 -3.36 -22.45 38.12
N VAL B 188 -4.08 -22.74 37.04
CA VAL B 188 -5.27 -22.00 36.67
C VAL B 188 -6.26 -23.03 36.15
N LYS B 189 -7.54 -22.74 36.31
CA LYS B 189 -8.57 -23.67 35.87
C LYS B 189 -8.89 -23.47 34.40
N THR B 190 -8.83 -24.56 33.63
CA THR B 190 -9.16 -24.52 32.22
C THR B 190 -10.34 -25.41 31.89
N GLN B 191 -10.88 -26.10 32.88
CA GLN B 191 -11.98 -27.03 32.69
C GLN B 191 -13.25 -26.28 33.03
N PHE B 192 -14.11 -26.04 32.05
CA PHE B 192 -15.32 -25.26 32.25
C PHE B 192 -16.57 -26.11 32.16
N ASN B 193 -17.59 -25.69 32.89
CA ASN B 193 -18.95 -26.10 32.60
C ASN B 193 -19.52 -25.25 31.48
N TYR B 194 -20.32 -25.85 30.61
CA TYR B 194 -20.93 -25.13 29.51
C TYR B 194 -22.44 -25.14 29.65
N TYR B 195 -23.07 -24.03 29.27
CA TYR B 195 -24.51 -23.88 29.27
C TYR B 195 -24.88 -23.10 28.01
N LYS B 196 -26.06 -23.37 27.48
CA LYS B 196 -26.48 -22.70 26.26
C LYS B 196 -27.97 -22.41 26.31
N LYS B 197 -28.34 -21.22 25.86
CA LYS B 197 -29.72 -20.81 25.74
C LYS B 197 -30.05 -20.43 24.31
N VAL B 198 -31.20 -20.88 23.85
CA VAL B 198 -31.73 -20.51 22.54
C VAL B 198 -33.15 -20.02 22.76
N ASP B 199 -33.40 -18.78 22.36
CA ASP B 199 -34.71 -18.14 22.52
C ASP B 199 -35.19 -18.26 23.96
N GLY B 200 -34.31 -17.94 24.89
CA GLY B 200 -34.67 -17.93 26.28
C GLY B 200 -34.76 -19.28 26.93
N VAL B 201 -34.47 -20.37 26.21
CA VAL B 201 -34.63 -21.72 26.73
C VAL B 201 -33.25 -22.34 26.86
N VAL B 202 -32.94 -22.84 28.05
CA VAL B 202 -31.67 -23.52 28.27
C VAL B 202 -31.63 -24.82 27.51
N GLN B 203 -30.54 -25.05 26.79
CA GLN B 203 -30.36 -26.26 26.00
C GLN B 203 -29.61 -27.31 26.81
N GLN B 204 -29.94 -28.57 26.57
CA GLN B 204 -29.11 -29.68 27.00
C GLN B 204 -28.07 -29.96 25.93
N LEU B 205 -26.81 -29.65 26.23
CA LEU B 205 -25.77 -29.88 25.25
C LEU B 205 -25.54 -31.38 25.12
N PRO B 206 -25.21 -31.86 23.93
CA PRO B 206 -25.12 -33.29 23.71
C PRO B 206 -23.89 -33.91 24.32
N GLU B 207 -23.99 -35.21 24.64
CA GLU B 207 -22.79 -35.98 24.90
C GLU B 207 -21.83 -35.81 23.73
N THR B 208 -20.55 -35.64 24.04
CA THR B 208 -19.58 -35.35 23.00
C THR B 208 -18.21 -35.84 23.38
N TYR B 209 -17.47 -36.29 22.37
CA TYR B 209 -16.04 -36.38 22.52
C TYR B 209 -15.43 -35.00 22.34
N PHE B 210 -14.16 -34.87 22.72
CA PHE B 210 -13.41 -33.65 22.52
C PHE B 210 -12.10 -33.96 21.81
N THR B 211 -11.72 -33.12 20.86
CA THR B 211 -10.39 -33.22 20.32
C THR B 211 -9.37 -32.75 21.33
N GLN B 212 -8.12 -33.15 21.10
CA GLN B 212 -7.08 -32.97 22.10
C GLN B 212 -6.17 -31.80 21.80
N SER B 213 -6.23 -31.25 20.59
CA SER B 213 -5.55 -29.99 20.25
C SER B 213 -4.04 -30.09 20.36
N ARG B 214 -3.47 -31.24 20.07
CA ARG B 214 -2.01 -31.35 20.10
C ARG B 214 -1.43 -30.98 18.75
N ASN B 215 -0.11 -30.87 18.70
CA ASN B 215 0.57 -30.56 17.45
C ASN B 215 1.66 -31.58 17.16
N LEU B 216 2.12 -31.57 15.91
CA LEU B 216 3.02 -32.61 15.42
C LEU B 216 4.34 -32.59 16.17
N GLN B 217 4.99 -31.44 16.21
CA GLN B 217 6.38 -31.39 16.64
C GLN B 217 6.51 -31.71 18.12
N GLU B 218 5.53 -31.30 18.93
CA GLU B 218 5.58 -31.50 20.37
C GLU B 218 4.52 -32.49 20.82
N PHE B 219 4.20 -33.47 19.98
CA PHE B 219 3.13 -34.39 20.35
C PHE B 219 3.55 -35.21 21.56
N LYS B 220 2.69 -35.23 22.57
CA LYS B 220 2.93 -35.98 23.79
C LYS B 220 1.76 -36.92 24.04
N PRO B 221 2.00 -38.21 24.25
CA PRO B 221 0.89 -39.12 24.52
C PRO B 221 0.21 -38.76 25.84
N ARG B 222 -1.09 -39.02 25.90
CA ARG B 222 -1.88 -38.68 27.08
C ARG B 222 -2.62 -39.88 27.66
N SER B 223 -2.31 -41.09 27.21
CA SER B 223 -2.86 -42.28 27.82
C SER B 223 -1.89 -43.42 27.56
N GLN B 224 -2.09 -44.52 28.28
CA GLN B 224 -1.24 -45.67 28.04
C GLN B 224 -1.42 -46.21 26.64
N MET B 225 -2.64 -46.21 26.12
CA MET B 225 -2.84 -46.66 24.76
C MET B 225 -2.06 -45.80 23.78
N GLU B 226 -2.01 -44.49 24.02
CA GLU B 226 -1.26 -43.63 23.13
C GLU B 226 0.24 -43.86 23.31
N ILE B 227 0.66 -44.08 24.55
CA ILE B 227 2.03 -44.48 24.82
C ILE B 227 2.35 -45.77 24.09
N ASP B 228 1.44 -46.75 24.15
CA ASP B 228 1.66 -48.00 23.46
C ASP B 228 1.79 -47.76 21.97
N PHE B 229 0.95 -46.88 21.41
CA PHE B 229 1.03 -46.62 19.98
C PHE B 229 2.40 -46.09 19.60
N LEU B 230 2.95 -45.18 20.40
CA LEU B 230 4.26 -44.63 20.05
C LEU B 230 5.37 -45.63 20.33
N GLU B 231 5.23 -46.45 21.37
CA GLU B 231 6.32 -47.34 21.75
C GLU B 231 6.31 -48.63 20.95
N LEU B 232 5.15 -49.22 20.73
CA LEU B 232 5.11 -50.54 20.12
C LEU B 232 5.21 -50.45 18.60
N ALA B 233 5.64 -51.55 18.01
CA ALA B 233 5.53 -51.70 16.58
C ALA B 233 4.06 -51.80 16.18
N MET B 234 3.82 -51.61 14.89
CA MET B 234 2.45 -51.52 14.38
C MET B 234 1.67 -52.79 14.66
N ASP B 235 2.22 -53.94 14.30
CA ASP B 235 1.49 -55.19 14.48
C ASP B 235 1.32 -55.54 15.95
N GLU B 236 2.34 -55.24 16.76
CA GLU B 236 2.26 -55.46 18.19
C GLU B 236 1.14 -54.67 18.85
N PHE B 237 0.99 -53.39 18.49
CA PHE B 237 -0.02 -52.58 19.14
C PHE B 237 -1.42 -53.06 18.77
N ILE B 238 -1.66 -53.31 17.48
CA ILE B 238 -2.97 -53.74 17.02
C ILE B 238 -3.32 -55.07 17.65
N GLU B 239 -2.31 -55.91 17.86
CA GLU B 239 -2.52 -57.20 18.52
C GLU B 239 -2.87 -57.03 19.98
N ARG B 240 -2.16 -56.16 20.69
CA ARG B 240 -2.36 -56.05 22.13
C ARG B 240 -3.78 -55.60 22.46
N TYR B 241 -4.30 -54.64 21.71
CA TYR B 241 -5.63 -54.11 21.92
C TYR B 241 -6.65 -54.75 21.00
N LYS B 242 -6.28 -55.84 20.33
CA LYS B 242 -7.18 -56.64 19.52
C LYS B 242 -7.93 -55.78 18.50
N LEU B 243 -7.15 -55.07 17.70
CA LEU B 243 -7.69 -54.12 16.73
C LEU B 243 -7.59 -54.63 15.31
N GLU B 244 -7.28 -55.91 15.12
CA GLU B 244 -7.20 -56.52 13.80
C GLU B 244 -8.51 -56.36 13.04
N GLY B 245 -8.41 -55.98 11.76
CA GLY B 245 -9.60 -55.82 10.95
C GLY B 245 -10.22 -54.45 10.98
N TYR B 246 -9.67 -53.53 11.75
CA TYR B 246 -10.14 -52.16 11.80
C TYR B 246 -9.27 -51.23 10.95
N ALA B 247 -8.35 -51.79 10.17
CA ALA B 247 -7.55 -51.03 9.21
C ALA B 247 -6.72 -49.95 9.85
N PHE B 248 -6.23 -50.16 11.06
CA PHE B 248 -5.35 -49.17 11.66
C PHE B 248 -4.06 -49.01 10.85
N GLU B 249 -3.58 -50.08 10.23
CA GLU B 249 -2.39 -50.01 9.40
C GLU B 249 -2.52 -48.91 8.36
N HIS B 250 -3.71 -48.77 7.79
CA HIS B 250 -4.01 -47.76 6.79
C HIS B 250 -4.42 -46.45 7.44
N ILE B 251 -5.46 -46.50 8.29
CA ILE B 251 -6.11 -45.30 8.78
C ILE B 251 -5.20 -44.48 9.66
N VAL B 252 -4.54 -45.12 10.62
CA VAL B 252 -3.79 -44.43 11.66
C VAL B 252 -2.31 -44.35 11.33
N TYR B 253 -1.71 -45.46 10.91
CA TYR B 253 -0.27 -45.45 10.66
C TYR B 253 0.07 -44.77 9.34
N GLY B 254 -0.83 -44.83 8.37
CA GLY B 254 -0.59 -44.28 7.05
C GLY B 254 0.05 -45.29 6.14
N ASP B 255 -0.27 -45.17 4.85
CA ASP B 255 0.27 -46.04 3.81
C ASP B 255 1.05 -45.16 2.85
N PHE B 256 2.36 -45.31 2.84
CA PHE B 256 3.27 -44.48 2.06
C PHE B 256 3.86 -45.24 0.89
N SER B 257 3.20 -46.30 0.43
CA SER B 257 3.75 -47.18 -0.59
C SER B 257 3.43 -46.74 -2.01
N HIS B 258 2.41 -45.90 -2.19
CA HIS B 258 1.99 -45.46 -3.52
C HIS B 258 2.18 -43.96 -3.65
N SER B 259 2.08 -43.50 -4.90
CA SER B 259 2.28 -42.09 -5.18
C SER B 259 1.28 -41.24 -4.41
N GLN B 260 0.05 -41.72 -4.26
CA GLN B 260 -0.94 -41.06 -3.41
C GLN B 260 -0.85 -41.64 -2.00
N LEU B 261 -0.66 -40.77 -1.01
CA LEU B 261 -0.57 -41.20 0.37
C LEU B 261 -1.90 -41.77 0.85
N GLY B 262 -1.88 -42.99 1.39
CA GLY B 262 -3.08 -43.62 1.86
C GLY B 262 -3.32 -43.38 3.33
N GLY B 263 -4.55 -43.00 3.67
CA GLY B 263 -4.93 -42.87 5.07
C GLY B 263 -4.20 -41.76 5.79
N LEU B 264 -3.78 -42.08 7.02
CA LEU B 264 -3.10 -41.16 7.93
C LEU B 264 -4.02 -40.02 8.34
N HIS B 265 -5.07 -40.33 9.11
CA HIS B 265 -6.11 -39.34 9.44
C HIS B 265 -6.17 -38.95 10.90
N LEU B 266 -5.35 -39.52 11.77
CA LEU B 266 -5.33 -39.21 13.19
C LEU B 266 -3.99 -38.59 13.52
N LEU B 267 -4.02 -37.49 14.27
CA LEU B 267 -2.79 -36.77 14.56
C LEU B 267 -1.74 -37.67 15.19
N ILE B 268 -2.13 -38.55 16.11
CA ILE B 268 -1.14 -39.42 16.71
C ILE B 268 -0.42 -40.25 15.66
N GLY B 269 -1.11 -40.59 14.57
CA GLY B 269 -0.46 -41.35 13.52
C GLY B 269 0.53 -40.52 12.74
N LEU B 270 0.20 -39.26 12.50
CA LEU B 270 1.18 -38.33 11.94
C LEU B 270 2.37 -38.15 12.86
N ALA B 271 2.11 -38.04 14.16
CA ALA B 271 3.19 -37.85 15.11
C ALA B 271 4.18 -39.01 15.07
N LYS B 272 3.68 -40.24 14.99
CA LYS B 272 4.59 -41.38 14.98
C LYS B 272 5.45 -41.36 13.73
N ARG B 273 4.85 -41.09 12.57
CA ARG B 273 5.67 -41.03 11.36
C ARG B 273 6.63 -39.87 11.45
N PHE B 274 6.18 -38.73 11.96
CA PHE B 274 7.01 -37.54 11.95
C PHE B 274 8.23 -37.71 12.82
N LYS B 275 8.07 -38.38 13.97
CA LYS B 275 9.19 -38.59 14.87
C LYS B 275 10.25 -39.49 14.26
N GLU B 276 9.89 -40.30 13.27
CA GLU B 276 10.85 -41.15 12.60
C GLU B 276 11.32 -40.54 11.29
N SER B 277 10.46 -39.80 10.62
CA SER B 277 10.71 -39.35 9.26
C SER B 277 9.90 -38.10 9.00
N PRO B 278 10.52 -37.02 8.56
CA PRO B 278 9.80 -35.75 8.42
C PRO B 278 8.99 -35.71 7.13
N PHE B 279 7.97 -34.87 7.14
CA PHE B 279 7.15 -34.62 5.97
C PHE B 279 6.58 -33.21 6.08
N GLU B 280 6.07 -32.72 4.97
CA GLU B 280 5.54 -31.36 4.89
C GLU B 280 4.02 -31.38 4.89
N LEU B 281 3.43 -30.50 5.69
CA LEU B 281 1.98 -30.32 5.76
C LEU B 281 1.65 -28.89 5.39
N GLU B 282 1.01 -28.70 4.25
CA GLU B 282 0.56 -27.38 3.84
C GLU B 282 -0.86 -27.19 4.36
N ASP B 283 -1.02 -26.23 5.28
CA ASP B 283 -2.29 -25.95 5.93
C ASP B 283 -3.03 -24.92 5.11
N PHE B 284 -3.75 -25.39 4.09
CA PHE B 284 -4.21 -24.47 3.06
C PHE B 284 -5.48 -23.73 3.43
N ILE B 285 -6.15 -24.11 4.51
CA ILE B 285 -7.20 -23.28 5.10
C ILE B 285 -6.82 -23.00 6.55
N PRO B 286 -6.03 -21.97 6.83
CA PRO B 286 -5.47 -21.83 8.17
C PRO B 286 -6.41 -21.20 9.19
N MET B 287 -7.22 -22.03 9.83
CA MET B 287 -8.10 -21.57 10.89
C MET B 287 -8.22 -22.71 11.90
N ASP B 288 -8.82 -22.40 13.04
CA ASP B 288 -9.08 -23.43 14.04
C ASP B 288 -10.35 -24.18 13.67
N SER B 289 -10.27 -25.50 13.54
CA SER B 289 -11.46 -26.29 13.33
C SER B 289 -11.23 -27.71 13.82
N THR B 290 -12.33 -28.38 14.16
CA THR B 290 -12.27 -29.73 14.70
C THR B 290 -11.57 -30.69 13.74
N VAL B 291 -11.91 -30.64 12.46
CA VAL B 291 -11.22 -31.41 11.44
C VAL B 291 -10.33 -30.47 10.65
N LYS B 292 -9.08 -30.87 10.44
CA LYS B 292 -8.12 -30.12 9.66
C LYS B 292 -7.76 -30.84 8.37
N ASN B 293 -7.59 -30.07 7.30
CA ASN B 293 -7.26 -30.61 5.99
C ASN B 293 -5.88 -30.09 5.62
N TYR B 294 -5.00 -31.00 5.22
CA TYR B 294 -3.62 -30.65 4.89
C TYR B 294 -3.26 -31.20 3.52
N PHE B 295 -2.47 -30.44 2.80
CA PHE B 295 -1.78 -30.93 1.62
C PHE B 295 -0.46 -31.52 2.10
N ILE B 296 -0.37 -32.84 2.11
CA ILE B 296 0.74 -33.54 2.75
C ILE B 296 1.66 -34.09 1.69
N THR B 297 2.96 -33.93 1.90
CA THR B 297 3.99 -34.51 1.05
C THR B 297 4.97 -35.28 1.91
N ASP B 298 5.08 -36.59 1.70
CA ASP B 298 6.01 -37.37 2.49
C ASP B 298 7.41 -37.25 1.89
N ALA B 299 8.36 -36.77 2.69
CA ALA B 299 9.69 -36.47 2.18
C ALA B 299 10.46 -37.74 1.87
N GLN B 300 10.23 -38.80 2.63
CA GLN B 300 11.01 -40.02 2.45
C GLN B 300 10.63 -40.76 1.17
N THR B 301 9.34 -40.84 0.86
CA THR B 301 8.88 -41.69 -0.23
C THR B 301 8.42 -40.92 -1.44
N GLY B 302 8.05 -39.65 -1.29
CA GLY B 302 7.41 -38.93 -2.35
C GLY B 302 5.92 -39.16 -2.44
N SER B 303 5.37 -40.01 -1.57
CA SER B 303 3.92 -40.14 -1.49
C SER B 303 3.30 -38.85 -0.99
N SER B 304 2.19 -38.46 -1.61
CA SER B 304 1.55 -37.20 -1.29
C SER B 304 0.05 -37.31 -1.48
N LYS B 305 -0.68 -36.37 -0.90
CA LYS B 305 -2.12 -36.31 -1.04
C LYS B 305 -2.57 -34.88 -0.85
N CYS B 306 -3.42 -34.40 -1.74
CA CYS B 306 -3.81 -32.99 -1.75
C CYS B 306 -4.69 -32.64 -0.56
N VAL B 307 -5.64 -33.50 -0.23
CA VAL B 307 -6.55 -33.25 0.89
C VAL B 307 -6.49 -34.46 1.81
N CYS B 308 -5.76 -34.33 2.91
CA CYS B 308 -5.68 -35.36 3.94
C CYS B 308 -6.36 -34.82 5.17
N SER B 309 -7.55 -35.31 5.47
CA SER B 309 -8.29 -34.85 6.64
C SER B 309 -7.75 -35.51 7.90
N VAL B 310 -7.50 -34.70 8.91
CA VAL B 310 -6.78 -35.09 10.11
C VAL B 310 -7.58 -34.62 11.31
N ILE B 311 -7.82 -35.52 12.25
CA ILE B 311 -8.52 -35.20 13.49
C ILE B 311 -7.65 -35.67 14.64
N ASP B 312 -7.62 -34.89 15.72
CA ASP B 312 -6.86 -35.25 16.91
C ASP B 312 -7.79 -35.72 18.02
N LEU B 313 -8.21 -36.97 17.92
CA LEU B 313 -8.88 -37.59 19.05
C LEU B 313 -7.86 -38.33 19.90
N LEU B 314 -8.12 -38.36 21.20
CA LEU B 314 -7.41 -39.30 22.06
C LEU B 314 -7.59 -40.70 21.51
N LEU B 315 -6.49 -41.44 21.41
CA LEU B 315 -6.55 -42.74 20.75
C LEU B 315 -7.59 -43.66 21.39
N ASP B 316 -7.71 -43.61 22.72
CA ASP B 316 -8.71 -44.43 23.39
C ASP B 316 -10.11 -44.08 22.90
N ASP B 317 -10.34 -42.80 22.65
CA ASP B 317 -11.65 -42.36 22.17
C ASP B 317 -11.91 -42.82 20.75
N PHE B 318 -10.89 -42.71 19.88
CA PHE B 318 -11.06 -43.16 18.50
C PHE B 318 -11.31 -44.66 18.41
N VAL B 319 -10.67 -45.45 19.25
CA VAL B 319 -10.92 -46.88 19.26
C VAL B 319 -12.35 -47.17 19.68
N GLU B 320 -12.83 -46.46 20.71
CA GLU B 320 -14.22 -46.62 21.11
C GLU B 320 -15.15 -46.33 19.96
N ILE B 321 -14.89 -45.24 19.25
CA ILE B 321 -15.76 -44.85 18.15
C ILE B 321 -15.78 -45.91 17.06
N ILE B 322 -14.59 -46.33 16.60
CA ILE B 322 -14.54 -47.26 15.48
C ILE B 322 -15.03 -48.64 15.89
N LYS B 323 -14.84 -49.05 17.14
CA LYS B 323 -15.40 -50.33 17.56
C LYS B 323 -16.89 -50.26 17.79
N SER B 324 -17.52 -49.11 17.63
CA SER B 324 -18.95 -49.00 17.85
C SER B 324 -19.69 -48.87 16.53
N GLN B 325 -19.02 -49.21 15.43
CA GLN B 325 -19.60 -49.13 14.10
C GLN B 325 -19.86 -50.53 13.58
N ASP B 326 -20.91 -50.65 12.78
CA ASP B 326 -21.18 -51.85 12.01
C ASP B 326 -20.29 -51.87 10.77
N LEU B 327 -19.68 -53.03 10.49
CA LEU B 327 -18.69 -53.08 9.43
C LEU B 327 -19.20 -53.88 8.24
N SER B 328 -20.52 -54.00 8.12
CA SER B 328 -21.16 -54.93 7.20
C SER B 328 -21.52 -54.28 5.88
N VAL B 329 -21.17 -53.01 5.67
CA VAL B 329 -21.64 -52.29 4.49
C VAL B 329 -20.43 -51.67 3.79
N VAL B 330 -20.54 -51.59 2.46
CA VAL B 330 -19.42 -51.13 1.66
C VAL B 330 -19.00 -49.73 2.06
N SER B 331 -19.95 -48.82 2.13
CA SER B 331 -19.60 -47.43 2.44
C SER B 331 -20.78 -46.76 3.10
N LYS B 332 -20.50 -45.88 4.06
CA LYS B 332 -21.56 -45.11 4.68
C LYS B 332 -20.95 -43.95 5.42
N VAL B 333 -21.81 -43.01 5.79
CA VAL B 333 -21.42 -41.84 6.58
C VAL B 333 -21.70 -42.15 8.04
N VAL B 334 -20.70 -41.93 8.88
CA VAL B 334 -20.84 -42.13 10.31
C VAL B 334 -20.81 -40.78 10.99
N LYS B 335 -21.79 -40.54 11.86
CA LYS B 335 -21.91 -39.28 12.59
C LYS B 335 -21.40 -39.49 14.00
N VAL B 336 -20.50 -38.61 14.42
CA VAL B 336 -19.89 -38.66 15.74
C VAL B 336 -19.97 -37.26 16.32
N THR B 337 -20.59 -37.12 17.48
CA THR B 337 -20.63 -35.81 18.10
C THR B 337 -19.28 -35.53 18.73
N ILE B 338 -18.63 -34.47 18.27
CA ILE B 338 -17.30 -34.09 18.73
C ILE B 338 -17.27 -32.57 18.88
N ASP B 339 -16.71 -32.09 19.98
CA ASP B 339 -16.69 -30.65 20.27
C ASP B 339 -18.06 -30.03 20.11
N TYR B 340 -19.09 -30.76 20.50
CA TYR B 340 -20.47 -30.36 20.50
C TYR B 340 -21.06 -30.31 19.11
N THR B 341 -20.30 -30.66 18.08
CA THR B 341 -20.83 -30.70 16.72
C THR B 341 -20.79 -32.13 16.21
N GLU B 342 -21.63 -32.41 15.23
CA GLU B 342 -21.68 -33.72 14.58
C GLU B 342 -20.64 -33.77 13.48
N ILE B 343 -19.61 -34.57 13.66
CA ILE B 343 -18.60 -34.75 12.64
C ILE B 343 -18.97 -35.97 11.81
N SER B 344 -18.95 -35.81 10.48
CA SER B 344 -19.22 -36.89 9.55
C SER B 344 -17.93 -37.62 9.21
N PHE B 345 -17.95 -38.94 9.38
CA PHE B 345 -16.86 -39.81 8.98
C PHE B 345 -17.29 -40.66 7.79
N MET B 346 -16.38 -40.93 6.88
CA MET B 346 -16.63 -41.88 5.81
C MET B 346 -16.12 -43.24 6.27
N LEU B 347 -17.00 -44.24 6.24
CA LEU B 347 -16.64 -45.60 6.63
C LEU B 347 -16.72 -46.49 5.42
N TRP B 348 -15.60 -47.09 5.03
CA TRP B 348 -15.54 -48.05 3.94
C TRP B 348 -15.16 -49.41 4.47
N CYS B 349 -15.91 -50.42 4.10
CA CYS B 349 -15.67 -51.77 4.60
C CYS B 349 -15.68 -52.74 3.43
N LYS B 350 -15.01 -53.87 3.64
CA LYS B 350 -15.02 -54.95 2.66
C LYS B 350 -14.92 -56.26 3.41
N ASP B 351 -15.85 -57.16 3.14
CA ASP B 351 -15.86 -58.50 3.73
C ASP B 351 -15.77 -58.43 5.26
N GLY B 352 -16.48 -57.46 5.84
CA GLY B 352 -16.56 -57.35 7.28
C GLY B 352 -15.39 -56.68 7.95
N HIS B 353 -14.42 -56.18 7.20
CA HIS B 353 -13.30 -55.44 7.75
C HIS B 353 -13.34 -54.01 7.25
N VAL B 354 -12.74 -53.11 8.02
CA VAL B 354 -12.59 -51.73 7.57
C VAL B 354 -11.61 -51.68 6.41
N GLU B 355 -11.94 -50.90 5.38
CA GLU B 355 -10.96 -50.51 4.38
C GLU B 355 -10.37 -49.15 4.66
N THR B 356 -11.21 -48.14 4.88
CA THR B 356 -10.72 -46.89 5.44
C THR B 356 -11.84 -46.22 6.20
N PHE B 357 -11.47 -45.20 6.95
CA PHE B 357 -12.42 -44.52 7.83
C PHE B 357 -11.82 -43.16 8.09
N TYR B 358 -12.39 -42.11 7.50
CA TYR B 358 -11.75 -40.81 7.64
C TYR B 358 -12.82 -39.75 7.81
N PRO B 359 -12.50 -38.69 8.55
CA PRO B 359 -13.45 -37.59 8.69
C PRO B 359 -13.46 -36.75 7.43
N LYS B 360 -14.60 -36.12 7.19
CA LYS B 360 -14.75 -35.28 6.01
C LYS B 360 -14.66 -33.81 6.38
N MET C 16 26.92 8.38 -6.45
CA MET C 16 25.98 7.54 -5.73
C MET C 16 24.69 7.36 -6.52
N SER C 17 24.05 6.20 -6.37
CA SER C 17 22.91 5.83 -7.21
C SER C 17 22.30 4.57 -6.64
N LEU C 18 20.97 4.50 -6.68
CA LEU C 18 20.27 3.28 -6.27
C LEU C 18 20.79 2.05 -7.01
N GLU C 19 20.91 2.14 -8.33
CA GLU C 19 21.33 0.99 -9.12
C GLU C 19 22.77 0.58 -8.82
N ASN C 20 23.62 1.54 -8.46
CA ASN C 20 24.98 1.16 -8.09
C ASN C 20 25.00 0.46 -6.75
N VAL C 21 24.18 0.91 -5.80
CA VAL C 21 24.04 0.21 -4.54
C VAL C 21 23.61 -1.23 -4.77
N ALA C 22 22.60 -1.43 -5.62
CA ALA C 22 22.15 -2.79 -5.90
C ALA C 22 23.25 -3.60 -6.54
N PHE C 23 24.04 -2.98 -7.43
CA PHE C 23 25.14 -3.73 -8.03
C PHE C 23 26.10 -4.23 -6.98
N ASN C 24 26.44 -3.39 -6.00
CA ASN C 24 27.36 -3.81 -4.95
C ASN C 24 26.76 -4.91 -4.10
N VAL C 25 25.47 -4.78 -3.77
CA VAL C 25 24.82 -5.81 -2.97
C VAL C 25 24.88 -7.14 -3.69
N VAL C 26 24.58 -7.15 -4.99
CA VAL C 26 24.54 -8.38 -5.75
C VAL C 26 25.95 -8.97 -5.87
N ASN C 27 26.97 -8.13 -6.01
CA ASN C 27 28.30 -8.63 -6.31
C ASN C 27 29.21 -8.71 -5.10
N LYS C 28 28.93 -7.95 -4.05
CA LYS C 28 29.83 -7.88 -2.91
C LYS C 28 29.17 -8.18 -1.58
N GLY C 29 27.86 -8.36 -1.54
CA GLY C 29 27.15 -8.66 -0.32
C GLY C 29 26.75 -7.45 0.49
N HIS C 30 27.22 -6.27 0.11
CA HIS C 30 26.97 -5.01 0.82
C HIS C 30 27.57 -3.92 -0.05
N PHE C 31 27.44 -2.68 0.41
CA PHE C 31 28.02 -1.59 -0.35
C PHE C 31 29.53 -1.58 -0.17
N ASP C 32 30.25 -1.68 -1.28
CA ASP C 32 31.70 -1.79 -1.27
C ASP C 32 32.35 -0.74 -2.15
N GLY C 33 31.60 0.27 -2.60
CA GLY C 33 32.21 1.29 -3.43
C GLY C 33 32.60 0.88 -4.82
N GLN C 34 32.04 -0.22 -5.34
CA GLN C 34 32.40 -0.66 -6.68
C GLN C 34 31.55 0.07 -7.71
N GLN C 35 32.13 0.27 -8.88
CA GLN C 35 31.39 0.88 -9.98
C GLN C 35 30.53 -0.17 -10.67
N GLY C 36 29.34 0.22 -11.07
CA GLY C 36 28.46 -0.66 -11.81
C GLY C 36 27.02 -0.36 -11.51
N GLU C 37 26.15 -0.97 -12.30
CA GLU C 37 24.71 -0.81 -12.08
C GLU C 37 24.02 -2.10 -12.49
N VAL C 38 22.90 -2.38 -11.82
CA VAL C 38 22.00 -3.46 -12.23
C VAL C 38 20.58 -2.92 -12.27
N PRO C 39 19.69 -3.56 -13.02
CA PRO C 39 18.31 -3.09 -13.06
C PRO C 39 17.59 -3.38 -11.77
N VAL C 40 16.81 -2.41 -11.31
CA VAL C 40 16.16 -2.48 -10.01
C VAL C 40 14.69 -2.19 -10.21
N SER C 41 13.84 -2.94 -9.50
CA SER C 41 12.43 -2.65 -9.42
C SER C 41 12.05 -2.40 -7.98
N ILE C 42 11.22 -1.38 -7.73
CA ILE C 42 10.66 -1.17 -6.41
C ILE C 42 9.17 -1.35 -6.52
N ILE C 43 8.62 -2.28 -5.75
CA ILE C 43 7.19 -2.51 -5.72
C ILE C 43 6.76 -2.71 -4.27
N ASN C 44 5.78 -1.92 -3.85
CA ASN C 44 5.43 -1.72 -2.45
C ASN C 44 6.67 -1.36 -1.63
N ASN C 45 7.04 -2.23 -0.70
CA ASN C 45 8.10 -1.94 0.25
C ASN C 45 9.27 -2.90 0.06
N THR C 46 9.43 -3.41 -1.15
CA THR C 46 10.45 -4.39 -1.43
C THR C 46 11.26 -3.95 -2.63
N VAL C 47 12.56 -4.20 -2.61
CA VAL C 47 13.43 -3.89 -3.72
C VAL C 47 13.78 -5.18 -4.44
N TYR C 48 13.60 -5.20 -5.75
CA TYR C 48 13.95 -6.36 -6.56
C TYR C 48 14.99 -5.96 -7.59
N THR C 49 15.76 -6.94 -8.02
CA THR C 49 16.61 -6.81 -9.17
C THR C 49 16.38 -7.95 -10.13
N LYS C 50 16.60 -7.72 -11.41
CA LYS C 50 16.34 -8.72 -12.41
C LYS C 50 17.64 -9.51 -12.55
N VAL C 51 17.57 -10.81 -12.32
CA VAL C 51 18.73 -11.68 -12.43
C VAL C 51 18.39 -12.78 -13.42
N ASP C 52 19.04 -12.73 -14.58
CA ASP C 52 18.85 -13.72 -15.63
C ASP C 52 17.37 -13.91 -15.95
N GLY C 53 16.70 -12.79 -16.17
CA GLY C 53 15.33 -12.78 -16.65
C GLY C 53 14.26 -12.89 -15.60
N VAL C 54 14.62 -13.07 -14.33
CA VAL C 54 13.62 -13.13 -13.27
C VAL C 54 13.99 -12.14 -12.17
N ASP C 55 12.97 -11.74 -11.41
CA ASP C 55 13.15 -10.77 -10.34
C ASP C 55 13.50 -11.49 -9.05
N VAL C 56 14.51 -10.99 -8.36
CA VAL C 56 14.97 -11.54 -7.11
C VAL C 56 14.89 -10.46 -6.05
N GLU C 57 14.25 -10.77 -4.93
CA GLU C 57 14.13 -9.79 -3.86
C GLU C 57 15.47 -9.55 -3.21
N LEU C 58 15.86 -8.29 -3.10
CA LEU C 58 17.11 -7.95 -2.43
C LEU C 58 16.92 -7.39 -1.04
N PHE C 59 15.79 -6.76 -0.76
CA PHE C 59 15.61 -6.07 0.50
C PHE C 59 14.14 -5.78 0.72
N GLU C 60 13.64 -6.10 1.90
CA GLU C 60 12.29 -5.75 2.30
C GLU C 60 12.38 -4.72 3.41
N ASN C 61 11.77 -3.57 3.20
CA ASN C 61 11.88 -2.48 4.17
C ASN C 61 10.97 -2.75 5.35
N LYS C 62 11.56 -2.91 6.53
CA LYS C 62 10.82 -3.03 7.76
C LYS C 62 10.95 -1.78 8.62
N THR C 63 11.62 -0.76 8.10
CA THR C 63 11.82 0.50 8.77
C THR C 63 10.70 1.47 8.42
N THR C 64 10.72 2.63 9.04
CA THR C 64 9.81 3.71 8.71
C THR C 64 10.41 4.70 7.71
N LEU C 65 11.54 4.39 7.14
CA LEU C 65 12.13 5.22 6.10
C LEU C 65 11.59 4.82 4.73
N PRO C 66 11.76 5.70 3.73
CA PRO C 66 11.42 5.32 2.37
C PRO C 66 12.24 4.12 1.92
N VAL C 67 11.60 3.25 1.13
CA VAL C 67 12.22 1.98 0.77
C VAL C 67 13.57 2.19 0.13
N ASN C 68 13.71 3.16 -0.77
CA ASN C 68 15.00 3.31 -1.42
C ASN C 68 16.03 3.88 -0.47
N VAL C 69 15.59 4.63 0.53
CA VAL C 69 16.52 5.17 1.51
C VAL C 69 16.96 4.10 2.49
N ALA C 70 16.01 3.33 3.02
CA ALA C 70 16.37 2.24 3.91
C ALA C 70 17.30 1.26 3.23
N PHE C 71 17.07 0.98 1.96
CA PHE C 71 17.94 0.08 1.21
C PHE C 71 19.37 0.58 1.20
N GLU C 72 19.56 1.87 0.95
CA GLU C 72 20.92 2.41 0.89
C GLU C 72 21.58 2.36 2.26
N LEU C 73 20.87 2.71 3.32
CA LEU C 73 21.45 2.63 4.65
C LEU C 73 21.76 1.20 5.04
N TRP C 74 20.86 0.27 4.72
CA TRP C 74 21.11 -1.14 4.98
C TRP C 74 22.36 -1.63 4.25
N ALA C 75 22.48 -1.31 2.96
CA ALA C 75 23.63 -1.78 2.21
C ALA C 75 24.93 -1.22 2.75
N LYS C 76 24.90 -0.04 3.36
CA LYS C 76 26.10 0.59 3.87
C LYS C 76 26.32 0.33 5.35
N ARG C 77 25.63 -0.65 5.93
CA ARG C 77 25.79 -0.92 7.35
C ARG C 77 27.22 -1.32 7.67
N ASN C 78 27.64 -1.04 8.89
CA ASN C 78 28.96 -1.45 9.34
C ASN C 78 29.02 -2.96 9.52
N ILE C 79 30.01 -3.61 8.89
CA ILE C 79 30.14 -5.05 8.94
C ILE C 79 31.38 -5.51 9.71
N LYS C 80 31.94 -4.65 10.54
CA LYS C 80 32.95 -5.03 11.51
C LYS C 80 32.31 -5.17 12.87
N PRO C 81 32.98 -5.78 13.84
CA PRO C 81 32.41 -5.80 15.19
C PRO C 81 32.23 -4.38 15.70
N VAL C 82 31.05 -4.12 16.25
CA VAL C 82 30.74 -2.80 16.79
C VAL C 82 30.06 -3.01 18.14
N PRO C 83 30.07 -1.99 18.99
CA PRO C 83 29.36 -2.09 20.26
C PRO C 83 27.90 -2.43 20.03
N GLU C 84 27.36 -3.25 20.92
CA GLU C 84 25.92 -3.50 20.86
C GLU C 84 25.17 -2.19 21.03
N VAL C 85 24.01 -2.11 20.39
CA VAL C 85 23.25 -0.86 20.38
C VAL C 85 22.89 -0.42 21.78
N LYS C 86 22.61 -1.36 22.68
CA LYS C 86 22.26 -0.97 24.04
C LYS C 86 23.38 -0.19 24.70
N ILE C 87 24.64 -0.52 24.41
CA ILE C 87 25.74 0.25 24.98
C ILE C 87 25.75 1.66 24.43
N LEU C 88 25.63 1.81 23.12
CA LEU C 88 25.63 3.14 22.52
C LEU C 88 24.47 3.98 23.03
N ASN C 89 23.28 3.40 23.12
CA ASN C 89 22.15 4.15 23.65
C ASN C 89 22.46 4.62 25.06
N ASN C 90 22.96 3.72 25.89
CA ASN C 90 23.24 4.06 27.27
C ASN C 90 24.30 5.14 27.37
N LEU C 91 25.21 5.20 26.41
CA LEU C 91 26.23 6.23 26.43
C LEU C 91 25.76 7.52 25.78
N GLY C 92 24.51 7.59 25.35
CA GLY C 92 24.00 8.82 24.81
C GLY C 92 24.45 9.12 23.39
N VAL C 93 24.86 8.11 22.63
CA VAL C 93 25.28 8.35 21.26
C VAL C 93 24.07 8.78 20.44
N ASP C 94 24.22 9.87 19.69
CA ASP C 94 23.15 10.37 18.84
C ASP C 94 23.30 9.99 17.37
N ILE C 95 24.52 9.77 16.90
CA ILE C 95 24.77 9.67 15.46
C ILE C 95 26.16 9.09 15.29
N ALA C 96 26.42 8.50 14.14
CA ALA C 96 27.72 7.88 13.89
C ALA C 96 28.48 8.64 12.83
N ALA C 97 29.80 8.72 13.01
CA ALA C 97 30.69 9.37 12.06
C ALA C 97 30.99 8.44 10.90
N ASN C 98 30.38 8.71 9.75
CA ASN C 98 30.76 8.10 8.48
C ASN C 98 30.53 6.59 8.46
N THR C 99 29.47 6.14 9.13
CA THR C 99 29.10 4.75 9.10
C THR C 99 27.63 4.65 9.48
N VAL C 100 27.06 3.47 9.28
CA VAL C 100 25.72 3.16 9.73
C VAL C 100 25.80 2.02 10.72
N ILE C 101 25.31 2.25 11.94
CA ILE C 101 25.13 1.17 12.90
C ILE C 101 23.74 0.59 12.66
N TRP C 102 23.68 -0.60 12.09
CA TRP C 102 22.39 -1.22 11.85
C TRP C 102 21.91 -1.91 13.12
N ASP C 103 20.68 -1.63 13.52
CA ASP C 103 20.11 -2.18 14.74
C ASP C 103 19.33 -3.44 14.35
N TYR C 104 19.96 -4.60 14.53
CA TYR C 104 19.34 -5.83 14.05
C TYR C 104 18.14 -6.27 14.89
N LYS C 105 18.01 -5.82 16.14
CA LYS C 105 16.81 -6.14 16.91
C LYS C 105 15.59 -5.44 16.36
N ARG C 106 15.76 -4.24 15.84
CA ARG C 106 14.67 -3.48 15.28
C ARG C 106 14.62 -3.58 13.77
N ASP C 107 15.62 -4.21 13.16
CA ASP C 107 15.79 -4.26 11.71
C ASP C 107 15.70 -2.88 11.09
N ALA C 108 16.47 -1.95 11.64
CA ALA C 108 16.42 -0.55 11.26
C ALA C 108 17.71 0.10 11.70
N PRO C 109 18.05 1.26 11.16
CA PRO C 109 19.25 1.95 11.65
C PRO C 109 19.10 2.28 13.11
N ALA C 110 20.22 2.17 13.82
CA ALA C 110 20.21 2.53 15.23
C ALA C 110 20.05 4.02 15.44
N HIS C 111 20.41 4.83 14.46
CA HIS C 111 20.35 6.27 14.62
C HIS C 111 19.57 6.87 13.46
N ILE C 112 18.85 7.94 13.76
CA ILE C 112 17.92 8.51 12.79
C ILE C 112 18.66 9.23 11.67
N SER C 113 19.79 9.86 11.96
CA SER C 113 20.51 10.67 11.00
C SER C 113 21.88 10.07 10.75
N THR C 114 22.56 10.58 9.74
CA THR C 114 23.87 10.09 9.37
C THR C 114 24.79 11.27 9.11
N ILE C 115 26.08 10.98 9.05
CA ILE C 115 27.08 11.96 8.69
C ILE C 115 27.88 11.38 7.53
N GLY C 116 27.73 11.99 6.36
CA GLY C 116 28.55 11.56 5.25
C GLY C 116 28.25 10.17 4.74
N VAL C 117 26.99 9.73 4.80
CA VAL C 117 26.59 8.40 4.37
C VAL C 117 25.65 8.45 3.17
N CYS C 118 24.63 9.28 3.24
CA CYS C 118 23.51 9.15 2.33
C CYS C 118 22.88 10.53 2.19
N SER C 119 22.60 10.93 0.94
CA SER C 119 22.19 12.30 0.69
C SER C 119 20.83 12.61 1.28
N MET C 120 19.94 11.62 1.34
CA MET C 120 18.63 11.89 1.91
C MET C 120 18.69 12.04 3.42
N THR C 121 19.61 11.35 4.08
CA THR C 121 19.67 11.34 5.53
C THR C 121 20.84 12.11 6.12
N ASP C 122 21.82 12.51 5.32
CA ASP C 122 22.98 13.19 5.86
C ASP C 122 22.53 14.51 6.50
N ILE C 123 23.06 14.80 7.68
CA ILE C 123 22.99 16.16 8.21
C ILE C 123 24.30 16.89 8.03
N ALA C 124 25.36 16.21 7.61
CA ALA C 124 26.66 16.81 7.40
C ALA C 124 27.48 15.80 6.62
N LYS C 125 28.54 16.28 5.98
CA LYS C 125 29.44 15.33 5.34
C LYS C 125 30.55 14.91 6.27
N LYS C 126 30.96 15.78 7.18
CA LYS C 126 32.00 15.49 8.14
C LYS C 126 31.51 15.88 9.53
N PRO C 127 31.96 15.16 10.56
CA PRO C 127 31.51 15.48 11.93
C PRO C 127 32.08 16.76 12.49
N THR C 128 32.98 17.44 11.78
CA THR C 128 33.50 18.72 12.27
C THR C 128 32.58 19.89 11.99
N GLU C 129 31.50 19.71 11.23
CA GLU C 129 30.61 20.82 10.97
C GLU C 129 29.83 21.19 12.22
N THR C 130 29.39 22.45 12.25
CA THR C 130 28.81 23.01 13.47
C THR C 130 27.52 22.30 13.85
N ILE C 131 26.77 21.81 12.86
CA ILE C 131 25.52 21.13 13.17
C ILE C 131 25.75 19.88 13.98
N CYS C 132 26.94 19.29 13.92
CA CYS C 132 27.24 18.08 14.66
C CYS C 132 27.72 18.36 16.07
N ALA C 133 28.17 19.59 16.33
CA ALA C 133 28.74 19.94 17.63
C ALA C 133 27.86 19.60 18.82
N PRO C 134 26.57 19.93 18.85
CA PRO C 134 25.76 19.57 20.03
C PRO C 134 25.41 18.11 20.12
N LEU C 135 25.58 17.32 19.07
CA LEU C 135 25.22 15.91 19.14
C LEU C 135 26.36 15.10 19.70
N THR C 136 26.02 14.03 20.43
CA THR C 136 27.04 13.11 20.91
C THR C 136 27.33 12.15 19.78
N VAL C 137 28.43 12.35 19.09
CA VAL C 137 28.78 11.61 17.90
C VAL C 137 29.64 10.42 18.29
N PHE C 138 29.34 9.25 17.74
CA PHE C 138 30.14 8.06 17.95
C PHE C 138 31.29 8.00 16.96
N PHE C 139 32.51 7.96 17.48
CA PHE C 139 33.71 7.85 16.67
C PHE C 139 34.35 6.50 16.90
N ASP C 140 34.93 5.94 15.84
CA ASP C 140 35.47 4.59 15.85
C ASP C 140 36.97 4.68 15.57
N GLY C 141 37.77 4.50 16.62
CA GLY C 141 39.21 4.60 16.51
C GLY C 141 39.86 3.62 15.55
N ARG C 142 39.14 2.59 15.11
CA ARG C 142 39.71 1.70 14.10
C ARG C 142 39.78 2.34 12.73
N VAL C 143 39.00 3.37 12.49
CA VAL C 143 39.01 4.08 11.23
C VAL C 143 40.03 5.21 11.33
N ASP C 144 40.86 5.35 10.31
CA ASP C 144 41.91 6.36 10.33
C ASP C 144 41.36 7.76 10.53
N GLY C 145 42.02 8.52 11.40
CA GLY C 145 41.69 9.91 11.61
C GLY C 145 40.65 10.15 12.68
N GLN C 146 39.88 9.14 13.05
CA GLN C 146 38.74 9.38 13.92
C GLN C 146 39.15 9.63 15.35
N VAL C 147 40.26 9.07 15.81
CA VAL C 147 40.73 9.42 17.15
C VAL C 147 41.00 10.91 17.27
N ASP C 148 41.65 11.49 16.27
CA ASP C 148 41.95 12.92 16.34
C ASP C 148 40.68 13.75 16.19
N LEU C 149 39.73 13.28 15.40
CA LEU C 149 38.43 13.94 15.36
C LEU C 149 37.80 13.93 16.73
N PHE C 150 37.92 12.83 17.46
CA PHE C 150 37.40 12.78 18.81
C PHE C 150 38.08 13.79 19.72
N ARG C 151 39.39 13.98 19.57
CA ARG C 151 40.06 14.94 20.44
C ARG C 151 39.54 16.34 20.21
N ASN C 152 39.04 16.62 19.01
CA ASN C 152 38.53 17.93 18.65
C ASN C 152 37.02 18.06 18.79
N ALA C 153 36.30 16.96 18.86
CA ALA C 153 34.86 17.07 18.88
C ALA C 153 34.40 17.58 20.24
N ARG C 154 33.28 18.29 20.24
CA ARG C 154 32.71 18.83 21.47
C ARG C 154 32.04 17.76 22.29
N ASN C 155 31.29 16.88 21.64
CA ASN C 155 30.56 15.82 22.29
C ASN C 155 30.83 14.56 21.50
N GLY C 156 31.19 13.48 22.16
CA GLY C 156 31.57 12.30 21.42
C GLY C 156 31.78 11.11 22.32
N VAL C 157 31.72 9.92 21.69
CA VAL C 157 32.14 8.68 22.31
C VAL C 157 33.11 8.00 21.37
N LEU C 158 34.22 7.50 21.90
CA LEU C 158 35.24 6.90 21.06
C LEU C 158 35.49 5.50 21.58
N ILE C 159 35.54 4.53 20.68
CA ILE C 159 36.03 3.21 21.01
C ILE C 159 37.34 2.98 20.28
N THR C 160 38.23 2.25 20.93
CA THR C 160 39.47 1.82 20.32
C THR C 160 39.75 0.40 20.76
N GLU C 161 40.66 -0.22 20.04
CA GLU C 161 41.14 -1.53 20.38
C GLU C 161 42.34 -1.46 21.30
N GLY C 162 42.96 -0.29 21.40
CA GLY C 162 44.12 -0.13 22.25
C GLY C 162 44.17 1.22 22.93
N SER C 163 45.33 1.58 23.45
CA SER C 163 45.48 2.80 24.23
C SER C 163 45.36 4.06 23.39
N VAL C 164 44.87 5.12 24.01
CA VAL C 164 44.84 6.45 23.45
C VAL C 164 45.69 7.35 24.33
N LYS C 165 46.64 8.06 23.72
CA LYS C 165 47.58 8.85 24.49
C LYS C 165 46.87 9.91 25.32
N GLY C 166 47.14 9.91 26.62
CA GLY C 166 46.62 10.94 27.49
C GLY C 166 45.18 10.76 27.92
N LEU C 167 44.56 9.63 27.63
CA LEU C 167 43.18 9.39 28.02
C LEU C 167 43.09 8.09 28.81
N GLN C 168 42.43 8.13 29.96
CA GLN C 168 42.17 6.91 30.68
C GLN C 168 41.00 6.18 30.05
N PRO C 169 41.13 4.91 29.73
CA PRO C 169 40.02 4.18 29.11
C PRO C 169 39.14 3.51 30.16
N SER C 170 37.90 3.28 29.76
CA SER C 170 37.00 2.41 30.49
C SER C 170 36.85 1.15 29.65
N VAL C 171 37.19 0.01 30.23
CA VAL C 171 37.15 -1.25 29.51
C VAL C 171 35.70 -1.68 29.30
N GLY C 172 35.32 -1.87 28.05
CA GLY C 172 33.97 -2.21 27.71
C GLY C 172 33.72 -3.69 27.85
N PRO C 173 32.55 -4.14 27.42
CA PRO C 173 32.23 -5.57 27.51
C PRO C 173 33.13 -6.39 26.62
N LYS C 174 33.14 -7.69 26.90
CA LYS C 174 33.95 -8.62 26.11
C LYS C 174 33.34 -8.88 24.74
N GLN C 175 32.02 -8.80 24.62
CA GLN C 175 31.33 -9.16 23.40
C GLN C 175 31.01 -7.93 22.57
N ALA C 176 30.81 -8.15 21.28
CA ALA C 176 30.37 -7.10 20.39
C ALA C 176 29.51 -7.72 19.30
N SER C 177 28.92 -6.87 18.49
CA SER C 177 27.99 -7.31 17.47
C SER C 177 28.69 -7.30 16.11
N LEU C 178 28.65 -8.42 15.42
CA LEU C 178 29.20 -8.56 14.07
C LEU C 178 28.11 -9.06 13.15
N ASN C 179 27.64 -8.21 12.25
CA ASN C 179 26.55 -8.57 11.33
C ASN C 179 25.37 -9.14 12.09
N GLY C 180 25.06 -8.55 13.23
CA GLY C 180 23.93 -9.01 14.00
C GLY C 180 24.22 -10.17 14.91
N VAL C 181 25.44 -10.69 14.89
CA VAL C 181 25.83 -11.79 15.74
C VAL C 181 26.62 -11.23 16.92
N THR C 182 26.09 -11.43 18.11
CA THR C 182 26.79 -11.00 19.32
C THR C 182 27.74 -12.11 19.72
N LEU C 183 29.01 -11.77 19.91
CA LEU C 183 30.01 -12.79 20.15
C LEU C 183 31.18 -12.22 20.93
N ILE C 184 31.89 -13.11 21.62
CA ILE C 184 33.18 -12.78 22.20
C ILE C 184 34.23 -13.16 21.17
N GLY C 185 34.94 -12.18 20.63
CA GLY C 185 35.76 -12.46 19.47
C GLY C 185 37.00 -13.24 19.85
N GLU C 186 37.37 -14.20 19.01
CA GLU C 186 38.63 -14.90 19.13
C GLU C 186 39.58 -14.65 17.97
N ALA C 187 39.05 -14.59 16.75
CA ALA C 187 39.82 -14.21 15.58
C ALA C 187 39.78 -12.71 15.33
N VAL C 188 38.92 -12.00 16.04
CA VAL C 188 38.76 -10.57 15.88
C VAL C 188 38.57 -10.01 17.28
N LYS C 189 38.99 -8.76 17.48
CA LYS C 189 38.88 -8.15 18.79
C LYS C 189 37.51 -7.52 18.98
N THR C 190 36.83 -7.88 20.07
CA THR C 190 35.53 -7.33 20.39
C THR C 190 35.56 -6.57 21.70
N GLN C 191 36.69 -6.54 22.38
CA GLN C 191 36.84 -5.90 23.67
C GLN C 191 37.40 -4.50 23.42
N PHE C 192 36.61 -3.48 23.69
CA PHE C 192 37.03 -2.11 23.41
C PHE C 192 37.30 -1.32 24.68
N ASN C 193 38.20 -0.36 24.56
CA ASN C 193 38.26 0.74 25.51
C ASN C 193 37.23 1.79 25.12
N TYR C 194 36.62 2.42 26.12
CA TYR C 194 35.64 3.45 25.89
C TYR C 194 36.12 4.78 26.44
N TYR C 195 35.80 5.85 25.73
CA TYR C 195 36.10 7.21 26.15
C TYR C 195 34.92 8.09 25.79
N LYS C 196 34.69 9.13 26.57
CA LYS C 196 33.54 9.99 26.32
C LYS C 196 33.91 11.43 26.61
N LYS C 197 33.45 12.33 25.74
CA LYS C 197 33.63 13.76 25.92
C LYS C 197 32.28 14.45 25.93
N VAL C 198 32.14 15.39 26.85
CA VAL C 198 30.97 16.23 26.94
C VAL C 198 31.46 17.67 27.00
N ASP C 199 31.03 18.48 26.03
CA ASP C 199 31.43 19.88 25.92
C ASP C 199 32.94 20.02 25.97
N GLY C 200 33.61 19.19 25.19
CA GLY C 200 35.05 19.27 25.10
C GLY C 200 35.81 18.69 26.25
N VAL C 201 35.13 18.11 27.24
CA VAL C 201 35.78 17.61 28.45
C VAL C 201 35.65 16.10 28.47
N VAL C 202 36.77 15.41 28.61
CA VAL C 202 36.74 13.95 28.70
C VAL C 202 36.10 13.52 30.01
N GLN C 203 35.17 12.58 29.92
CA GLN C 203 34.47 12.06 31.08
C GLN C 203 35.18 10.83 31.62
N GLN C 204 35.12 10.65 32.93
CA GLN C 204 35.43 9.37 33.55
C GLN C 204 34.17 8.51 33.58
N LEU C 205 34.15 7.47 32.77
CA LEU C 205 32.99 6.61 32.74
C LEU C 205 32.92 5.81 34.05
N PRO C 206 31.73 5.54 34.55
CA PRO C 206 31.62 4.91 35.87
C PRO C 206 31.99 3.44 35.84
N GLU C 207 32.41 2.95 37.00
CA GLU C 207 32.46 1.51 37.22
C GLU C 207 31.10 0.92 36.89
N THR C 208 31.09 -0.20 36.20
CA THR C 208 29.82 -0.76 35.73
C THR C 208 29.93 -2.27 35.59
N TYR C 209 28.82 -2.92 35.89
CA TYR C 209 28.65 -4.28 35.40
C TYR C 209 28.22 -4.23 33.94
N PHE C 210 28.29 -5.38 33.29
CA PHE C 210 27.82 -5.53 31.92
C PHE C 210 26.86 -6.70 31.82
N THR C 211 25.79 -6.52 31.06
CA THR C 211 24.96 -7.66 30.74
C THR C 211 25.68 -8.57 29.74
N GLN C 212 25.21 -9.81 29.67
CA GLN C 212 25.93 -10.84 28.95
C GLN C 212 25.33 -11.13 27.58
N SER C 213 24.13 -10.64 27.31
CA SER C 213 23.55 -10.67 25.96
C SER C 213 23.31 -12.09 25.45
N ARG C 214 22.99 -13.02 26.34
CA ARG C 214 22.71 -14.38 25.89
C ARG C 214 21.24 -14.50 25.54
N ASN C 215 20.87 -15.63 24.95
CA ASN C 215 19.47 -15.89 24.62
C ASN C 215 19.03 -17.23 25.17
N LEU C 216 17.71 -17.43 25.20
CA LEU C 216 17.12 -18.58 25.88
C LEU C 216 17.54 -19.89 25.24
N GLN C 217 17.33 -20.01 23.93
CA GLN C 217 17.44 -21.32 23.29
C GLN C 217 18.88 -21.81 23.29
N GLU C 218 19.85 -20.91 23.15
CA GLU C 218 21.24 -21.29 23.08
C GLU C 218 22.01 -20.81 24.31
N PHE C 219 21.35 -20.77 25.46
CA PHE C 219 22.02 -20.27 26.64
C PHE C 219 23.16 -21.19 27.03
N LYS C 220 24.34 -20.60 27.21
CA LYS C 220 25.53 -21.33 27.59
C LYS C 220 26.11 -20.72 28.87
N PRO C 221 26.37 -21.49 29.90
CA PRO C 221 26.96 -20.92 31.11
C PRO C 221 28.35 -20.39 30.83
N ARG C 222 28.74 -19.34 31.54
CA ARG C 222 30.03 -18.71 31.35
C ARG C 222 30.86 -18.64 32.62
N SER C 223 30.46 -19.33 33.68
CA SER C 223 31.27 -19.42 34.88
C SER C 223 30.89 -20.71 35.58
N GLN C 224 31.73 -21.11 36.55
CA GLN C 224 31.39 -22.30 37.31
C GLN C 224 30.11 -22.11 38.10
N MET C 225 29.89 -20.92 38.64
CA MET C 225 28.65 -20.68 39.36
C MET C 225 27.45 -20.86 38.44
N GLU C 226 27.57 -20.42 37.19
CA GLU C 226 26.46 -20.59 36.27
C GLU C 226 26.31 -22.05 35.88
N ILE C 227 27.44 -22.74 35.71
CA ILE C 227 27.42 -24.18 35.51
C ILE C 227 26.74 -24.86 36.68
N ASP C 228 27.09 -24.44 37.90
CA ASP C 228 26.47 -25.04 39.07
C ASP C 228 24.97 -24.79 39.05
N PHE C 229 24.56 -23.58 38.67
CA PHE C 229 23.13 -23.29 38.62
C PHE C 229 22.40 -24.24 37.69
N LEU C 230 22.97 -24.51 36.52
CA LEU C 230 22.30 -25.39 35.58
C LEU C 230 22.39 -26.84 36.02
N GLU C 231 23.51 -27.23 36.65
CA GLU C 231 23.69 -28.64 36.98
C GLU C 231 23.02 -29.03 38.29
N LEU C 232 23.12 -28.17 39.31
CA LEU C 232 22.65 -28.58 40.62
C LEU C 232 21.15 -28.36 40.75
N ALA C 233 20.56 -29.08 41.69
CA ALA C 233 19.21 -28.80 42.10
C ALA C 233 19.16 -27.45 42.82
N MET C 234 17.95 -26.93 42.95
CA MET C 234 17.77 -25.58 43.47
C MET C 234 18.32 -25.45 44.88
N ASP C 235 17.93 -26.34 45.78
CA ASP C 235 18.37 -26.22 47.16
C ASP C 235 19.87 -26.48 47.30
N GLU C 236 20.39 -27.41 46.51
CA GLU C 236 21.82 -27.69 46.50
C GLU C 236 22.65 -26.47 46.10
N PHE C 237 22.23 -25.76 45.06
CA PHE C 237 23.03 -24.63 44.59
C PHE C 237 23.03 -23.52 45.62
N ILE C 238 21.85 -23.18 46.14
CA ILE C 238 21.74 -22.10 47.12
C ILE C 238 22.54 -22.43 48.36
N GLU C 239 22.58 -23.72 48.72
CA GLU C 239 23.36 -24.16 49.85
C GLU C 239 24.86 -24.04 49.58
N ARG C 240 25.31 -24.45 48.40
CA ARG C 240 26.75 -24.48 48.15
C ARG C 240 27.35 -23.08 48.22
N TYR C 241 26.66 -22.09 47.67
CA TYR C 241 27.13 -20.72 47.67
C TYR C 241 26.52 -19.91 48.79
N LYS C 242 25.87 -20.57 49.74
CA LYS C 242 25.35 -19.95 50.96
C LYS C 242 24.47 -18.74 50.63
N LEU C 243 23.45 -19.00 49.82
CA LEU C 243 22.56 -17.96 49.32
C LEU C 243 21.19 -18.01 49.98
N GLU C 244 21.05 -18.78 51.05
CA GLU C 244 19.80 -18.86 51.80
C GLU C 244 19.33 -17.49 52.28
N GLY C 245 18.05 -17.19 52.09
CA GLY C 245 17.52 -15.93 52.54
C GLY C 245 17.58 -14.81 51.53
N TYR C 246 18.13 -15.07 50.35
CA TYR C 246 18.17 -14.10 49.28
C TYR C 246 17.09 -14.35 48.24
N ALA C 247 16.16 -15.27 48.52
CA ALA C 247 14.98 -15.51 47.70
C ALA C 247 15.32 -15.92 46.28
N PHE C 248 16.40 -16.67 46.09
CA PHE C 248 16.70 -17.16 44.76
C PHE C 248 15.62 -18.10 44.24
N GLU C 249 15.00 -18.85 45.15
CA GLU C 249 13.91 -19.75 44.76
C GLU C 249 12.84 -19.01 43.99
N HIS C 250 12.55 -17.78 44.40
CA HIS C 250 11.57 -16.92 43.76
C HIS C 250 12.19 -16.13 42.62
N ILE C 251 13.24 -15.38 42.92
CA ILE C 251 13.76 -14.38 42.00
C ILE C 251 14.35 -15.03 40.76
N VAL C 252 15.20 -16.04 40.94
CA VAL C 252 15.97 -16.62 39.85
C VAL C 252 15.31 -17.86 39.27
N TYR C 253 14.85 -18.77 40.11
CA TYR C 253 14.28 -20.01 39.61
C TYR C 253 12.87 -19.81 39.07
N GLY C 254 12.14 -18.86 39.62
CA GLY C 254 10.76 -18.62 39.26
C GLY C 254 9.80 -19.45 40.08
N ASP C 255 8.61 -18.88 40.30
CA ASP C 255 7.56 -19.52 41.06
C ASP C 255 6.38 -19.69 40.12
N PHE C 256 6.09 -20.94 39.76
CA PHE C 256 5.06 -21.28 38.80
C PHE C 256 3.84 -21.91 39.44
N SER C 257 3.63 -21.66 40.74
CA SER C 257 2.59 -22.34 41.50
C SER C 257 1.25 -21.62 41.46
N HIS C 258 1.23 -20.34 41.10
CA HIS C 258 0.01 -19.55 41.08
C HIS C 258 -0.29 -19.08 39.66
N SER C 259 -1.51 -18.59 39.50
CA SER C 259 -1.94 -18.14 38.18
C SER C 259 -1.04 -17.03 37.65
N GLN C 260 -0.58 -16.15 38.54
CA GLN C 260 0.43 -15.15 38.18
C GLN C 260 1.82 -15.71 38.44
N LEU C 261 2.66 -15.69 37.42
CA LEU C 261 4.02 -16.20 37.55
C LEU C 261 4.84 -15.33 38.49
N GLY C 262 5.45 -15.93 39.50
CA GLY C 262 6.23 -15.19 40.46
C GLY C 262 7.70 -15.15 40.08
N GLY C 263 8.28 -13.96 40.15
CA GLY C 263 9.70 -13.80 39.95
C GLY C 263 10.16 -14.13 38.54
N LEU C 264 11.28 -14.86 38.47
CA LEU C 264 11.93 -15.25 37.22
C LEU C 264 12.45 -14.03 36.47
N HIS C 265 13.45 -13.35 37.02
CA HIS C 265 13.93 -12.08 36.47
C HIS C 265 15.34 -12.12 35.89
N LEU C 266 16.04 -13.24 35.96
CA LEU C 266 17.39 -13.38 35.43
C LEU C 266 17.35 -14.39 34.30
N LEU C 267 18.01 -14.05 33.19
CA LEU C 267 17.94 -14.91 32.02
C LEU C 267 18.38 -16.33 32.33
N ILE C 268 19.43 -16.49 33.13
CA ILE C 268 19.86 -17.85 33.45
C ILE C 268 18.74 -18.63 34.10
N GLY C 269 17.87 -17.98 34.86
CA GLY C 269 16.77 -18.67 35.47
C GLY C 269 15.72 -19.09 34.47
N LEU C 270 15.46 -18.24 33.48
CA LEU C 270 14.61 -18.65 32.36
C LEU C 270 15.23 -19.80 31.59
N ALA C 271 16.54 -19.75 31.37
CA ALA C 271 17.20 -20.81 30.63
C ALA C 271 17.03 -22.15 31.32
N LYS C 272 17.17 -22.19 32.64
CA LYS C 272 17.03 -23.47 33.32
C LYS C 272 15.63 -24.02 33.19
N ARG C 273 14.61 -23.17 33.37
CA ARG C 273 13.26 -23.66 33.20
C ARG C 273 13.02 -24.07 31.77
N PHE C 274 13.54 -23.29 30.82
CA PHE C 274 13.24 -23.54 29.42
C PHE C 274 13.83 -24.86 28.97
N LYS C 275 15.02 -25.19 29.45
CA LYS C 275 15.67 -26.44 29.06
C LYS C 275 14.91 -27.65 29.57
N GLU C 276 14.10 -27.49 30.61
CA GLU C 276 13.29 -28.57 31.13
C GLU C 276 11.87 -28.51 30.61
N SER C 277 11.35 -27.32 30.38
CA SER C 277 9.93 -27.13 30.10
C SER C 277 9.76 -25.84 29.31
N PRO C 278 9.10 -25.88 28.16
CA PRO C 278 9.03 -24.70 27.32
C PRO C 278 7.96 -23.73 27.79
N PHE C 279 8.14 -22.47 27.42
CA PHE C 279 7.17 -21.43 27.69
C PHE C 279 7.29 -20.36 26.60
N GLU C 280 6.29 -19.51 26.54
CA GLU C 280 6.22 -18.47 25.52
C GLU C 280 6.57 -17.12 26.12
N LEU C 281 7.41 -16.37 25.41
CA LEU C 281 7.79 -15.01 25.79
C LEU C 281 7.40 -14.07 24.67
N GLU C 282 6.41 -13.22 24.93
CA GLU C 282 6.02 -12.19 23.97
C GLU C 282 6.84 -10.94 24.24
N ASP C 283 7.68 -10.57 23.29
CA ASP C 283 8.59 -9.44 23.40
C ASP C 283 7.86 -8.20 22.89
N PHE C 284 7.07 -7.57 23.76
CA PHE C 284 6.11 -6.61 23.27
C PHE C 284 6.70 -5.23 23.01
N ILE C 285 7.93 -4.97 23.43
CA ILE C 285 8.68 -3.80 22.99
C ILE C 285 9.97 -4.28 22.34
N PRO C 286 9.98 -4.62 21.06
CA PRO C 286 11.15 -5.30 20.50
C PRO C 286 12.29 -4.39 20.12
N MET C 287 13.17 -4.11 21.07
CA MET C 287 14.36 -3.32 20.83
C MET C 287 15.46 -3.85 21.74
N ASP C 288 16.68 -3.38 21.51
CA ASP C 288 17.79 -3.74 22.36
C ASP C 288 17.78 -2.84 23.60
N SER C 289 17.74 -3.44 24.79
CA SER C 289 17.88 -2.65 26.00
C SER C 289 18.42 -3.53 27.12
N THR C 290 19.05 -2.88 28.08
CA THR C 290 19.67 -3.58 29.20
C THR C 290 18.65 -4.42 29.97
N VAL C 291 17.48 -3.86 30.26
CA VAL C 291 16.39 -4.63 30.86
C VAL C 291 15.35 -4.91 29.80
N LYS C 292 14.89 -6.14 29.74
CA LYS C 292 13.85 -6.56 28.81
C LYS C 292 12.58 -6.94 29.54
N ASN C 293 11.45 -6.60 28.96
CA ASN C 293 10.14 -6.89 29.53
C ASN C 293 9.43 -7.84 28.60
N TYR C 294 8.91 -8.94 29.15
CA TYR C 294 8.25 -9.97 28.37
C TYR C 294 6.89 -10.29 28.95
N PHE C 295 5.94 -10.54 28.07
CA PHE C 295 4.67 -11.16 28.45
C PHE C 295 4.89 -12.66 28.40
N ILE C 296 4.99 -13.28 29.57
CA ILE C 296 5.42 -14.68 29.68
C ILE C 296 4.22 -15.54 30.01
N THR C 297 4.12 -16.68 29.33
CA THR C 297 3.10 -17.69 29.61
C THR C 297 3.77 -19.03 29.79
N ASP C 298 3.65 -19.62 30.98
CA ASP C 298 4.27 -20.91 31.20
C ASP C 298 3.37 -22.01 30.66
N ALA C 299 3.89 -22.81 29.74
CA ALA C 299 3.06 -23.78 29.04
C ALA C 299 2.68 -24.93 29.95
N GLN C 300 3.57 -25.30 30.88
CA GLN C 300 3.31 -26.46 31.73
C GLN C 300 2.21 -26.20 32.75
N THR C 301 2.22 -25.02 33.36
CA THR C 301 1.33 -24.77 34.49
C THR C 301 0.19 -23.83 34.16
N GLY C 302 0.33 -23.01 33.12
CA GLY C 302 -0.61 -21.94 32.88
C GLY C 302 -0.34 -20.69 33.68
N SER C 303 0.69 -20.70 34.51
CA SER C 303 1.11 -19.48 35.18
C SER C 303 1.64 -18.48 34.17
N SER C 304 1.25 -17.21 34.33
CA SER C 304 1.62 -16.18 33.37
C SER C 304 1.77 -14.86 34.08
N LYS C 305 2.42 -13.91 33.40
CA LYS C 305 2.61 -12.57 33.93
C LYS C 305 2.79 -11.62 32.76
N CYS C 306 2.07 -10.50 32.80
CA CYS C 306 2.04 -9.58 31.66
C CYS C 306 3.36 -8.86 31.48
N VAL C 307 3.98 -8.41 32.57
CA VAL C 307 5.24 -7.70 32.51
C VAL C 307 6.22 -8.41 33.43
N CYS C 308 7.12 -9.20 32.86
CA CYS C 308 8.17 -9.88 33.59
C CYS C 308 9.49 -9.26 33.15
N SER C 309 10.08 -8.45 34.02
CA SER C 309 11.35 -7.80 33.68
C SER C 309 12.50 -8.78 33.87
N VAL C 310 13.35 -8.85 32.85
CA VAL C 310 14.40 -9.86 32.75
C VAL C 310 15.71 -9.16 32.43
N ILE C 311 16.75 -9.48 33.18
CA ILE C 311 18.08 -8.95 32.95
C ILE C 311 19.04 -10.12 32.87
N ASP C 312 20.01 -10.03 31.96
CA ASP C 312 21.02 -11.06 31.80
C ASP C 312 22.34 -10.61 32.41
N LEU C 313 22.45 -10.72 33.72
CA LEU C 313 23.74 -10.58 34.35
C LEU C 313 24.40 -11.94 34.49
N LEU C 314 25.73 -11.95 34.41
CA LEU C 314 26.47 -13.12 34.84
C LEU C 314 26.09 -13.43 36.27
N LEU C 315 25.80 -14.70 36.55
CA LEU C 315 25.28 -15.06 37.86
C LEU C 315 26.21 -14.62 38.98
N ASP C 316 27.53 -14.72 38.77
CA ASP C 316 28.47 -14.28 39.78
C ASP C 316 28.29 -12.80 40.08
N ASP C 317 28.01 -12.02 39.05
CA ASP C 317 27.79 -10.59 39.22
C ASP C 317 26.51 -10.30 39.98
N PHE C 318 25.42 -11.00 39.64
CA PHE C 318 24.16 -10.80 40.33
C PHE C 318 24.25 -11.16 41.80
N VAL C 319 24.99 -12.22 42.14
CA VAL C 319 25.16 -12.57 43.55
C VAL C 319 25.92 -11.48 44.27
N GLU C 320 26.96 -10.94 43.65
CA GLU C 320 27.69 -9.84 44.26
C GLU C 320 26.76 -8.67 44.54
N ILE C 321 25.92 -8.34 43.57
CA ILE C 321 25.02 -7.20 43.72
C ILE C 321 24.06 -7.44 44.88
N ILE C 322 23.38 -8.58 44.88
CA ILE C 322 22.35 -8.82 45.89
C ILE C 322 22.97 -9.00 47.27
N LYS C 323 24.17 -9.57 47.36
CA LYS C 323 24.81 -9.66 48.66
C LYS C 323 25.37 -8.34 49.14
N SER C 324 25.26 -7.28 48.35
CA SER C 324 25.79 -5.99 48.76
C SER C 324 24.67 -5.04 49.14
N GLN C 325 23.48 -5.58 49.38
CA GLN C 325 22.31 -4.80 49.75
C GLN C 325 21.98 -5.04 51.21
N ASP C 326 21.45 -4.01 51.84
CA ASP C 326 20.85 -4.13 53.16
C ASP C 326 19.46 -4.71 53.06
N LEU C 327 19.13 -5.67 53.91
CA LEU C 327 17.88 -6.40 53.75
C LEU C 327 16.91 -6.05 54.88
N SER C 328 17.12 -4.90 55.51
CA SER C 328 16.44 -4.55 56.75
C SER C 328 15.19 -3.72 56.51
N VAL C 329 14.80 -3.49 55.27
CA VAL C 329 13.71 -2.57 54.98
C VAL C 329 12.70 -3.27 54.08
N VAL C 330 11.43 -2.91 54.26
CA VAL C 330 10.36 -3.59 53.54
C VAL C 330 10.54 -3.46 52.05
N SER C 331 10.75 -2.25 51.56
CA SER C 331 10.86 -2.05 50.12
C SER C 331 11.71 -0.83 49.85
N LYS C 332 12.50 -0.89 48.79
CA LYS C 332 13.29 0.26 48.39
C LYS C 332 13.79 0.05 46.98
N VAL C 333 14.26 1.14 46.39
CA VAL C 333 14.84 1.13 45.05
C VAL C 333 16.34 0.99 45.20
N VAL C 334 16.92 0.04 44.48
CA VAL C 334 18.36 -0.16 44.48
C VAL C 334 18.90 0.23 43.12
N LYS C 335 19.94 1.06 43.12
CA LYS C 335 20.58 1.56 41.91
C LYS C 335 21.85 0.76 41.67
N VAL C 336 21.99 0.24 40.46
CA VAL C 336 23.13 -0.56 40.06
C VAL C 336 23.59 -0.02 38.72
N THR C 337 24.84 0.39 38.63
CA THR C 337 25.36 0.85 37.36
C THR C 337 25.64 -0.37 36.49
N ILE C 338 24.96 -0.43 35.35
CA ILE C 338 25.06 -1.54 34.42
C ILE C 338 25.09 -0.99 33.01
N ASP C 339 25.99 -1.48 32.17
CA ASP C 339 26.14 -0.97 30.81
C ASP C 339 26.25 0.55 30.79
N TYR C 340 26.92 1.09 31.79
CA TYR C 340 27.21 2.51 31.95
C TYR C 340 25.98 3.30 32.36
N THR C 341 24.84 2.65 32.56
CA THR C 341 23.65 3.34 33.01
C THR C 341 23.26 2.82 34.38
N GLU C 342 22.52 3.63 35.12
CA GLU C 342 22.01 3.26 36.43
C GLU C 342 20.71 2.50 36.27
N ILE C 343 20.71 1.22 36.58
CA ILE C 343 19.51 0.41 36.53
C ILE C 343 18.88 0.40 37.91
N SER C 344 17.58 0.69 37.98
CA SER C 344 16.82 0.65 39.21
C SER C 344 16.26 -0.75 39.44
N PHE C 345 16.53 -1.29 40.62
CA PHE C 345 15.96 -2.55 41.07
C PHE C 345 14.99 -2.30 42.21
N MET C 346 13.91 -3.07 42.24
CA MET C 346 13.00 -3.04 43.38
C MET C 346 13.45 -4.12 44.35
N LEU C 347 13.69 -3.75 45.60
CA LEU C 347 14.11 -4.70 46.63
C LEU C 347 13.02 -4.78 47.68
N TRP C 348 12.44 -5.96 47.85
CA TRP C 348 11.44 -6.20 48.88
C TRP C 348 11.98 -7.20 49.90
N CYS C 349 11.87 -6.86 51.17
CA CYS C 349 12.40 -7.72 52.22
C CYS C 349 11.36 -7.90 53.30
N LYS C 350 11.49 -9.00 54.03
CA LYS C 350 10.63 -9.26 55.17
C LYS C 350 11.45 -10.01 56.21
N ASP C 351 11.47 -9.50 57.43
CA ASP C 351 12.15 -10.13 58.55
C ASP C 351 13.61 -10.45 58.21
N GLY C 352 14.26 -9.53 57.50
CA GLY C 352 15.66 -9.67 57.20
C GLY C 352 16.00 -10.56 56.02
N HIS C 353 15.01 -11.09 55.33
CA HIS C 353 15.22 -11.89 54.13
C HIS C 353 14.63 -11.19 52.93
N VAL C 354 15.16 -11.49 51.75
CA VAL C 354 14.59 -10.99 50.52
C VAL C 354 13.24 -11.64 50.29
N GLU C 355 12.26 -10.84 49.87
CA GLU C 355 11.02 -11.39 49.31
C GLU C 355 11.06 -11.41 47.79
N THR C 356 11.38 -10.29 47.17
CA THR C 356 11.71 -10.31 45.76
C THR C 356 12.65 -9.18 45.44
N PHE C 357 13.21 -9.22 44.24
CA PHE C 357 14.22 -8.25 43.85
C PHE C 357 14.22 -8.28 42.33
N TYR C 358 13.70 -7.24 41.71
CA TYR C 358 13.59 -7.30 40.26
C TYR C 358 13.92 -5.95 39.66
N PRO C 359 14.48 -5.93 38.46
CA PRO C 359 14.73 -4.66 37.79
C PRO C 359 13.45 -4.08 37.24
N LYS C 360 13.41 -2.76 37.15
CA LYS C 360 12.24 -2.08 36.64
C LYS C 360 12.47 -1.62 35.20
N MET D 16 -21.75 -15.89 -10.50
CA MET D 16 -21.11 -14.61 -10.22
C MET D 16 -19.60 -14.76 -10.15
N SER D 17 -18.88 -13.72 -10.57
CA SER D 17 -17.44 -13.80 -10.74
C SER D 17 -16.91 -12.40 -10.99
N LEU D 18 -15.74 -12.09 -10.42
CA LEU D 18 -15.09 -10.82 -10.70
C LEU D 18 -14.92 -10.57 -12.19
N GLU D 19 -14.41 -11.56 -12.92
CA GLU D 19 -14.16 -11.38 -14.34
C GLU D 19 -15.43 -11.19 -15.15
N ASN D 20 -16.54 -11.79 -14.70
CA ASN D 20 -17.79 -11.55 -15.40
C ASN D 20 -18.29 -10.14 -15.14
N VAL D 21 -18.15 -9.65 -13.91
CA VAL D 21 -18.49 -8.25 -13.63
C VAL D 21 -17.70 -7.33 -14.53
N ALA D 22 -16.40 -7.56 -14.66
CA ALA D 22 -15.59 -6.71 -15.52
C ALA D 22 -16.06 -6.80 -16.97
N PHE D 23 -16.44 -7.99 -17.41
CA PHE D 23 -16.93 -8.12 -18.77
C PHE D 23 -18.15 -7.24 -18.99
N ASN D 24 -19.08 -7.25 -18.04
CA ASN D 24 -20.28 -6.42 -18.18
C ASN D 24 -19.93 -4.94 -18.16
N VAL D 25 -19.01 -4.53 -17.29
CA VAL D 25 -18.62 -3.13 -17.24
C VAL D 25 -18.05 -2.70 -18.58
N VAL D 26 -17.17 -3.53 -19.14
CA VAL D 26 -16.53 -3.18 -20.40
C VAL D 26 -17.54 -3.13 -21.54
N ASN D 27 -18.53 -4.03 -21.52
CA ASN D 27 -19.42 -4.17 -22.67
C ASN D 27 -20.75 -3.47 -22.49
N LYS D 28 -21.18 -3.23 -21.26
CA LYS D 28 -22.50 -2.69 -21.01
C LYS D 28 -22.50 -1.44 -20.15
N GLY D 29 -21.36 -1.01 -19.64
CA GLY D 29 -21.29 0.18 -18.82
C GLY D 29 -21.57 -0.03 -17.36
N HIS D 30 -22.05 -1.21 -16.98
CA HIS D 30 -22.44 -1.55 -15.62
C HIS D 30 -22.76 -3.03 -15.63
N PHE D 31 -23.14 -3.57 -14.48
CA PHE D 31 -23.49 -4.97 -14.43
C PHE D 31 -24.87 -5.16 -15.04
N ASP D 32 -24.94 -6.00 -16.07
CA ASP D 32 -26.16 -6.22 -16.82
C ASP D 32 -26.52 -7.70 -16.91
N GLY D 33 -25.88 -8.55 -16.12
CA GLY D 33 -26.23 -9.95 -16.16
C GLY D 33 -25.80 -10.70 -17.40
N GLN D 34 -24.84 -10.18 -18.17
CA GLN D 34 -24.42 -10.85 -19.39
C GLN D 34 -23.36 -11.88 -19.06
N GLN D 35 -23.33 -12.95 -19.86
CA GLN D 35 -22.31 -13.97 -19.69
C GLN D 35 -21.03 -13.53 -20.38
N GLY D 36 -19.90 -13.84 -19.77
CA GLY D 36 -18.62 -13.54 -20.36
C GLY D 36 -17.59 -13.24 -19.30
N GLU D 37 -16.34 -13.18 -19.73
CA GLU D 37 -15.26 -12.84 -18.83
C GLU D 37 -14.20 -12.06 -19.60
N VAL D 38 -13.50 -11.19 -18.89
CA VAL D 38 -12.31 -10.52 -19.42
C VAL D 38 -11.19 -10.63 -18.39
N PRO D 39 -9.94 -10.51 -18.82
CA PRO D 39 -8.84 -10.59 -17.86
C PRO D 39 -8.78 -9.36 -17.01
N VAL D 40 -8.54 -9.55 -15.72
CA VAL D 40 -8.57 -8.48 -14.74
C VAL D 40 -7.29 -8.51 -13.95
N SER D 41 -6.75 -7.33 -13.66
CA SER D 41 -5.64 -7.19 -12.74
C SER D 41 -6.06 -6.29 -11.59
N ILE D 42 -5.68 -6.66 -10.38
CA ILE D 42 -5.88 -5.80 -9.22
C ILE D 42 -4.51 -5.44 -8.70
N ILE D 43 -4.22 -4.15 -8.64
CA ILE D 43 -2.95 -3.67 -8.10
C ILE D 43 -3.23 -2.45 -7.23
N ASN D 44 -2.77 -2.52 -5.99
CA ASN D 44 -3.19 -1.62 -4.92
C ASN D 44 -4.69 -1.58 -4.80
N ASN D 45 -5.28 -0.42 -5.05
CA ASN D 45 -6.70 -0.18 -4.83
C ASN D 45 -7.39 0.12 -6.15
N THR D 46 -6.84 -0.38 -7.25
CA THR D 46 -7.38 -0.10 -8.57
C THR D 46 -7.59 -1.40 -9.31
N VAL D 47 -8.65 -1.47 -10.09
CA VAL D 47 -8.94 -2.63 -10.92
C VAL D 47 -8.62 -2.29 -12.36
N TYR D 48 -7.84 -3.14 -13.02
CA TYR D 48 -7.52 -2.96 -14.42
C TYR D 48 -8.00 -4.14 -15.21
N THR D 49 -8.24 -3.91 -16.49
CA THR D 49 -8.46 -4.98 -17.44
C THR D 49 -7.56 -4.77 -18.64
N LYS D 50 -7.20 -5.86 -19.30
CA LYS D 50 -6.28 -5.79 -20.42
C LYS D 50 -7.15 -5.61 -21.64
N VAL D 51 -6.93 -4.52 -22.37
CA VAL D 51 -7.69 -4.22 -23.58
C VAL D 51 -6.70 -4.06 -24.72
N ASP D 52 -6.71 -5.02 -25.64
CA ASP D 52 -5.84 -5.01 -26.80
C ASP D 52 -4.39 -4.78 -26.40
N GLY D 53 -3.94 -5.58 -25.44
CA GLY D 53 -2.55 -5.63 -25.05
C GLY D 53 -2.10 -4.61 -24.02
N VAL D 54 -2.98 -3.70 -23.62
CA VAL D 54 -2.63 -2.72 -22.60
C VAL D 54 -3.67 -2.73 -21.49
N ASP D 55 -3.24 -2.29 -20.31
CA ASP D 55 -4.10 -2.28 -19.15
C ASP D 55 -4.87 -0.97 -19.08
N VAL D 56 -6.17 -1.06 -18.84
CA VAL D 56 -7.04 0.09 -18.74
C VAL D 56 -7.69 0.07 -17.38
N GLU D 57 -7.63 1.19 -16.67
CA GLU D 57 -8.23 1.26 -15.34
C GLU D 57 -9.75 1.26 -15.46
N LEU D 58 -10.39 0.37 -14.72
CA LEU D 58 -11.85 0.33 -14.72
C LEU D 58 -12.46 0.94 -13.47
N PHE D 59 -11.76 0.92 -12.35
CA PHE D 59 -12.36 1.32 -11.09
C PHE D 59 -11.27 1.57 -10.08
N GLU D 60 -11.34 2.71 -9.41
CA GLU D 60 -10.44 3.03 -8.30
C GLU D 60 -11.26 3.04 -7.02
N ASN D 61 -10.88 2.22 -6.06
CA ASN D 61 -11.67 2.10 -4.85
C ASN D 61 -11.39 3.28 -3.93
N LYS D 62 -12.43 4.06 -3.67
CA LYS D 62 -12.36 5.16 -2.71
C LYS D 62 -13.13 4.83 -1.45
N THR D 63 -13.68 3.62 -1.37
CA THR D 63 -14.44 3.15 -0.23
C THR D 63 -13.51 2.48 0.77
N THR D 64 -14.06 2.08 1.92
CA THR D 64 -13.36 1.28 2.89
C THR D 64 -13.61 -0.21 2.73
N LEU D 65 -14.24 -0.62 1.66
CA LEU D 65 -14.42 -2.03 1.37
C LEU D 65 -13.23 -2.58 0.60
N PRO D 66 -13.09 -3.91 0.56
CA PRO D 66 -12.06 -4.51 -0.30
C PRO D 66 -12.29 -4.13 -1.75
N VAL D 67 -11.19 -3.94 -2.47
CA VAL D 67 -11.28 -3.42 -3.84
C VAL D 67 -12.18 -4.29 -4.69
N ASN D 68 -12.06 -5.62 -4.60
CA ASN D 68 -12.89 -6.43 -5.47
C ASN D 68 -14.35 -6.39 -5.05
N VAL D 69 -14.61 -6.14 -3.77
CA VAL D 69 -15.98 -6.05 -3.30
C VAL D 69 -16.60 -4.72 -3.70
N ALA D 70 -15.88 -3.62 -3.48
CA ALA D 70 -16.37 -2.32 -3.90
C ALA D 70 -16.64 -2.30 -5.39
N PHE D 71 -15.78 -2.93 -6.18
CA PHE D 71 -15.98 -2.97 -7.62
C PHE D 71 -17.30 -3.64 -7.97
N GLU D 72 -17.62 -4.75 -7.32
CA GLU D 72 -18.87 -5.44 -7.63
C GLU D 72 -20.07 -4.61 -7.23
N LEU D 73 -20.03 -3.99 -6.05
CA LEU D 73 -21.15 -3.15 -5.64
C LEU D 73 -21.30 -1.94 -6.56
N TRP D 74 -20.18 -1.32 -6.93
CA TRP D 74 -20.23 -0.21 -7.87
C TRP D 74 -20.83 -0.63 -9.21
N ALA D 75 -20.40 -1.75 -9.75
CA ALA D 75 -20.93 -2.18 -11.04
C ALA D 75 -22.41 -2.48 -10.99
N LYS D 76 -22.91 -2.88 -9.83
CA LYS D 76 -24.33 -3.21 -9.68
C LYS D 76 -25.16 -2.06 -9.14
N ARG D 77 -24.64 -0.84 -9.17
CA ARG D 77 -25.39 0.30 -8.64
C ARG D 77 -26.68 0.48 -9.41
N ASN D 78 -27.68 1.04 -8.75
CA ASN D 78 -28.94 1.36 -9.41
C ASN D 78 -28.76 2.53 -10.37
N ILE D 79 -29.16 2.34 -11.63
CA ILE D 79 -28.99 3.37 -12.66
C ILE D 79 -30.33 3.95 -13.11
N LYS D 80 -31.37 3.80 -12.35
CA LYS D 80 -32.61 4.52 -12.56
C LYS D 80 -32.68 5.68 -11.59
N PRO D 81 -33.60 6.63 -11.79
CA PRO D 81 -33.75 7.68 -10.79
C PRO D 81 -34.14 7.08 -9.45
N VAL D 82 -33.44 7.50 -8.40
CA VAL D 82 -33.70 7.03 -7.04
C VAL D 82 -33.73 8.23 -6.12
N PRO D 83 -34.35 8.09 -4.96
CA PRO D 83 -34.33 9.17 -3.98
C PRO D 83 -32.90 9.57 -3.65
N GLU D 84 -32.69 10.86 -3.45
CA GLU D 84 -31.39 11.29 -2.96
C GLU D 84 -31.10 10.64 -1.63
N VAL D 85 -29.82 10.39 -1.37
CA VAL D 85 -29.43 9.66 -0.17
C VAL D 85 -29.88 10.38 1.09
N LYS D 86 -29.87 11.72 1.07
CA LYS D 86 -30.30 12.44 2.26
C LYS D 86 -31.74 12.12 2.62
N ILE D 87 -32.61 11.89 1.64
CA ILE D 87 -33.98 11.52 1.95
C ILE D 87 -34.03 10.15 2.62
N LEU D 88 -33.33 9.18 2.04
CA LEU D 88 -33.33 7.84 2.61
C LEU D 88 -32.75 7.83 4.02
N ASN D 89 -31.66 8.55 4.24
CA ASN D 89 -31.11 8.62 5.59
C ASN D 89 -32.13 9.19 6.55
N ASN D 90 -32.77 10.28 6.16
CA ASN D 90 -33.74 10.94 7.02
C ASN D 90 -34.92 10.02 7.31
N LEU D 91 -35.26 9.14 6.38
CA LEU D 91 -36.34 8.21 6.60
C LEU D 91 -35.92 6.97 7.35
N GLY D 92 -34.66 6.88 7.76
CA GLY D 92 -34.23 5.75 8.54
C GLY D 92 -33.99 4.49 7.76
N VAL D 93 -33.77 4.59 6.44
CA VAL D 93 -33.52 3.40 5.64
C VAL D 93 -32.19 2.78 6.05
N ASP D 94 -32.20 1.48 6.31
CA ASP D 94 -30.98 0.76 6.69
C ASP D 94 -30.33 0.01 5.55
N ILE D 95 -31.09 -0.42 4.55
CA ILE D 95 -30.61 -1.38 3.58
C ILE D 95 -31.60 -1.38 2.42
N ALA D 96 -31.14 -1.81 1.25
CA ALA D 96 -32.00 -1.82 0.07
C ALA D 96 -32.32 -3.23 -0.37
N ALA D 97 -33.54 -3.43 -0.85
CA ALA D 97 -33.98 -4.72 -1.34
C ALA D 97 -33.49 -4.92 -2.77
N ASN D 98 -32.48 -5.77 -2.93
CA ASN D 98 -32.07 -6.30 -4.23
C ASN D 98 -31.55 -5.20 -5.16
N THR D 99 -30.88 -4.21 -4.59
CA THR D 99 -30.24 -3.17 -5.38
C THR D 99 -29.15 -2.54 -4.54
N VAL D 100 -28.32 -1.74 -5.18
CA VAL D 100 -27.32 -0.94 -4.50
C VAL D 100 -27.62 0.53 -4.78
N ILE D 101 -27.84 1.30 -3.71
CA ILE D 101 -27.91 2.74 -3.82
C ILE D 101 -26.49 3.27 -3.69
N TRP D 102 -25.91 3.73 -4.79
CA TRP D 102 -24.57 4.27 -4.74
C TRP D 102 -24.62 5.72 -4.27
N ASP D 103 -23.81 6.06 -3.27
CA ASP D 103 -23.79 7.40 -2.69
C ASP D 103 -22.68 8.17 -3.40
N TYR D 104 -23.05 8.98 -4.39
CA TYR D 104 -22.04 9.64 -5.19
C TYR D 104 -21.31 10.77 -4.47
N LYS D 105 -21.90 11.33 -3.40
CA LYS D 105 -21.17 12.34 -2.63
C LYS D 105 -20.02 11.73 -1.87
N ARG D 106 -20.16 10.49 -1.42
CA ARG D 106 -19.12 9.80 -0.69
C ARG D 106 -18.35 8.85 -1.57
N ASP D 107 -18.78 8.66 -2.81
CA ASP D 107 -18.23 7.68 -3.73
C ASP D 107 -18.15 6.30 -3.09
N ALA D 108 -19.26 5.88 -2.52
CA ALA D 108 -19.32 4.64 -1.76
C ALA D 108 -20.77 4.23 -1.69
N PRO D 109 -21.05 2.97 -1.35
CA PRO D 109 -22.45 2.56 -1.18
C PRO D 109 -23.09 3.37 -0.07
N ALA D 110 -24.36 3.69 -0.28
CA ALA D 110 -25.10 4.41 0.74
C ALA D 110 -25.38 3.55 1.95
N HIS D 111 -25.38 2.23 1.79
CA HIS D 111 -25.72 1.34 2.89
C HIS D 111 -24.62 0.29 3.03
N ILE D 112 -24.38 -0.10 4.27
CA ILE D 112 -23.25 -0.97 4.56
C ILE D 112 -23.49 -2.40 4.07
N SER D 113 -24.74 -2.87 4.13
CA SER D 113 -25.06 -4.25 3.81
C SER D 113 -25.99 -4.27 2.61
N THR D 114 -26.19 -5.47 2.07
CA THR D 114 -27.03 -5.65 0.90
C THR D 114 -27.95 -6.84 1.13
N ILE D 115 -28.95 -6.96 0.28
CA ILE D 115 -29.85 -8.09 0.27
C ILE D 115 -29.85 -8.65 -1.14
N GLY D 116 -29.30 -9.84 -1.31
CA GLY D 116 -29.37 -10.46 -2.61
C GLY D 116 -28.58 -9.77 -3.70
N VAL D 117 -27.45 -9.17 -3.36
CA VAL D 117 -26.62 -8.44 -4.32
C VAL D 117 -25.27 -9.10 -4.50
N CYS D 118 -24.60 -9.43 -3.40
CA CYS D 118 -23.18 -9.73 -3.47
C CYS D 118 -22.86 -10.66 -2.31
N SER D 119 -22.12 -11.73 -2.60
CA SER D 119 -21.94 -12.77 -1.60
C SER D 119 -21.12 -12.30 -0.41
N MET D 120 -20.18 -11.39 -0.63
CA MET D 120 -19.39 -10.92 0.50
C MET D 120 -20.19 -10.01 1.40
N THR D 121 -21.15 -9.26 0.86
CA THR D 121 -21.88 -8.28 1.63
C THR D 121 -23.32 -8.65 1.92
N ASP D 122 -23.86 -9.68 1.28
CA ASP D 122 -25.26 -10.03 1.51
C ASP D 122 -25.45 -10.43 2.96
N ILE D 123 -26.53 -9.93 3.57
CA ILE D 123 -27.01 -10.51 4.81
C ILE D 123 -28.19 -11.42 4.59
N ALA D 124 -28.75 -11.46 3.40
CA ALA D 124 -29.89 -12.28 3.06
C ALA D 124 -30.01 -12.28 1.55
N LYS D 125 -30.71 -13.27 1.01
CA LYS D 125 -30.97 -13.22 -0.42
C LYS D 125 -32.28 -12.53 -0.71
N LYS D 126 -33.24 -12.60 0.20
CA LYS D 126 -34.52 -11.96 0.03
C LYS D 126 -34.85 -11.18 1.29
N PRO D 127 -35.57 -10.07 1.18
CA PRO D 127 -35.91 -9.26 2.35
C PRO D 127 -36.93 -9.89 3.27
N THR D 128 -37.51 -11.04 2.91
CA THR D 128 -38.45 -11.71 3.80
C THR D 128 -37.79 -12.54 4.89
N GLU D 129 -36.47 -12.70 4.86
CA GLU D 129 -35.81 -13.46 5.89
C GLU D 129 -35.81 -12.72 7.21
N THR D 130 -35.72 -13.48 8.30
CA THR D 130 -35.93 -12.92 9.63
C THR D 130 -34.86 -11.90 9.97
N ILE D 131 -33.64 -12.07 9.45
CA ILE D 131 -32.58 -11.13 9.75
C ILE D 131 -32.89 -9.74 9.24
N CYS D 132 -33.75 -9.63 8.24
CA CYS D 132 -34.11 -8.34 7.68
C CYS D 132 -35.25 -7.68 8.43
N ALA D 133 -36.01 -8.44 9.20
CA ALA D 133 -37.19 -7.92 9.88
C ALA D 133 -36.93 -6.69 10.73
N PRO D 134 -35.92 -6.63 11.59
CA PRO D 134 -35.71 -5.41 12.38
C PRO D 134 -35.15 -4.23 11.60
N LEU D 135 -34.62 -4.44 10.40
CA LEU D 135 -34.06 -3.33 9.65
C LEU D 135 -35.14 -2.62 8.87
N THR D 136 -34.96 -1.30 8.70
CA THR D 136 -35.87 -0.55 7.85
C THR D 136 -35.36 -0.70 6.42
N VAL D 137 -36.03 -1.53 5.66
CA VAL D 137 -35.60 -1.90 4.32
C VAL D 137 -36.28 -0.99 3.33
N PHE D 138 -35.51 -0.49 2.37
CA PHE D 138 -36.04 0.33 1.29
C PHE D 138 -36.55 -0.55 0.15
N PHE D 139 -37.83 -0.41 -0.18
CA PHE D 139 -38.44 -1.15 -1.27
C PHE D 139 -38.80 -0.17 -2.37
N ASP D 140 -38.68 -0.62 -3.61
CA ASP D 140 -38.87 0.22 -4.79
C ASP D 140 -40.02 -0.34 -5.59
N GLY D 141 -41.17 0.34 -5.52
CA GLY D 141 -42.37 -0.11 -6.19
C GLY D 141 -42.26 -0.21 -7.70
N ARG D 142 -41.22 0.35 -8.31
CA ARG D 142 -41.04 0.17 -9.75
C ARG D 142 -40.58 -1.22 -10.10
N VAL D 143 -40.03 -1.95 -9.16
CA VAL D 143 -39.58 -3.31 -9.38
C VAL D 143 -40.74 -4.24 -9.05
N ASP D 144 -40.99 -5.22 -9.91
CA ASP D 144 -42.11 -6.13 -9.71
C ASP D 144 -42.03 -6.85 -8.38
N GLY D 145 -43.17 -6.94 -7.71
CA GLY D 145 -43.28 -7.69 -6.48
C GLY D 145 -42.94 -6.92 -5.23
N GLN D 146 -42.25 -5.78 -5.34
CA GLN D 146 -41.75 -5.13 -4.15
C GLN D 146 -42.84 -4.41 -3.38
N VAL D 147 -43.88 -3.94 -4.04
CA VAL D 147 -44.99 -3.36 -3.28
C VAL D 147 -45.59 -4.39 -2.32
N ASP D 148 -45.79 -5.61 -2.80
CA ASP D 148 -46.38 -6.61 -1.92
C ASP D 148 -45.42 -7.05 -0.84
N LEU D 149 -44.12 -7.05 -1.14
CA LEU D 149 -43.13 -7.27 -0.10
C LEU D 149 -43.23 -6.20 0.97
N PHE D 150 -43.46 -4.96 0.55
CA PHE D 150 -43.64 -3.89 1.52
C PHE D 150 -44.87 -4.13 2.39
N ARG D 151 -45.96 -4.63 1.82
CA ARG D 151 -47.15 -4.85 2.62
C ARG D 151 -46.89 -5.89 3.71
N ASN D 152 -45.95 -6.79 3.47
CA ASN D 152 -45.62 -7.85 4.41
C ASN D 152 -44.42 -7.53 5.29
N ALA D 153 -43.61 -6.56 4.92
CA ALA D 153 -42.41 -6.32 5.70
C ALA D 153 -42.77 -5.65 7.02
N ARG D 154 -41.96 -5.93 8.04
CA ARG D 154 -42.18 -5.35 9.35
C ARG D 154 -41.76 -3.90 9.41
N ASN D 155 -40.64 -3.57 8.80
CA ASN D 155 -40.09 -2.22 8.79
C ASN D 155 -39.69 -1.95 7.36
N GLY D 156 -40.09 -0.81 6.82
CA GLY D 156 -39.80 -0.57 5.42
C GLY D 156 -40.16 0.84 5.00
N VAL D 157 -39.56 1.25 3.88
CA VAL D 157 -39.95 2.46 3.17
C VAL D 157 -40.19 2.08 1.72
N LEU D 158 -41.28 2.57 1.15
CA LEU D 158 -41.64 2.21 -0.21
C LEU D 158 -41.80 3.49 -1.00
N ILE D 159 -41.21 3.54 -2.19
CA ILE D 159 -41.51 4.60 -3.14
C ILE D 159 -42.23 3.98 -4.31
N THR D 160 -43.14 4.76 -4.88
CA THR D 160 -43.81 4.38 -6.11
C THR D 160 -43.97 5.61 -6.96
N GLU D 161 -44.27 5.37 -8.22
CA GLU D 161 -44.57 6.42 -9.15
C GLU D 161 -46.05 6.75 -9.17
N GLY D 162 -46.87 5.88 -8.61
CA GLY D 162 -48.30 6.10 -8.58
C GLY D 162 -48.95 5.61 -7.31
N SER D 163 -50.26 5.48 -7.33
CA SER D 163 -51.02 5.12 -6.14
C SER D 163 -50.78 3.68 -5.69
N VAL D 164 -50.88 3.48 -4.38
CA VAL D 164 -50.87 2.16 -3.77
C VAL D 164 -52.22 1.96 -3.08
N LYS D 165 -52.87 0.85 -3.38
CA LYS D 165 -54.21 0.62 -2.86
C LYS D 165 -54.22 0.60 -1.34
N GLY D 166 -55.07 1.42 -0.75
CA GLY D 166 -55.25 1.42 0.69
C GLY D 166 -54.20 2.13 1.49
N LEU D 167 -53.29 2.85 0.86
CA LEU D 167 -52.25 3.57 1.57
C LEU D 167 -52.27 5.03 1.15
N GLN D 168 -52.27 5.92 2.13
CA GLN D 168 -52.13 7.33 1.82
C GLN D 168 -50.67 7.66 1.55
N PRO D 169 -50.36 8.29 0.43
CA PRO D 169 -48.97 8.62 0.11
C PRO D 169 -48.57 9.98 0.66
N SER D 170 -47.28 10.14 0.89
CA SER D 170 -46.67 11.43 1.11
C SER D 170 -45.89 11.78 -0.14
N VAL D 171 -46.20 12.91 -0.76
CA VAL D 171 -45.56 13.29 -1.99
C VAL D 171 -44.14 13.75 -1.71
N GLY D 172 -43.18 13.11 -2.36
CA GLY D 172 -41.78 13.39 -2.13
C GLY D 172 -41.33 14.58 -2.95
N PRO D 173 -40.04 14.84 -2.93
CA PRO D 173 -39.50 15.96 -3.70
C PRO D 173 -39.67 15.75 -5.19
N LYS D 174 -39.54 16.85 -5.92
CA LYS D 174 -39.66 16.80 -7.38
C LYS D 174 -38.44 16.17 -8.03
N GLN D 175 -37.27 16.30 -7.42
CA GLN D 175 -36.02 15.86 -8.01
C GLN D 175 -35.61 14.50 -7.47
N ALA D 176 -34.78 13.81 -8.24
CA ALA D 176 -34.21 12.56 -7.81
C ALA D 176 -32.82 12.43 -8.41
N SER D 177 -32.10 11.40 -8.01
CA SER D 177 -30.73 11.21 -8.45
C SER D 177 -30.69 10.13 -9.52
N LEU D 178 -30.09 10.46 -10.65
CA LEU D 178 -29.90 9.51 -11.75
C LEU D 178 -28.42 9.46 -12.08
N ASN D 179 -27.77 8.35 -11.77
CA ASN D 179 -26.33 8.20 -12.01
C ASN D 179 -25.55 9.37 -11.42
N GLY D 180 -25.96 9.80 -10.23
CA GLY D 180 -25.25 10.87 -9.58
C GLY D 180 -25.70 12.25 -10.01
N VAL D 181 -26.62 12.35 -10.96
CA VAL D 181 -27.13 13.62 -11.43
C VAL D 181 -28.47 13.87 -10.76
N THR D 182 -28.56 14.94 -9.98
CA THR D 182 -29.82 15.31 -9.35
C THR D 182 -30.59 16.17 -10.33
N LEU D 183 -31.83 15.79 -10.61
CA LEU D 183 -32.58 16.46 -11.65
C LEU D 183 -34.07 16.35 -11.39
N ILE D 184 -34.81 17.30 -11.95
CA ILE D 184 -36.26 17.20 -12.02
C ILE D 184 -36.59 16.55 -13.36
N GLY D 185 -37.14 15.34 -13.32
CA GLY D 185 -37.24 14.57 -14.55
C GLY D 185 -38.33 15.12 -15.45
N GLU D 186 -38.03 15.14 -16.75
CA GLU D 186 -39.02 15.46 -17.77
C GLU D 186 -39.33 14.29 -18.68
N ALA D 187 -38.31 13.53 -19.07
CA ALA D 187 -38.50 12.30 -19.83
C ALA D 187 -38.65 11.09 -18.93
N VAL D 188 -38.41 11.25 -17.64
CA VAL D 188 -38.50 10.17 -16.67
C VAL D 188 -39.11 10.77 -15.42
N LYS D 189 -39.83 9.96 -14.67
CA LYS D 189 -40.49 10.44 -13.46
C LYS D 189 -39.54 10.41 -12.29
N THR D 190 -39.40 11.55 -11.61
CA THR D 190 -38.56 11.66 -10.42
C THR D 190 -39.37 12.02 -9.20
N GLN D 191 -40.67 12.22 -9.35
CA GLN D 191 -41.54 12.62 -8.26
C GLN D 191 -42.19 11.36 -7.72
N PHE D 192 -41.87 10.98 -6.48
CA PHE D 192 -42.38 9.75 -5.91
C PHE D 192 -43.38 10.01 -4.79
N ASN D 193 -44.30 9.07 -4.63
CA ASN D 193 -45.02 8.93 -3.39
C ASN D 193 -44.19 8.15 -2.40
N TYR D 194 -44.27 8.52 -1.12
CA TYR D 194 -43.54 7.83 -0.08
C TYR D 194 -44.49 7.19 0.91
N TYR D 195 -44.11 6.01 1.40
CA TYR D 195 -44.86 5.28 2.42
C TYR D 195 -43.86 4.68 3.37
N LYS D 196 -44.25 4.52 4.63
CA LYS D 196 -43.34 3.98 5.62
C LYS D 196 -44.09 3.10 6.58
N LYS D 197 -43.48 1.98 6.94
CA LYS D 197 -44.01 1.06 7.92
C LYS D 197 -43.01 0.87 9.04
N VAL D 198 -43.53 0.86 10.27
CA VAL D 198 -42.74 0.57 11.46
C VAL D 198 -43.49 -0.50 12.23
N ASP D 199 -42.83 -1.63 12.45
CA ASP D 199 -43.42 -2.76 13.16
C ASP D 199 -44.75 -3.15 12.56
N GLY D 200 -44.79 -3.24 11.24
CA GLY D 200 -45.99 -3.66 10.55
C GLY D 200 -47.07 -2.61 10.43
N VAL D 201 -46.84 -1.39 10.92
CA VAL D 201 -47.86 -0.36 10.93
C VAL D 201 -47.43 0.74 9.97
N VAL D 202 -48.31 1.09 9.04
CA VAL D 202 -48.03 2.18 8.11
C VAL D 202 -48.01 3.51 8.86
N GLN D 203 -46.98 4.30 8.61
CA GLN D 203 -46.83 5.60 9.23
C GLN D 203 -47.42 6.68 8.35
N GLN D 204 -47.96 7.72 8.99
CA GLN D 204 -48.25 8.97 8.31
C GLN D 204 -47.01 9.85 8.34
N LEU D 205 -46.39 10.03 7.18
CA LEU D 205 -45.20 10.86 7.15
C LEU D 205 -45.60 12.32 7.34
N PRO D 206 -44.77 13.10 8.02
CA PRO D 206 -45.16 14.47 8.37
C PRO D 206 -45.15 15.40 7.18
N GLU D 207 -45.96 16.46 7.28
CA GLU D 207 -45.81 17.59 6.39
C GLU D 207 -44.37 18.06 6.47
N THR D 208 -43.79 18.38 5.32
CA THR D 208 -42.38 18.71 5.28
C THR D 208 -42.08 19.67 4.13
N TYR D 209 -41.13 20.55 4.37
CA TYR D 209 -40.46 21.20 3.26
C TYR D 209 -39.42 20.26 2.69
N PHE D 210 -38.92 20.60 1.50
CA PHE D 210 -37.84 19.87 0.87
C PHE D 210 -36.73 20.82 0.47
N THR D 211 -35.49 20.40 0.68
CA THR D 211 -34.39 21.15 0.12
C THR D 211 -34.33 20.96 -1.38
N GLN D 212 -33.63 21.87 -2.05
CA GLN D 212 -33.69 21.96 -3.49
C GLN D 212 -32.48 21.36 -4.17
N SER D 213 -31.41 21.07 -3.41
CA SER D 213 -30.28 20.30 -3.90
C SER D 213 -29.53 20.99 -5.03
N ARG D 214 -29.48 22.31 -5.03
CA ARG D 214 -28.75 23.01 -6.07
C ARG D 214 -27.29 23.17 -5.65
N ASN D 215 -26.46 23.63 -6.57
CA ASN D 215 -25.06 23.87 -6.26
C ASN D 215 -24.66 25.29 -6.67
N LEU D 216 -23.50 25.72 -6.16
CA LEU D 216 -23.08 27.11 -6.28
C LEU D 216 -22.86 27.49 -7.73
N GLN D 217 -22.04 26.72 -8.44
CA GLN D 217 -21.55 27.19 -9.73
C GLN D 217 -22.66 27.23 -10.76
N GLU D 218 -23.62 26.31 -10.68
CA GLU D 218 -24.70 26.23 -11.64
C GLU D 218 -26.03 26.58 -11.01
N PHE D 219 -26.03 27.48 -10.03
CA PHE D 219 -27.27 27.80 -9.34
C PHE D 219 -28.24 28.46 -10.31
N LYS D 220 -29.45 27.93 -10.36
CA LYS D 220 -30.50 28.46 -11.21
C LYS D 220 -31.73 28.77 -10.37
N PRO D 221 -32.28 29.98 -10.45
CA PRO D 221 -33.48 30.27 -9.67
C PRO D 221 -34.64 29.42 -10.13
N ARG D 222 -35.53 29.10 -9.19
CA ARG D 222 -36.69 28.25 -9.48
C ARG D 222 -38.01 28.89 -9.13
N SER D 223 -38.03 30.19 -8.82
CA SER D 223 -39.27 30.91 -8.61
C SER D 223 -39.01 32.37 -8.92
N GLN D 224 -40.09 33.13 -9.05
CA GLN D 224 -39.93 34.55 -9.28
C GLN D 224 -39.24 35.23 -8.11
N MET D 225 -39.56 34.81 -6.88
CA MET D 225 -38.89 35.40 -5.73
C MET D 225 -37.39 35.14 -5.80
N GLU D 226 -37.00 33.94 -6.24
CA GLU D 226 -35.57 33.67 -6.34
C GLU D 226 -34.95 34.45 -7.48
N ILE D 227 -35.70 34.59 -8.58
CA ILE D 227 -35.28 35.46 -9.67
C ILE D 227 -35.11 36.88 -9.16
N ASP D 228 -36.08 37.35 -8.37
CA ASP D 228 -35.98 38.70 -7.83
C ASP D 228 -34.74 38.81 -6.96
N PHE D 229 -34.46 37.80 -6.15
CA PHE D 229 -33.29 37.86 -5.29
C PHE D 229 -32.02 38.04 -6.11
N LEU D 230 -31.90 37.31 -7.21
CA LEU D 230 -30.68 37.43 -8.01
C LEU D 230 -30.66 38.73 -8.81
N GLU D 231 -31.84 39.20 -9.25
CA GLU D 231 -31.86 40.36 -10.12
C GLU D 231 -31.81 41.67 -9.33
N LEU D 232 -32.57 41.75 -8.24
CA LEU D 232 -32.71 43.02 -7.56
C LEU D 232 -31.53 43.28 -6.63
N ALA D 233 -31.33 44.55 -6.32
CA ALA D 233 -30.43 44.91 -5.24
C ALA D 233 -31.01 44.46 -3.92
N MET D 234 -30.14 44.44 -2.90
CA MET D 234 -30.51 43.88 -1.61
C MET D 234 -31.69 44.64 -1.00
N ASP D 235 -31.60 45.96 -0.92
CA ASP D 235 -32.66 46.74 -0.29
C ASP D 235 -33.94 46.71 -1.10
N GLU D 236 -33.82 46.71 -2.42
CA GLU D 236 -34.99 46.59 -3.29
C GLU D 236 -35.76 45.30 -3.08
N PHE D 237 -35.06 44.17 -2.98
CA PHE D 237 -35.75 42.90 -2.85
C PHE D 237 -36.48 42.82 -1.51
N ILE D 238 -35.80 43.19 -0.43
CA ILE D 238 -36.38 43.11 0.90
C ILE D 238 -37.59 44.03 0.98
N GLU D 239 -37.52 45.16 0.28
CA GLU D 239 -38.63 46.10 0.22
C GLU D 239 -39.81 45.51 -0.55
N ARG D 240 -39.54 44.90 -1.70
CA ARG D 240 -40.65 44.44 -2.54
C ARG D 240 -41.49 43.40 -1.84
N TYR D 241 -40.86 42.47 -1.14
CA TYR D 241 -41.54 41.40 -0.43
C TYR D 241 -41.73 41.72 1.04
N LYS D 242 -41.48 42.98 1.42
CA LYS D 242 -41.75 43.48 2.76
C LYS D 242 -41.09 42.59 3.83
N LEU D 243 -39.78 42.43 3.69
CA LEU D 243 -39.00 41.55 4.54
C LEU D 243 -38.14 42.32 5.52
N GLU D 244 -38.37 43.62 5.68
CA GLU D 244 -37.63 44.45 6.62
C GLU D 244 -37.76 43.91 8.04
N GLY D 245 -36.64 43.85 8.76
CA GLY D 245 -36.66 43.37 10.12
C GLY D 245 -36.46 41.89 10.29
N TYR D 246 -36.32 41.15 9.20
CA TYR D 246 -36.05 39.73 9.25
C TYR D 246 -34.57 39.42 9.03
N ALA D 247 -33.72 40.45 9.00
CA ALA D 247 -32.27 40.30 8.94
C ALA D 247 -31.81 39.55 7.71
N PHE D 248 -32.49 39.72 6.57
CA PHE D 248 -32.01 39.09 5.36
C PHE D 248 -30.64 39.62 4.95
N GLU D 249 -30.37 40.90 5.23
CA GLU D 249 -29.07 41.48 4.93
C GLU D 249 -27.95 40.65 5.51
N HIS D 250 -28.15 40.15 6.72
CA HIS D 250 -27.20 39.32 7.42
C HIS D 250 -27.34 37.85 7.02
N ILE D 251 -28.55 37.31 7.20
CA ILE D 251 -28.77 35.87 7.12
C ILE D 251 -28.54 35.35 5.71
N VAL D 252 -29.13 36.01 4.72
CA VAL D 252 -29.15 35.51 3.36
C VAL D 252 -28.06 36.12 2.50
N TYR D 253 -27.87 37.43 2.57
CA TYR D 253 -26.88 38.07 1.71
C TYR D 253 -25.46 37.86 2.23
N GLY D 254 -25.30 37.72 3.53
CA GLY D 254 -24.00 37.59 4.15
C GLY D 254 -23.40 38.93 4.50
N ASP D 255 -22.61 38.92 5.58
CA ASP D 255 -21.94 40.13 6.06
C ASP D 255 -20.44 39.85 5.98
N PHE D 256 -19.77 40.53 5.07
CA PHE D 256 -18.35 40.32 4.80
C PHE D 256 -17.49 41.47 5.30
N SER D 257 -17.98 42.21 6.29
CA SER D 257 -17.30 43.41 6.75
C SER D 257 -16.29 43.16 7.85
N HIS D 258 -16.38 42.03 8.54
CA HIS D 258 -15.50 41.72 9.65
C HIS D 258 -14.66 40.49 9.33
N SER D 259 -13.64 40.27 10.15
CA SER D 259 -12.74 39.15 9.94
C SER D 259 -13.50 37.84 9.96
N GLN D 260 -14.50 37.73 10.83
CA GLN D 260 -15.40 36.57 10.85
C GLN D 260 -16.59 36.85 9.94
N LEU D 261 -16.82 35.97 8.98
CA LEU D 261 -17.94 36.13 8.06
C LEU D 261 -19.27 35.99 8.79
N GLY D 262 -20.15 36.98 8.64
CA GLY D 262 -21.43 36.95 9.30
C GLY D 262 -22.51 36.36 8.43
N GLY D 263 -23.29 35.44 9.01
CA GLY D 263 -24.45 34.91 8.32
C GLY D 263 -24.09 34.08 7.10
N LEU D 264 -24.87 34.31 6.02
CA LEU D 264 -24.73 33.60 4.76
C LEU D 264 -25.08 32.12 4.92
N HIS D 265 -26.35 31.82 5.22
CA HIS D 265 -26.76 30.45 5.54
C HIS D 265 -27.68 29.78 4.53
N LEU D 266 -28.08 30.48 3.47
CA LEU D 266 -28.94 29.93 2.43
C LEU D 266 -28.17 29.88 1.14
N LEU D 267 -28.26 28.74 0.44
CA LEU D 267 -27.47 28.55 -0.77
C LEU D 267 -27.70 29.68 -1.77
N ILE D 268 -28.95 30.12 -1.94
CA ILE D 268 -29.18 31.19 -2.89
C ILE D 268 -28.36 32.43 -2.53
N GLY D 269 -28.12 32.66 -1.24
CA GLY D 269 -27.33 33.80 -0.85
C GLY D 269 -25.86 33.63 -1.20
N LEU D 270 -25.35 32.40 -1.05
CA LEU D 270 -24.01 32.10 -1.53
C LEU D 270 -23.93 32.25 -3.03
N ALA D 271 -24.95 31.80 -3.75
CA ALA D 271 -24.94 31.89 -5.20
C ALA D 271 -24.84 33.34 -5.66
N LYS D 272 -25.58 34.24 -5.01
CA LYS D 272 -25.52 35.64 -5.44
C LYS D 272 -24.14 36.22 -5.22
N ARG D 273 -23.54 35.96 -4.05
CA ARG D 273 -22.19 36.47 -3.83
C ARG D 273 -21.22 35.81 -4.81
N PHE D 274 -21.38 34.52 -5.04
CA PHE D 274 -20.40 33.80 -5.84
C PHE D 274 -20.41 34.29 -7.29
N LYS D 275 -21.60 34.62 -7.81
CA LYS D 275 -21.70 35.08 -9.18
C LYS D 275 -21.04 36.44 -9.36
N GLU D 276 -20.88 37.21 -8.28
CA GLU D 276 -20.20 38.48 -8.36
C GLU D 276 -18.75 38.39 -7.92
N SER D 277 -18.44 37.49 -7.00
CA SER D 277 -17.15 37.47 -6.33
C SER D 277 -16.90 36.07 -5.82
N PRO D 278 -15.79 35.44 -6.17
CA PRO D 278 -15.57 34.04 -5.80
C PRO D 278 -15.08 33.91 -4.36
N PHE D 279 -15.32 32.74 -3.80
CA PHE D 279 -14.84 32.40 -2.47
C PHE D 279 -14.66 30.89 -2.41
N GLU D 280 -13.95 30.45 -1.37
CA GLU D 280 -13.63 29.05 -1.21
C GLU D 280 -14.49 28.43 -0.12
N LEU D 281 -15.03 27.25 -0.40
CA LEU D 281 -15.83 26.49 0.56
C LEU D 281 -15.15 25.14 0.76
N GLU D 282 -14.62 24.93 1.96
CA GLU D 282 -14.04 23.64 2.31
C GLU D 282 -15.12 22.77 2.93
N ASP D 283 -15.47 21.69 2.25
CA ASP D 283 -16.54 20.79 2.66
C ASP D 283 -15.93 19.72 3.56
N PHE D 284 -15.81 20.04 4.85
CA PHE D 284 -14.95 19.23 5.70
C PHE D 284 -15.62 17.96 6.21
N ILE D 285 -16.93 17.82 6.03
CA ILE D 285 -17.61 16.53 6.22
C ILE D 285 -18.31 16.15 4.93
N PRO D 286 -17.63 15.52 3.98
CA PRO D 286 -18.22 15.37 2.66
C PRO D 286 -19.21 14.24 2.52
N MET D 287 -20.47 14.51 2.82
CA MET D 287 -21.53 13.54 2.65
C MET D 287 -22.79 14.30 2.27
N ASP D 288 -23.82 13.57 1.88
CA ASP D 288 -25.11 14.17 1.57
C ASP D 288 -25.88 14.38 2.87
N SER D 289 -26.27 15.63 3.15
CA SER D 289 -27.14 15.87 4.29
C SER D 289 -27.94 17.14 4.06
N THR D 290 -29.09 17.21 4.74
CA THR D 290 -29.99 18.34 4.58
C THR D 290 -29.31 19.67 4.92
N VAL D 291 -28.57 19.72 6.01
CA VAL D 291 -27.77 20.89 6.36
C VAL D 291 -26.31 20.57 6.07
N LYS D 292 -25.63 21.50 5.40
CA LYS D 292 -24.22 21.36 5.10
C LYS D 292 -23.39 22.40 5.85
N ASN D 293 -22.22 21.99 6.31
CA ASN D 293 -21.32 22.86 7.05
C ASN D 293 -20.07 23.04 6.22
N TYR D 294 -19.66 24.29 6.03
CA TYR D 294 -18.51 24.62 5.20
C TYR D 294 -17.56 25.51 5.97
N PHE D 295 -16.27 25.30 5.76
CA PHE D 295 -15.24 26.24 6.15
C PHE D 295 -15.08 27.22 5.00
N ILE D 296 -15.60 28.43 5.16
CA ILE D 296 -15.71 29.38 4.07
C ILE D 296 -14.67 30.48 4.24
N THR D 297 -14.02 30.84 3.13
CA THR D 297 -13.07 31.94 3.09
C THR D 297 -13.45 32.86 1.95
N ASP D 298 -13.77 34.11 2.26
CA ASP D 298 -14.15 35.04 1.21
C ASP D 298 -12.89 35.63 0.59
N ALA D 299 -12.72 35.44 -0.71
CA ALA D 299 -11.48 35.83 -1.37
C ALA D 299 -11.34 37.34 -1.47
N GLN D 300 -12.47 38.05 -1.62
CA GLN D 300 -12.40 39.48 -1.82
C GLN D 300 -12.01 40.23 -0.56
N THR D 301 -12.56 39.83 0.59
CA THR D 301 -12.39 40.60 1.81
C THR D 301 -11.46 39.95 2.81
N GLY D 302 -11.26 38.64 2.73
CA GLY D 302 -10.56 37.92 3.77
C GLY D 302 -11.44 37.54 4.93
N SER D 303 -12.71 37.89 4.90
CA SER D 303 -13.64 37.41 5.91
C SER D 303 -13.82 35.90 5.77
N SER D 304 -13.83 35.22 6.91
CA SER D 304 -13.90 33.76 6.90
C SER D 304 -14.66 33.28 8.13
N LYS D 305 -15.08 32.02 8.08
CA LYS D 305 -15.78 31.40 9.20
C LYS D 305 -15.57 29.90 9.12
N CYS D 306 -15.21 29.29 10.25
CA CYS D 306 -14.84 27.89 10.27
C CYS D 306 -16.03 26.98 10.02
N VAL D 307 -17.18 27.29 10.63
CA VAL D 307 -18.39 26.48 10.49
C VAL D 307 -19.50 27.40 10.04
N CYS D 308 -19.82 27.37 8.76
CA CYS D 308 -20.94 28.13 8.20
C CYS D 308 -21.98 27.13 7.76
N SER D 309 -23.07 27.03 8.50
CA SER D 309 -24.13 26.09 8.14
C SER D 309 -25.00 26.65 7.04
N VAL D 310 -25.23 25.84 6.02
CA VAL D 310 -25.86 26.26 4.77
C VAL D 310 -26.96 25.28 4.45
N ILE D 311 -28.14 25.80 4.15
CA ILE D 311 -29.29 24.99 3.76
C ILE D 311 -29.82 25.55 2.45
N ASP D 312 -30.24 24.66 1.55
CA ASP D 312 -30.81 25.08 0.28
C ASP D 312 -32.32 24.89 0.29
N LEU D 313 -33.01 25.85 0.88
CA LEU D 313 -34.45 25.91 0.72
C LEU D 313 -34.79 26.83 -0.44
N LEU D 314 -35.88 26.50 -1.13
CA LEU D 314 -36.48 27.46 -2.05
C LEU D 314 -36.77 28.74 -1.28
N LEU D 315 -36.39 29.88 -1.86
CA LEU D 315 -36.49 31.14 -1.12
C LEU D 315 -37.92 31.39 -0.65
N ASP D 316 -38.91 31.05 -1.47
CA ASP D 316 -40.29 31.24 -1.05
C ASP D 316 -40.59 30.44 0.22
N ASP D 317 -40.02 29.25 0.31
CA ASP D 317 -40.22 28.41 1.47
C ASP D 317 -39.55 28.98 2.71
N PHE D 318 -38.31 29.47 2.56
CA PHE D 318 -37.60 30.07 3.68
C PHE D 318 -38.31 31.31 4.21
N VAL D 319 -38.87 32.12 3.33
CA VAL D 319 -39.62 33.29 3.78
C VAL D 319 -40.84 32.86 4.57
N GLU D 320 -41.55 31.85 4.09
CA GLU D 320 -42.69 31.34 4.84
C GLU D 320 -42.27 30.91 6.22
N ILE D 321 -41.16 30.18 6.31
CA ILE D 321 -40.71 29.67 7.60
C ILE D 321 -40.39 30.83 8.55
N ILE D 322 -39.56 31.78 8.09
CA ILE D 322 -39.12 32.85 8.99
C ILE D 322 -40.26 33.80 9.32
N LYS D 323 -41.22 33.99 8.42
CA LYS D 323 -42.37 34.82 8.77
C LYS D 323 -43.35 34.10 9.67
N SER D 324 -43.10 32.84 10.01
CA SER D 324 -44.02 32.12 10.86
C SER D 324 -43.45 31.95 12.26
N GLN D 325 -42.43 32.73 12.58
CA GLN D 325 -41.78 32.68 13.87
C GLN D 325 -42.13 33.92 14.68
N ASP D 326 -42.19 33.73 15.99
CA ASP D 326 -42.29 34.85 16.92
C ASP D 326 -40.93 35.46 17.13
N LEU D 327 -40.84 36.79 17.11
CA LEU D 327 -39.55 37.46 17.12
C LEU D 327 -39.33 38.18 18.44
N SER D 328 -40.04 37.77 19.48
CA SER D 328 -40.14 38.50 20.74
C SER D 328 -39.13 38.02 21.77
N VAL D 329 -38.26 37.09 21.42
CA VAL D 329 -37.38 36.47 22.41
C VAL D 329 -35.94 36.56 21.91
N VAL D 330 -35.02 36.70 22.86
CA VAL D 330 -33.61 36.91 22.51
C VAL D 330 -33.08 35.75 21.68
N SER D 331 -33.29 34.52 22.15
CA SER D 331 -32.75 33.38 21.43
C SER D 331 -33.59 32.17 21.70
N LYS D 332 -33.76 31.32 20.69
CA LYS D 332 -34.48 30.08 20.88
C LYS D 332 -34.19 29.16 19.72
N VAL D 333 -34.54 27.90 19.91
CA VAL D 333 -34.40 26.87 18.88
C VAL D 333 -35.72 26.76 18.15
N VAL D 334 -35.68 26.80 16.83
CA VAL D 334 -36.87 26.65 16.01
C VAL D 334 -36.76 25.33 15.27
N LYS D 335 -37.83 24.55 15.33
CA LYS D 335 -37.89 23.23 14.70
C LYS D 335 -38.71 23.37 13.41
N VAL D 336 -38.14 22.88 12.32
CA VAL D 336 -38.75 22.92 11.01
C VAL D 336 -38.62 21.54 10.41
N THR D 337 -39.73 20.93 10.05
CA THR D 337 -39.66 19.63 9.41
C THR D 337 -39.23 19.83 7.97
N ILE D 338 -38.10 19.23 7.61
CA ILE D 338 -37.51 19.36 6.29
C ILE D 338 -36.98 18.00 5.88
N ASP D 339 -37.25 17.59 4.64
CA ASP D 339 -36.84 16.27 4.17
C ASP D 339 -37.24 15.17 5.13
N TYR D 340 -38.41 15.33 5.74
CA TYR D 340 -39.02 14.38 6.66
C TYR D 340 -38.34 14.37 8.01
N THR D 341 -37.32 15.19 8.22
CA THR D 341 -36.67 15.27 9.51
C THR D 341 -36.87 16.65 10.10
N GLU D 342 -36.76 16.74 11.42
CA GLU D 342 -36.88 18.00 12.13
C GLU D 342 -35.52 18.69 12.14
N ILE D 343 -35.41 19.80 11.44
CA ILE D 343 -34.18 20.58 11.44
C ILE D 343 -34.31 21.66 12.50
N SER D 344 -33.28 21.78 13.35
CA SER D 344 -33.22 22.81 14.36
C SER D 344 -32.56 24.06 13.82
N PHE D 345 -33.23 25.18 13.96
CA PHE D 345 -32.70 26.50 13.63
C PHE D 345 -32.45 27.30 14.89
N MET D 346 -31.38 28.09 14.91
CA MET D 346 -31.17 29.03 15.99
C MET D 346 -31.77 30.36 15.58
N LEU D 347 -32.66 30.91 16.40
CA LEU D 347 -33.30 32.19 16.13
C LEU D 347 -32.85 33.18 17.18
N TRP D 348 -32.20 34.25 16.74
CA TRP D 348 -31.78 35.33 17.63
C TRP D 348 -32.50 36.60 17.25
N CYS D 349 -33.09 37.26 18.23
CA CYS D 349 -33.87 38.46 17.98
C CYS D 349 -33.44 39.55 18.95
N LYS D 350 -33.68 40.79 18.54
CA LYS D 350 -33.43 41.93 19.41
C LYS D 350 -34.46 43.00 19.08
N ASP D 351 -35.17 43.47 20.11
CA ASP D 351 -36.15 44.53 19.97
C ASP D 351 -37.17 44.21 18.86
N GLY D 352 -37.58 42.95 18.80
CA GLY D 352 -38.61 42.55 17.86
C GLY D 352 -38.15 42.31 16.44
N HIS D 353 -36.86 42.42 16.17
CA HIS D 353 -36.30 42.11 14.85
C HIS D 353 -35.37 40.91 14.95
N VAL D 354 -35.21 40.22 13.84
CA VAL D 354 -34.23 39.15 13.76
C VAL D 354 -32.83 39.73 13.84
N GLU D 355 -31.97 39.08 14.62
CA GLU D 355 -30.53 39.34 14.52
C GLU D 355 -29.83 38.31 13.65
N THR D 356 -30.05 37.03 13.91
CA THR D 356 -29.65 36.01 12.96
C THR D 356 -30.54 34.81 13.12
N PHE D 357 -30.45 33.90 12.15
CA PHE D 357 -31.32 32.75 12.12
C PHE D 357 -30.60 31.73 11.25
N TYR D 358 -30.07 30.68 11.86
CA TYR D 358 -29.28 29.76 11.07
C TYR D 358 -29.56 28.33 11.50
N PRO D 359 -29.47 27.39 10.58
CA PRO D 359 -29.64 25.99 10.96
C PRO D 359 -28.39 25.47 11.66
N LYS D 360 -28.61 24.49 12.53
CA LYS D 360 -27.50 23.91 13.27
C LYS D 360 -27.11 22.56 12.68
N MET E 16 23.29 5.22 -16.32
CA MET E 16 21.89 5.42 -15.97
C MET E 16 21.64 5.18 -14.48
N SER E 17 20.69 5.90 -13.91
CA SER E 17 20.49 5.90 -12.47
C SER E 17 19.20 6.66 -12.17
N LEU E 18 18.45 6.15 -11.19
CA LEU E 18 17.25 6.86 -10.74
C LEU E 18 17.54 8.31 -10.38
N GLU E 19 18.58 8.54 -9.58
CA GLU E 19 18.89 9.89 -9.13
C GLU E 19 19.31 10.80 -10.27
N ASN E 20 19.94 10.26 -11.30
CA ASN E 20 20.27 11.09 -12.44
C ASN E 20 19.03 11.46 -13.24
N VAL E 21 18.09 10.51 -13.37
CA VAL E 21 16.82 10.84 -14.01
C VAL E 21 16.13 11.97 -13.27
N ALA E 22 16.08 11.89 -11.94
CA ALA E 22 15.45 12.94 -11.17
C ALA E 22 16.18 14.26 -11.36
N PHE E 23 17.50 14.23 -11.43
CA PHE E 23 18.23 15.47 -11.67
C PHE E 23 17.81 16.12 -12.96
N ASN E 24 17.68 15.32 -14.03
CA ASN E 24 17.27 15.88 -15.31
C ASN E 24 15.85 16.42 -15.25
N VAL E 25 14.95 15.71 -14.58
CA VAL E 25 13.57 16.18 -14.47
C VAL E 25 13.55 17.53 -13.76
N VAL E 26 14.30 17.65 -12.67
CA VAL E 26 14.30 18.88 -11.90
C VAL E 26 14.91 20.02 -12.70
N ASN E 27 15.94 19.73 -13.49
CA ASN E 27 16.70 20.80 -14.13
C ASN E 27 16.32 21.03 -15.58
N LYS E 28 15.74 20.03 -16.25
CA LYS E 28 15.48 20.13 -17.68
C LYS E 28 14.03 19.86 -18.04
N GLY E 29 13.19 19.45 -17.10
CA GLY E 29 11.80 19.17 -17.37
C GLY E 29 11.52 17.77 -17.87
N HIS E 30 12.55 17.00 -18.18
CA HIS E 30 12.44 15.65 -18.71
C HIS E 30 13.86 15.10 -18.77
N PHE E 31 14.00 13.87 -19.22
CA PHE E 31 15.33 13.30 -19.33
C PHE E 31 16.05 13.90 -20.52
N ASP E 32 17.20 14.51 -20.26
CA ASP E 32 17.96 15.21 -21.27
C ASP E 32 19.40 14.74 -21.34
N GLY E 33 19.73 13.62 -20.70
CA GLY E 33 21.10 13.14 -20.77
C GLY E 33 22.12 13.95 -20.01
N GLN E 34 21.71 14.77 -19.06
CA GLN E 34 22.66 15.58 -18.31
C GLN E 34 23.23 14.77 -17.16
N GLN E 35 24.47 15.07 -16.81
CA GLN E 35 25.09 14.44 -15.66
C GLN E 35 24.66 15.13 -14.38
N GLY E 36 24.44 14.35 -13.33
CA GLY E 36 24.09 14.91 -12.05
C GLY E 36 23.20 13.96 -11.28
N GLU E 37 23.00 14.29 -10.01
CA GLU E 37 22.11 13.50 -9.17
C GLU E 37 21.45 14.42 -8.16
N VAL E 38 20.24 14.06 -7.76
CA VAL E 38 19.56 14.71 -6.63
C VAL E 38 19.03 13.63 -5.71
N PRO E 39 18.78 13.97 -4.45
CA PRO E 39 18.24 12.98 -3.53
C PRO E 39 16.78 12.68 -3.84
N VAL E 40 16.44 11.40 -3.78
CA VAL E 40 15.12 10.94 -4.19
C VAL E 40 14.55 10.08 -3.06
N SER E 41 13.27 10.25 -2.80
CA SER E 41 12.53 9.37 -1.90
C SER E 41 11.41 8.71 -2.66
N ILE E 42 11.20 7.42 -2.45
CA ILE E 42 10.04 6.73 -2.98
C ILE E 42 9.20 6.27 -1.81
N ILE E 43 7.96 6.71 -1.78
CA ILE E 43 7.03 6.30 -0.73
C ILE E 43 5.68 6.02 -1.36
N ASN E 44 5.17 4.82 -1.12
CA ASN E 44 4.06 4.22 -1.85
C ASN E 44 4.34 4.26 -3.35
N ASN E 45 3.51 5.01 -4.08
CA ASN E 45 3.56 5.02 -5.53
C ASN E 45 3.94 6.40 -6.05
N THR E 46 4.66 7.15 -5.24
CA THR E 46 5.02 8.51 -5.59
C THR E 46 6.52 8.70 -5.43
N VAL E 47 7.12 9.47 -6.31
CA VAL E 47 8.53 9.79 -6.25
C VAL E 47 8.68 11.22 -5.76
N TYR E 48 9.50 11.41 -4.73
CA TYR E 48 9.78 12.74 -4.22
C TYR E 48 11.27 13.04 -4.34
N THR E 49 11.58 14.31 -4.39
CA THR E 49 12.94 14.78 -4.25
C THR E 49 12.99 15.88 -3.22
N LYS E 50 14.13 16.02 -2.56
CA LYS E 50 14.26 17.00 -1.48
C LYS E 50 14.76 18.26 -2.16
N VAL E 51 14.00 19.34 -2.02
CA VAL E 51 14.35 20.62 -2.60
C VAL E 51 14.39 21.65 -1.49
N ASP E 52 15.60 22.10 -1.16
CA ASP E 52 15.82 23.10 -0.13
C ASP E 52 15.13 22.70 1.17
N GLY E 53 15.39 21.47 1.59
CA GLY E 53 14.96 20.98 2.87
C GLY E 53 13.57 20.40 2.94
N VAL E 54 12.79 20.48 1.86
CA VAL E 54 11.45 19.90 1.86
C VAL E 54 11.30 18.96 0.66
N ASP E 55 10.37 18.03 0.80
CA ASP E 55 10.13 17.04 -0.24
C ASP E 55 9.11 17.58 -1.22
N VAL E 56 9.41 17.43 -2.51
CA VAL E 56 8.53 17.86 -3.58
C VAL E 56 8.19 16.66 -4.43
N GLU E 57 6.91 16.45 -4.70
CA GLU E 57 6.50 15.32 -5.51
C GLU E 57 6.90 15.55 -6.97
N LEU E 58 7.58 14.59 -7.55
CA LEU E 58 7.95 14.69 -8.96
C LEU E 58 7.09 13.85 -9.87
N PHE E 59 6.53 12.75 -9.38
CA PHE E 59 5.83 11.81 -10.24
C PHE E 59 4.99 10.89 -9.40
N GLU E 60 3.73 10.73 -9.79
CA GLU E 60 2.83 9.77 -9.17
C GLU E 60 2.53 8.68 -10.17
N ASN E 61 2.83 7.44 -9.83
CA ASN E 61 2.67 6.35 -10.76
C ASN E 61 1.21 5.97 -10.87
N LYS E 62 0.64 6.12 -12.07
CA LYS E 62 -0.71 5.67 -12.35
C LYS E 62 -0.70 4.46 -13.26
N THR E 63 0.47 3.94 -13.57
CA THR E 63 0.66 2.78 -14.42
C THR E 63 0.68 1.52 -13.56
N THR E 64 0.74 0.38 -14.23
CA THR E 64 0.94 -0.90 -13.56
C THR E 64 2.40 -1.33 -13.51
N LEU E 65 3.31 -0.46 -13.86
CA LEU E 65 4.73 -0.73 -13.73
C LEU E 65 5.24 -0.35 -12.35
N PRO E 66 6.41 -0.86 -11.96
CA PRO E 66 7.03 -0.39 -10.72
C PRO E 66 7.28 1.10 -10.75
N VAL E 67 7.11 1.75 -9.61
CA VAL E 67 7.18 3.20 -9.55
C VAL E 67 8.48 3.72 -10.13
N ASN E 68 9.61 3.09 -9.79
CA ASN E 68 10.86 3.64 -10.29
C ASN E 68 11.01 3.39 -11.77
N VAL E 69 10.37 2.34 -12.29
CA VAL E 69 10.42 2.07 -13.72
C VAL E 69 9.53 3.02 -14.49
N ALA E 70 8.28 3.18 -14.03
CA ALA E 70 7.39 4.14 -14.67
C ALA E 70 7.99 5.53 -14.70
N PHE E 71 8.64 5.92 -13.61
CA PHE E 71 9.26 7.23 -13.55
C PHE E 71 10.30 7.40 -14.65
N GLU E 72 11.13 6.39 -14.87
CA GLU E 72 12.15 6.51 -15.89
C GLU E 72 11.55 6.57 -17.28
N LEU E 73 10.54 5.74 -17.56
CA LEU E 73 9.89 5.80 -18.86
C LEU E 73 9.19 7.13 -19.07
N TRP E 74 8.50 7.62 -18.04
CA TRP E 74 7.86 8.92 -18.13
C TRP E 74 8.87 10.03 -18.42
N ALA E 75 9.98 10.04 -17.70
CA ALA E 75 10.96 11.10 -17.91
C ALA E 75 11.55 11.05 -19.30
N LYS E 76 11.61 9.88 -19.93
CA LYS E 76 12.19 9.73 -21.25
C LYS E 76 11.15 9.77 -22.36
N ARG E 77 9.93 10.23 -22.08
CA ARG E 77 8.89 10.25 -23.09
C ARG E 77 9.31 11.15 -24.25
N ASN E 78 8.80 10.85 -25.43
CA ASN E 78 9.05 11.69 -26.60
C ASN E 78 8.32 13.01 -26.47
N ILE E 79 9.04 14.12 -26.61
CA ILE E 79 8.45 15.45 -26.46
C ILE E 79 8.41 16.22 -27.78
N LYS E 80 8.51 15.55 -28.91
CA LYS E 80 8.23 16.13 -30.20
C LYS E 80 6.84 15.71 -30.64
N PRO E 81 6.28 16.34 -31.67
CA PRO E 81 4.99 15.86 -32.17
C PRO E 81 5.12 14.42 -32.67
N VAL E 82 4.20 13.58 -32.24
CA VAL E 82 4.18 12.18 -32.64
C VAL E 82 2.77 11.82 -33.04
N PRO E 83 2.61 10.74 -33.81
CA PRO E 83 1.26 10.28 -34.15
C PRO E 83 0.46 10.02 -32.90
N GLU E 84 -0.82 10.33 -32.96
CA GLU E 84 -1.69 9.95 -31.86
C GLU E 84 -1.68 8.45 -31.69
N VAL E 85 -1.84 8.00 -30.45
CA VAL E 85 -1.72 6.58 -30.13
C VAL E 85 -2.73 5.76 -30.92
N LYS E 86 -3.92 6.30 -31.15
CA LYS E 86 -4.92 5.54 -31.90
C LYS E 86 -4.43 5.20 -33.29
N ILE E 87 -3.65 6.08 -33.92
CA ILE E 87 -3.13 5.76 -35.24
C ILE E 87 -2.12 4.62 -35.15
N LEU E 88 -1.19 4.71 -34.20
CA LEU E 88 -0.20 3.64 -34.04
C LEU E 88 -0.85 2.31 -33.73
N ASN E 89 -1.83 2.29 -32.83
CA ASN E 89 -2.52 1.05 -32.54
C ASN E 89 -3.15 0.48 -33.80
N ASN E 90 -3.84 1.33 -34.55
CA ASN E 90 -4.52 0.88 -35.75
C ASN E 90 -3.53 0.36 -36.78
N LEU E 91 -2.31 0.88 -36.78
CA LEU E 91 -1.31 0.40 -37.72
C LEU E 91 -0.56 -0.82 -37.20
N GLY E 92 -0.94 -1.33 -36.03
CA GLY E 92 -0.30 -2.52 -35.54
C GLY E 92 1.07 -2.33 -34.95
N VAL E 93 1.41 -1.11 -34.53
CA VAL E 93 2.72 -0.87 -33.95
C VAL E 93 2.81 -1.60 -32.61
N ASP E 94 3.89 -2.35 -32.42
CA ASP E 94 4.10 -3.08 -31.17
C ASP E 94 5.06 -2.41 -30.22
N ILE E 95 5.99 -1.60 -30.72
CA ILE E 95 7.11 -1.13 -29.90
C ILE E 95 7.76 0.02 -30.67
N ALA E 96 8.47 0.88 -29.95
CA ALA E 96 9.11 2.02 -30.58
C ALA E 96 10.62 1.88 -30.55
N ALA E 97 11.26 2.34 -31.62
CA ALA E 97 12.71 2.32 -31.73
C ALA E 97 13.31 3.51 -30.98
N ASN E 98 13.89 3.23 -29.82
CA ASN E 98 14.76 4.18 -29.10
C ASN E 98 13.99 5.42 -28.65
N THR E 99 12.73 5.23 -28.27
CA THR E 99 11.94 6.31 -27.71
C THR E 99 10.80 5.70 -26.91
N VAL E 100 10.13 6.54 -26.14
CA VAL E 100 8.92 6.15 -25.44
C VAL E 100 7.78 7.00 -25.94
N ILE E 101 6.74 6.36 -26.47
CA ILE E 101 5.48 7.04 -26.79
C ILE E 101 4.64 7.01 -25.53
N TRP E 102 4.49 8.15 -24.88
CA TRP E 102 3.68 8.20 -23.67
C TRP E 102 2.22 8.36 -24.06
N ASP E 103 1.36 7.51 -23.52
CA ASP E 103 -0.07 7.51 -23.84
C ASP E 103 -0.75 8.37 -22.79
N TYR E 104 -1.04 9.62 -23.12
CA TYR E 104 -1.57 10.54 -22.12
C TYR E 104 -3.02 10.27 -21.75
N LYS E 105 -3.78 9.57 -22.59
CA LYS E 105 -5.14 9.20 -22.21
C LYS E 105 -5.15 8.16 -21.11
N ARG E 106 -4.17 7.27 -21.10
CA ARG E 106 -4.06 6.24 -20.08
C ARG E 106 -3.05 6.60 -19.01
N ASP E 107 -2.33 7.70 -19.19
CA ASP E 107 -1.24 8.11 -18.32
C ASP E 107 -0.25 6.96 -18.10
N ALA E 108 0.18 6.36 -19.20
CA ALA E 108 1.02 5.19 -19.16
C ALA E 108 1.72 5.07 -20.50
N PRO E 109 2.79 4.30 -20.60
CA PRO E 109 3.41 4.10 -21.91
C PRO E 109 2.43 3.46 -22.87
N ALA E 110 2.50 3.89 -24.12
CA ALA E 110 1.65 3.30 -25.14
C ALA E 110 2.05 1.87 -25.46
N HIS E 111 3.29 1.49 -25.20
CA HIS E 111 3.77 0.17 -25.54
C HIS E 111 4.40 -0.46 -24.32
N ILE E 112 4.24 -1.78 -24.22
CA ILE E 112 4.66 -2.48 -23.01
C ILE E 112 6.17 -2.59 -22.91
N SER E 113 6.87 -2.72 -24.03
CA SER E 113 8.30 -2.94 -24.04
C SER E 113 8.99 -1.78 -24.73
N THR E 114 10.31 -1.75 -24.63
CA THR E 114 11.10 -0.69 -25.21
C THR E 114 12.30 -1.29 -25.92
N ILE E 115 12.95 -0.47 -26.73
CA ILE E 115 14.19 -0.84 -27.39
C ILE E 115 15.21 0.23 -27.06
N GLY E 116 16.22 -0.12 -26.27
CA GLY E 116 17.27 0.82 -26.02
C GLY E 116 16.87 2.01 -25.19
N VAL E 117 15.94 1.85 -24.26
CA VAL E 117 15.44 2.94 -23.43
C VAL E 117 15.79 2.73 -21.96
N CYS E 118 15.52 1.55 -21.44
CA CYS E 118 15.48 1.36 -20.00
C CYS E 118 15.81 -0.09 -19.71
N SER E 119 16.70 -0.31 -18.75
CA SER E 119 17.24 -1.66 -18.56
C SER E 119 16.19 -2.62 -18.06
N MET E 120 15.23 -2.14 -17.27
CA MET E 120 14.21 -3.05 -16.78
C MET E 120 13.24 -3.45 -17.87
N THR E 121 12.99 -2.58 -18.84
CA THR E 121 11.98 -2.83 -19.86
C THR E 121 12.56 -3.11 -21.24
N ASP E 122 13.84 -2.90 -21.46
CA ASP E 122 14.40 -3.13 -22.80
C ASP E 122 14.27 -4.59 -23.16
N ILE E 123 13.84 -4.86 -24.39
CA ILE E 123 14.01 -6.18 -24.96
C ILE E 123 15.20 -6.25 -25.91
N ALA E 124 15.79 -5.12 -26.24
CA ALA E 124 16.93 -5.05 -27.14
C ALA E 124 17.52 -3.66 -27.00
N LYS E 125 18.76 -3.50 -27.41
CA LYS E 125 19.31 -2.15 -27.43
C LYS E 125 19.10 -1.49 -28.77
N LYS E 126 19.06 -2.28 -29.84
CA LYS E 126 18.84 -1.76 -31.18
C LYS E 126 17.76 -2.58 -31.85
N PRO E 127 16.96 -1.97 -32.73
CA PRO E 127 15.88 -2.69 -33.40
C PRO E 127 16.34 -3.70 -34.43
N THR E 128 17.63 -3.77 -34.72
CA THR E 128 18.13 -4.78 -35.65
C THR E 128 18.31 -6.16 -35.05
N GLU E 129 18.18 -6.30 -33.74
CA GLU E 129 18.33 -7.61 -33.13
C GLU E 129 17.17 -8.51 -33.50
N THR E 130 17.43 -9.82 -33.45
CA THR E 130 16.48 -10.80 -33.97
C THR E 130 15.19 -10.79 -33.18
N ILE E 131 15.25 -10.49 -31.88
CA ILE E 131 14.04 -10.48 -31.07
C ILE E 131 13.06 -9.44 -31.55
N CYS E 132 13.53 -8.40 -32.23
CA CYS E 132 12.66 -7.35 -32.72
C CYS E 132 12.05 -7.67 -34.07
N ALA E 133 12.64 -8.61 -34.80
CA ALA E 133 12.19 -8.93 -36.16
C ALA E 133 10.70 -9.24 -36.27
N PRO E 134 10.10 -10.09 -35.43
CA PRO E 134 8.67 -10.34 -35.60
C PRO E 134 7.77 -9.21 -35.13
N LEU E 135 8.27 -8.24 -34.39
CA LEU E 135 7.41 -7.16 -33.91
C LEU E 135 7.31 -6.07 -34.95
N THR E 136 6.15 -5.41 -35.00
CA THR E 136 6.00 -4.26 -35.86
C THR E 136 6.54 -3.06 -35.11
N VAL E 137 7.73 -2.63 -35.48
CA VAL E 137 8.47 -1.60 -34.77
C VAL E 137 8.16 -0.27 -35.42
N PHE E 138 7.89 0.75 -34.61
CA PHE E 138 7.67 2.10 -35.10
C PHE E 138 9.00 2.83 -35.23
N PHE E 139 9.29 3.29 -36.43
CA PHE E 139 10.51 4.05 -36.71
C PHE E 139 10.12 5.48 -37.05
N ASP E 140 10.96 6.42 -36.65
CA ASP E 140 10.67 7.84 -36.78
C ASP E 140 11.75 8.46 -37.67
N GLY E 141 11.38 8.75 -38.92
CA GLY E 141 12.31 9.30 -39.88
C GLY E 141 12.94 10.62 -39.51
N ARG E 142 12.41 11.32 -38.50
CA ARG E 142 13.05 12.54 -38.05
C ARG E 142 14.34 12.28 -37.29
N VAL E 143 14.52 11.07 -36.78
CA VAL E 143 15.72 10.70 -36.06
C VAL E 143 16.70 10.12 -37.06
N ASP E 144 17.95 10.55 -37.00
CA ASP E 144 18.97 10.10 -37.94
C ASP E 144 19.11 8.58 -37.95
N GLY E 145 19.19 8.03 -39.16
CA GLY E 145 19.44 6.62 -39.34
C GLY E 145 18.21 5.75 -39.36
N GLN E 146 17.07 6.26 -38.87
CA GLN E 146 15.93 5.38 -38.71
C GLN E 146 15.24 5.05 -40.02
N VAL E 147 15.32 5.93 -41.02
CA VAL E 147 14.77 5.57 -42.33
C VAL E 147 15.48 4.33 -42.87
N ASP E 148 16.80 4.29 -42.77
CA ASP E 148 17.52 3.15 -43.30
C ASP E 148 17.28 1.91 -42.47
N LEU E 149 17.09 2.07 -41.16
CA LEU E 149 16.68 0.95 -40.34
C LEU E 149 15.34 0.40 -40.82
N PHE E 150 14.43 1.30 -41.19
CA PHE E 150 13.16 0.84 -41.73
C PHE E 150 13.34 0.07 -43.02
N ARG E 151 14.25 0.49 -43.89
CA ARG E 151 14.42 -0.24 -45.14
C ARG E 151 14.90 -1.66 -44.87
N ASN E 152 15.59 -1.88 -43.76
CA ASN E 152 16.11 -3.19 -43.41
C ASN E 152 15.22 -3.97 -42.46
N ALA E 153 14.29 -3.32 -41.78
CA ALA E 153 13.51 -4.03 -40.79
C ALA E 153 12.51 -4.94 -41.49
N ARG E 154 12.19 -6.05 -40.82
CA ARG E 154 11.24 -7.02 -41.36
C ARG E 154 9.80 -6.52 -41.23
N ASN E 155 9.47 -5.93 -40.10
CA ASN E 155 8.14 -5.43 -39.82
C ASN E 155 8.32 -4.04 -39.23
N GLY E 156 7.60 -3.06 -39.74
CA GLY E 156 7.83 -1.71 -39.26
C GLY E 156 6.81 -0.74 -39.80
N VAL E 157 6.71 0.39 -39.11
CA VAL E 157 5.97 1.55 -39.57
C VAL E 157 6.90 2.76 -39.50
N LEU E 158 6.93 3.56 -40.55
CA LEU E 158 7.84 4.69 -40.59
C LEU E 158 7.02 5.92 -40.86
N ILE E 159 7.27 6.98 -40.10
CA ILE E 159 6.74 8.29 -40.42
C ILE E 159 7.90 9.19 -40.81
N THR E 160 7.62 10.10 -41.74
CA THR E 160 8.57 11.12 -42.11
C THR E 160 7.82 12.41 -42.34
N GLU E 161 8.57 13.49 -42.38
CA GLU E 161 8.04 14.79 -42.70
C GLU E 161 8.10 15.05 -44.19
N GLY E 162 8.87 14.26 -44.93
CA GLY E 162 8.99 14.45 -46.35
C GLY E 162 9.10 13.14 -47.11
N SER E 163 9.54 13.22 -48.36
CA SER E 163 9.60 12.05 -49.22
C SER E 163 10.67 11.06 -48.80
N VAL E 164 10.40 9.78 -49.09
CA VAL E 164 11.36 8.70 -48.94
C VAL E 164 11.59 8.10 -50.32
N LYS E 165 12.86 7.99 -50.71
CA LYS E 165 13.19 7.54 -52.05
C LYS E 165 12.64 6.14 -52.31
N GLY E 166 11.88 6.00 -53.38
CA GLY E 166 11.39 4.70 -53.80
C GLY E 166 10.21 4.16 -53.03
N LEU E 167 9.58 4.95 -52.18
CA LEU E 167 8.43 4.50 -51.42
C LEU E 167 7.27 5.46 -51.64
N GLN E 168 6.12 4.92 -51.96
CA GLN E 168 4.93 5.75 -52.04
C GLN E 168 4.40 6.01 -50.64
N PRO E 169 4.16 7.26 -50.27
CA PRO E 169 3.67 7.56 -48.93
C PRO E 169 2.14 7.56 -48.88
N SER E 170 1.62 7.31 -47.69
CA SER E 170 0.22 7.57 -47.38
C SER E 170 0.21 8.78 -46.47
N VAL E 171 -0.51 9.82 -46.88
CA VAL E 171 -0.55 11.05 -46.12
C VAL E 171 -1.40 10.86 -44.87
N GLY E 172 -0.81 11.11 -43.71
CA GLY E 172 -1.47 10.90 -42.46
C GLY E 172 -2.34 12.08 -42.09
N PRO E 173 -2.89 12.06 -40.88
CA PRO E 173 -3.74 13.16 -40.44
C PRO E 173 -2.96 14.46 -40.32
N LYS E 174 -3.71 15.55 -40.27
CA LYS E 174 -3.09 16.87 -40.13
C LYS E 174 -2.57 17.11 -38.73
N GLN E 175 -3.19 16.50 -37.72
CA GLN E 175 -2.87 16.77 -36.33
C GLN E 175 -1.94 15.70 -35.78
N ALA E 176 -1.22 16.06 -34.72
CA ALA E 176 -0.40 15.12 -34.00
C ALA E 176 -0.38 15.51 -32.54
N SER E 177 0.24 14.67 -31.73
CA SER E 177 0.25 14.87 -30.29
C SER E 177 1.60 15.41 -29.87
N LEU E 178 1.60 16.53 -29.16
CA LEU E 178 2.80 17.15 -28.61
C LEU E 178 2.62 17.30 -27.12
N ASN E 179 3.36 16.52 -26.33
CA ASN E 179 3.25 16.56 -24.88
C ASN E 179 1.79 16.42 -24.44
N GLY E 180 1.07 15.54 -25.11
CA GLY E 180 -0.31 15.31 -24.74
C GLY E 180 -1.28 16.29 -25.34
N VAL E 181 -0.81 17.27 -26.08
CA VAL E 181 -1.66 18.25 -26.73
C VAL E 181 -1.81 17.86 -28.19
N THR E 182 -3.04 17.57 -28.61
CA THR E 182 -3.32 17.25 -29.98
C THR E 182 -3.55 18.55 -30.73
N LEU E 183 -2.81 18.76 -31.82
CA LEU E 183 -2.86 20.04 -32.49
C LEU E 183 -2.51 19.88 -33.96
N ILE E 184 -2.99 20.83 -34.76
CA ILE E 184 -2.52 20.98 -36.13
C ILE E 184 -1.37 21.97 -36.11
N GLY E 185 -0.18 21.51 -36.43
CA GLY E 185 1.00 22.33 -36.17
C GLY E 185 1.09 23.47 -37.17
N GLU E 186 1.47 24.64 -36.67
CA GLU E 186 1.80 25.78 -37.52
C GLU E 186 3.27 26.18 -37.45
N ALA E 187 3.86 26.14 -36.26
CA ALA E 187 5.29 26.36 -36.09
C ALA E 187 6.08 25.08 -36.18
N VAL E 188 5.40 23.93 -36.17
CA VAL E 188 6.03 22.63 -36.24
C VAL E 188 5.17 21.78 -37.16
N LYS E 189 5.80 20.83 -37.83
CA LYS E 189 5.06 19.97 -38.75
C LYS E 189 4.43 18.81 -38.02
N THR E 190 3.13 18.62 -38.21
CA THR E 190 2.40 17.52 -37.62
C THR E 190 1.81 16.61 -38.68
N GLN E 191 1.99 16.93 -39.94
CA GLN E 191 1.43 16.17 -41.05
C GLN E 191 2.51 15.23 -41.54
N PHE E 192 2.32 13.92 -41.37
CA PHE E 192 3.33 12.95 -41.73
C PHE E 192 2.93 12.12 -42.93
N ASN E 193 3.91 11.68 -43.68
CA ASN E 193 3.77 10.54 -44.57
C ASN E 193 3.91 9.26 -43.79
N TYR E 194 3.12 8.25 -44.15
CA TYR E 194 3.18 6.96 -43.48
C TYR E 194 3.61 5.88 -44.46
N TYR E 195 4.40 4.94 -43.96
CA TYR E 195 4.86 3.79 -44.72
C TYR E 195 4.82 2.58 -43.80
N LYS E 196 4.58 1.40 -44.36
CA LYS E 196 4.49 0.22 -43.54
C LYS E 196 5.09 -0.97 -44.28
N LYS E 197 5.84 -1.78 -43.55
CA LYS E 197 6.42 -3.00 -44.06
C LYS E 197 5.94 -4.19 -43.25
N VAL E 198 5.62 -5.27 -43.95
CA VAL E 198 5.26 -6.53 -43.33
C VAL E 198 6.11 -7.60 -43.99
N ASP E 199 6.90 -8.31 -43.19
CA ASP E 199 7.79 -9.35 -43.67
C ASP E 199 8.67 -8.84 -44.80
N GLY E 200 9.25 -7.67 -44.59
CA GLY E 200 10.16 -7.12 -45.57
C GLY E 200 9.52 -6.50 -46.78
N VAL E 201 8.19 -6.47 -46.86
CA VAL E 201 7.49 -6.00 -48.04
C VAL E 201 6.74 -4.72 -47.67
N VAL E 202 6.99 -3.65 -48.42
CA VAL E 202 6.29 -2.40 -48.19
C VAL E 202 4.82 -2.54 -48.54
N GLN E 203 3.95 -2.10 -47.64
CA GLN E 203 2.51 -2.16 -47.84
C GLN E 203 2.01 -0.87 -48.46
N GLN E 204 0.96 -0.99 -49.27
CA GLN E 204 0.15 0.14 -49.67
C GLN E 204 -0.93 0.37 -48.64
N LEU E 205 -0.83 1.44 -47.87
CA LEU E 205 -1.83 1.71 -46.86
C LEU E 205 -3.12 2.13 -47.55
N PRO E 206 -4.26 1.76 -47.00
CA PRO E 206 -5.52 2.01 -47.69
C PRO E 206 -5.93 3.47 -47.65
N GLU E 207 -6.73 3.87 -48.64
CA GLU E 207 -7.46 5.12 -48.55
C GLU E 207 -8.25 5.11 -47.26
N THR E 208 -8.24 6.24 -46.55
CA THR E 208 -8.86 6.29 -45.24
C THR E 208 -9.36 7.69 -44.93
N TYR E 209 -10.46 7.75 -44.21
CA TYR E 209 -10.80 8.96 -43.50
C TYR E 209 -9.98 9.03 -42.22
N PHE E 210 -9.97 10.20 -41.60
CA PHE E 210 -9.33 10.39 -40.31
C PHE E 210 -10.29 11.04 -39.35
N THR E 211 -10.28 10.58 -38.11
CA THR E 211 -11.01 11.30 -37.08
C THR E 211 -10.30 12.60 -36.74
N GLN E 212 -11.03 13.50 -36.11
CA GLN E 212 -10.56 14.87 -35.94
C GLN E 212 -10.05 15.14 -34.54
N SER E 213 -10.32 14.25 -33.58
CA SER E 213 -9.70 14.29 -32.26
C SER E 213 -10.08 15.53 -31.48
N ARG E 214 -11.29 16.05 -31.67
CA ARG E 214 -11.71 17.21 -30.90
C ARG E 214 -12.34 16.76 -29.60
N ASN E 215 -12.62 17.73 -28.72
CA ASN E 215 -13.28 17.43 -27.46
C ASN E 215 -14.49 18.32 -27.26
N LEU E 216 -15.33 17.92 -26.31
CA LEU E 216 -16.63 18.56 -26.13
C LEU E 216 -16.50 20.01 -25.74
N GLN E 217 -15.75 20.29 -24.69
CA GLN E 217 -15.79 21.61 -24.08
C GLN E 217 -15.19 22.66 -24.99
N GLU E 218 -14.17 22.31 -25.76
CA GLU E 218 -13.49 23.25 -26.63
C GLU E 218 -13.74 22.92 -28.10
N PHE E 219 -14.90 22.38 -28.42
CA PHE E 219 -15.15 21.99 -29.80
C PHE E 219 -15.17 23.21 -30.71
N LYS E 220 -14.39 23.16 -31.77
CA LYS E 220 -14.30 24.23 -32.73
C LYS E 220 -14.61 23.69 -34.12
N PRO E 221 -15.53 24.29 -34.86
CA PRO E 221 -15.80 23.79 -36.21
C PRO E 221 -14.60 23.97 -37.10
N ARG E 222 -14.45 23.07 -38.07
CA ARG E 222 -13.30 23.09 -38.97
C ARG E 222 -13.71 23.13 -40.44
N SER E 223 -14.98 23.37 -40.74
CA SER E 223 -15.42 23.56 -42.11
C SER E 223 -16.68 24.41 -42.07
N GLN E 224 -17.06 24.92 -43.24
CA GLN E 224 -18.30 25.69 -43.29
C GLN E 224 -19.50 24.81 -42.95
N MET E 225 -19.50 23.56 -43.40
CA MET E 225 -20.61 22.69 -43.04
C MET E 225 -20.70 22.52 -41.54
N GLU E 226 -19.57 22.42 -40.86
CA GLU E 226 -19.60 22.28 -39.40
C GLU E 226 -20.04 23.58 -38.77
N ILE E 227 -19.57 24.70 -39.32
CA ILE E 227 -20.06 26.01 -38.89
C ILE E 227 -21.56 26.08 -39.08
N ASP E 228 -22.05 25.63 -40.23
CA ASP E 228 -23.49 25.67 -40.47
C ASP E 228 -24.20 24.82 -39.44
N PHE E 229 -23.65 23.65 -39.12
CA PHE E 229 -24.30 22.79 -38.13
C PHE E 229 -24.45 23.50 -36.80
N LEU E 230 -23.42 24.21 -36.36
CA LEU E 230 -23.51 24.88 -35.08
C LEU E 230 -24.39 26.13 -35.16
N GLU E 231 -24.37 26.82 -36.30
CA GLU E 231 -25.10 28.08 -36.39
C GLU E 231 -26.57 27.88 -36.73
N LEU E 232 -26.87 26.97 -37.66
CA LEU E 232 -28.24 26.87 -38.13
C LEU E 232 -29.08 26.01 -37.20
N ALA E 233 -30.38 26.22 -37.28
CA ALA E 233 -31.32 25.31 -36.66
C ALA E 233 -31.28 23.96 -37.37
N MET E 234 -31.83 22.96 -36.70
CA MET E 234 -31.72 21.58 -37.17
C MET E 234 -32.35 21.42 -38.55
N ASP E 235 -33.58 21.88 -38.71
CA ASP E 235 -34.27 21.69 -39.98
C ASP E 235 -33.64 22.52 -41.09
N GLU E 236 -33.18 23.73 -40.75
CA GLU E 236 -32.49 24.58 -41.71
C GLU E 236 -31.23 23.94 -42.25
N PHE E 237 -30.41 23.33 -41.39
CA PHE E 237 -29.16 22.76 -41.84
C PHE E 237 -29.41 21.58 -42.76
N ILE E 238 -30.30 20.67 -42.35
CA ILE E 238 -30.59 19.48 -43.14
C ILE E 238 -31.16 19.88 -44.48
N GLU E 239 -31.94 20.96 -44.50
CA GLU E 239 -32.49 21.47 -45.75
C GLU E 239 -31.41 22.04 -46.65
N ARG E 240 -30.49 22.83 -46.09
CA ARG E 240 -29.52 23.51 -46.93
C ARG E 240 -28.64 22.52 -47.67
N TYR E 241 -28.21 21.47 -47.01
CA TYR E 241 -27.35 20.46 -47.60
C TYR E 241 -28.15 19.26 -48.08
N LYS E 242 -29.46 19.38 -48.14
CA LYS E 242 -30.35 18.38 -48.71
C LYS E 242 -30.10 16.99 -48.10
N LEU E 243 -30.22 16.94 -46.77
CA LEU E 243 -29.92 15.75 -46.00
C LEU E 243 -31.17 15.08 -45.47
N GLU E 244 -32.35 15.49 -45.95
CA GLU E 244 -33.61 14.89 -45.55
C GLU E 244 -33.62 13.38 -45.81
N GLY E 245 -34.09 12.61 -44.84
CA GLY E 245 -34.16 11.18 -45.00
C GLY E 245 -32.94 10.41 -44.57
N TYR E 246 -31.90 11.11 -44.12
CA TYR E 246 -30.71 10.48 -43.60
C TYR E 246 -30.69 10.43 -42.08
N ALA E 247 -31.80 10.80 -41.44
CA ALA E 247 -31.98 10.67 -40.00
C ALA E 247 -30.96 11.46 -39.19
N PHE E 248 -30.54 12.61 -39.70
CA PHE E 248 -29.63 13.44 -38.91
C PHE E 248 -30.29 13.90 -37.61
N GLU E 249 -31.59 14.13 -37.64
CA GLU E 249 -32.31 14.53 -36.44
C GLU E 249 -32.04 13.58 -35.29
N HIS E 250 -31.99 12.29 -35.60
CA HIS E 250 -31.72 11.24 -34.64
C HIS E 250 -30.22 11.03 -34.45
N ILE E 251 -29.52 10.75 -35.55
CA ILE E 251 -28.14 10.27 -35.49
C ILE E 251 -27.21 11.34 -34.94
N VAL E 252 -27.30 12.56 -35.46
CA VAL E 252 -26.34 13.60 -35.16
C VAL E 252 -26.83 14.54 -34.06
N TYR E 253 -28.07 14.99 -34.13
CA TYR E 253 -28.56 15.94 -33.14
C TYR E 253 -28.90 15.26 -31.82
N GLY E 254 -29.29 14.00 -31.86
CA GLY E 254 -29.70 13.27 -30.68
C GLY E 254 -31.18 13.44 -30.40
N ASP E 255 -31.75 12.39 -29.82
CA ASP E 255 -33.17 12.36 -29.46
C ASP E 255 -33.23 12.19 -27.95
N PHE E 256 -33.67 13.25 -27.27
CA PHE E 256 -33.72 13.29 -25.82
C PHE E 256 -35.13 13.20 -25.27
N SER E 257 -36.06 12.64 -26.05
CA SER E 257 -37.47 12.65 -25.68
C SER E 257 -37.89 11.45 -24.85
N HIS E 258 -37.10 10.38 -24.84
CA HIS E 258 -37.43 9.16 -24.12
C HIS E 258 -36.40 8.91 -23.04
N SER E 259 -36.76 7.98 -22.14
CA SER E 259 -35.87 7.66 -21.03
C SER E 259 -34.52 7.17 -21.53
N GLN E 260 -34.51 6.41 -22.62
CA GLN E 260 -33.28 6.03 -23.29
C GLN E 260 -32.91 7.06 -24.34
N LEU E 261 -31.70 7.61 -24.24
CA LEU E 261 -31.25 8.60 -25.21
C LEU E 261 -31.08 7.99 -26.59
N GLY E 262 -31.71 8.60 -27.59
CA GLY E 262 -31.64 8.09 -28.94
C GLY E 262 -30.52 8.74 -29.73
N GLY E 263 -29.74 7.91 -30.42
CA GLY E 263 -28.73 8.43 -31.33
C GLY E 263 -27.62 9.20 -30.64
N LEU E 264 -27.25 10.33 -31.24
CA LEU E 264 -26.16 11.19 -30.77
C LEU E 264 -24.82 10.49 -30.86
N HIS E 265 -24.36 10.20 -32.08
CA HIS E 265 -23.16 9.39 -32.29
C HIS E 265 -21.97 10.14 -32.89
N LEU E 266 -22.11 11.42 -33.23
CA LEU E 266 -21.03 12.21 -33.79
C LEU E 266 -20.68 13.31 -32.81
N LEU E 267 -19.39 13.50 -32.58
CA LEU E 267 -18.95 14.46 -31.57
C LEU E 267 -19.54 15.84 -31.83
N ILE E 268 -19.59 16.28 -33.09
CA ILE E 268 -20.14 17.60 -33.35
C ILE E 268 -21.58 17.69 -32.84
N GLY E 269 -22.31 16.59 -32.87
CA GLY E 269 -23.67 16.61 -32.37
C GLY E 269 -23.73 16.75 -30.86
N LEU E 270 -22.81 16.07 -30.17
CA LEU E 270 -22.67 16.28 -28.74
C LEU E 270 -22.27 17.71 -28.43
N ALA E 271 -21.34 18.27 -29.22
CA ALA E 271 -20.90 19.63 -28.98
C ALA E 271 -22.06 20.61 -29.07
N LYS E 272 -22.94 20.45 -30.06
CA LYS E 272 -24.04 21.39 -30.18
C LYS E 272 -24.98 21.30 -28.99
N ARG E 273 -25.31 20.08 -28.55
CA ARG E 273 -26.16 19.98 -27.37
C ARG E 273 -25.45 20.52 -26.16
N PHE E 274 -24.15 20.24 -26.03
CA PHE E 274 -23.44 20.60 -24.82
C PHE E 274 -23.35 22.11 -24.68
N LYS E 275 -23.17 22.81 -25.80
CA LYS E 275 -23.06 24.27 -25.75
C LYS E 275 -24.37 24.91 -25.32
N GLU E 276 -25.49 24.21 -25.49
CA GLU E 276 -26.78 24.74 -25.05
C GLU E 276 -27.19 24.18 -23.71
N SER E 277 -26.80 22.95 -23.41
CA SER E 277 -27.32 22.23 -22.25
C SER E 277 -26.29 21.18 -21.85
N PRO E 278 -25.87 21.16 -20.59
CA PRO E 278 -24.81 20.24 -20.19
C PRO E 278 -25.34 18.84 -19.94
N PHE E 279 -24.43 17.87 -20.05
CA PHE E 279 -24.73 16.49 -19.75
C PHE E 279 -23.44 15.82 -19.31
N GLU E 280 -23.58 14.64 -18.72
CA GLU E 280 -22.46 13.89 -18.17
C GLU E 280 -22.11 12.73 -19.09
N LEU E 281 -20.82 12.56 -19.34
CA LEU E 281 -20.28 11.46 -20.14
C LEU E 281 -19.32 10.67 -19.27
N GLU E 282 -19.69 9.45 -18.92
CA GLU E 282 -18.79 8.57 -18.17
C GLU E 282 -18.00 7.75 -19.18
N ASP E 283 -16.69 7.97 -19.21
CA ASP E 283 -15.78 7.33 -20.15
C ASP E 283 -15.29 6.03 -19.52
N PHE E 284 -16.08 4.97 -19.68
CA PHE E 284 -15.86 3.80 -18.83
C PHE E 284 -14.76 2.89 -19.35
N ILE E 285 -14.26 3.10 -20.55
CA ILE E 285 -13.02 2.47 -21.01
C ILE E 285 -12.04 3.57 -21.40
N PRO E 286 -11.28 4.12 -20.47
CA PRO E 286 -10.51 5.33 -20.79
C PRO E 286 -9.21 5.08 -21.51
N MET E 287 -9.27 5.02 -22.84
CA MET E 287 -8.09 4.88 -23.67
C MET E 287 -8.34 5.64 -24.96
N ASP E 288 -7.30 5.79 -25.76
CA ASP E 288 -7.43 6.41 -27.07
C ASP E 288 -7.93 5.38 -28.07
N SER E 289 -9.05 5.65 -28.72
CA SER E 289 -9.50 4.78 -29.79
C SER E 289 -10.36 5.57 -30.77
N THR E 290 -10.40 5.07 -32.00
CA THR E 290 -11.15 5.73 -33.06
C THR E 290 -12.63 5.90 -32.69
N VAL E 291 -13.25 4.85 -32.17
CA VAL E 291 -14.62 4.94 -31.67
C VAL E 291 -14.57 4.96 -30.15
N LYS E 292 -15.32 5.87 -29.54
CA LYS E 292 -15.41 5.97 -28.10
C LYS E 292 -16.81 5.63 -27.62
N ASN E 293 -16.89 4.96 -26.48
CA ASN E 293 -18.15 4.54 -25.90
C ASN E 293 -18.30 5.26 -24.57
N TYR E 294 -19.45 5.91 -24.37
CA TYR E 294 -19.70 6.69 -23.18
C TYR E 294 -21.02 6.27 -22.54
N PHE E 295 -21.04 6.27 -21.22
CA PHE E 295 -22.28 6.20 -20.47
C PHE E 295 -22.77 7.63 -20.29
N ILE E 296 -23.80 8.00 -21.05
CA ILE E 296 -24.23 9.38 -21.15
C ILE E 296 -25.52 9.58 -20.37
N THR E 297 -25.57 10.68 -19.61
CA THR E 297 -26.77 11.08 -18.89
C THR E 297 -27.09 12.52 -19.23
N ASP E 298 -28.26 12.76 -19.82
CA ASP E 298 -28.62 14.12 -20.17
C ASP E 298 -29.22 14.81 -18.95
N ALA E 299 -28.60 15.91 -18.54
CA ALA E 299 -29.00 16.57 -17.30
C ALA E 299 -30.35 17.24 -17.43
N GLN E 300 -30.66 17.76 -18.62
CA GLN E 300 -31.90 18.51 -18.78
C GLN E 300 -33.13 17.61 -18.75
N THR E 301 -33.07 16.45 -19.40
CA THR E 301 -34.24 15.63 -19.59
C THR E 301 -34.26 14.38 -18.73
N GLY E 302 -33.10 13.92 -18.28
CA GLY E 302 -33.00 12.63 -17.66
C GLY E 302 -32.88 11.48 -18.63
N SER E 303 -32.89 11.76 -19.92
CA SER E 303 -32.60 10.73 -20.91
C SER E 303 -31.16 10.26 -20.79
N SER E 304 -30.96 8.95 -20.86
CA SER E 304 -29.63 8.38 -20.67
C SER E 304 -29.48 7.13 -21.52
N LYS E 305 -28.23 6.72 -21.69
CA LYS E 305 -27.92 5.50 -22.44
C LYS E 305 -26.59 4.97 -21.95
N CYS E 306 -26.55 3.67 -21.69
CA CYS E 306 -25.37 3.07 -21.08
C CYS E 306 -24.18 3.02 -22.03
N VAL E 307 -24.42 2.68 -23.29
CA VAL E 307 -23.36 2.59 -24.29
C VAL E 307 -23.76 3.46 -25.46
N CYS E 308 -23.20 4.65 -25.55
CA CYS E 308 -23.41 5.55 -26.67
C CYS E 308 -22.09 5.65 -27.43
N SER E 309 -22.02 5.03 -28.60
CA SER E 309 -20.80 5.06 -29.39
C SER E 309 -20.70 6.37 -30.15
N VAL E 310 -19.54 7.00 -30.05
CA VAL E 310 -19.31 8.35 -30.52
C VAL E 310 -18.05 8.36 -31.37
N ILE E 311 -18.13 8.93 -32.56
CA ILE E 311 -17.00 9.07 -33.44
C ILE E 311 -16.89 10.54 -33.84
N ASP E 312 -15.66 11.04 -33.93
CA ASP E 312 -15.43 12.41 -34.35
C ASP E 312 -14.92 12.45 -35.79
N LEU E 313 -15.84 12.36 -36.73
CA LEU E 313 -15.50 12.65 -38.11
C LEU E 313 -15.81 14.11 -38.41
N LEU E 314 -15.02 14.70 -39.28
CA LEU E 314 -15.40 15.96 -39.88
C LEU E 314 -16.76 15.80 -40.53
N LEU E 315 -17.66 16.74 -40.27
CA LEU E 315 -19.03 16.58 -40.72
C LEU E 315 -19.11 16.37 -42.22
N ASP E 316 -18.27 17.06 -42.99
CA ASP E 316 -18.27 16.87 -44.43
C ASP E 316 -17.96 15.43 -44.80
N ASP E 317 -17.05 14.82 -44.04
CA ASP E 317 -16.68 13.43 -44.28
C ASP E 317 -17.80 12.48 -43.93
N PHE E 318 -18.47 12.70 -42.80
CA PHE E 318 -19.60 11.85 -42.41
C PHE E 318 -20.74 11.92 -43.41
N VAL E 319 -21.02 13.10 -43.96
CA VAL E 319 -22.06 13.22 -44.96
C VAL E 319 -21.69 12.43 -46.20
N GLU E 320 -20.43 12.52 -46.62
CA GLU E 320 -19.98 11.74 -47.76
C GLU E 320 -20.20 10.26 -47.52
N ILE E 321 -19.84 9.80 -46.32
CA ILE E 321 -19.97 8.38 -46.02
C ILE E 321 -21.43 7.95 -46.07
N ILE E 322 -22.31 8.68 -45.37
CA ILE E 322 -23.71 8.24 -45.28
C ILE E 322 -24.41 8.41 -46.62
N LYS E 323 -24.04 9.40 -47.42
CA LYS E 323 -24.64 9.49 -48.74
C LYS E 323 -24.10 8.47 -49.72
N SER E 324 -23.15 7.64 -49.31
CA SER E 324 -22.60 6.65 -50.21
C SER E 324 -23.09 5.27 -49.86
N GLN E 325 -24.16 5.19 -49.07
CA GLN E 325 -24.74 3.93 -48.64
C GLN E 325 -26.07 3.71 -49.35
N ASP E 326 -26.37 2.46 -49.60
CA ASP E 326 -27.70 2.05 -50.06
C ASP E 326 -28.65 1.99 -48.87
N LEU E 327 -29.85 2.54 -49.04
CA LEU E 327 -30.75 2.67 -47.91
C LEU E 327 -31.94 1.75 -48.05
N SER E 328 -31.79 0.69 -48.84
CA SER E 328 -32.89 -0.16 -49.27
C SER E 328 -33.08 -1.37 -48.38
N VAL E 329 -32.32 -1.51 -47.31
CA VAL E 329 -32.33 -2.72 -46.51
C VAL E 329 -32.56 -2.36 -45.05
N VAL E 330 -33.25 -3.26 -44.35
CA VAL E 330 -33.63 -2.98 -42.97
C VAL E 330 -32.41 -2.71 -42.11
N SER E 331 -31.44 -3.61 -42.15
CA SER E 331 -30.27 -3.45 -41.30
C SER E 331 -29.08 -4.11 -41.95
N LYS E 332 -27.91 -3.51 -41.78
CA LYS E 332 -26.69 -4.12 -42.29
C LYS E 332 -25.49 -3.45 -41.64
N VAL E 333 -24.35 -4.09 -41.78
CA VAL E 333 -23.09 -3.57 -41.29
C VAL E 333 -22.40 -2.84 -42.43
N VAL E 334 -21.97 -1.62 -42.17
CA VAL E 334 -21.25 -0.82 -43.15
C VAL E 334 -19.81 -0.68 -42.69
N LYS E 335 -18.88 -0.96 -43.59
CA LYS E 335 -17.45 -0.89 -43.31
C LYS E 335 -16.91 0.39 -43.90
N VAL E 336 -16.20 1.15 -43.08
CA VAL E 336 -15.61 2.42 -43.47
C VAL E 336 -14.17 2.40 -42.97
N THR E 337 -13.23 2.59 -43.89
CA THR E 337 -11.85 2.65 -43.48
C THR E 337 -11.59 4.01 -42.85
N ILE E 338 -11.18 4.00 -41.59
CA ILE E 338 -10.95 5.21 -40.82
C ILE E 338 -9.70 5.01 -39.98
N ASP E 339 -8.81 6.00 -39.97
CA ASP E 339 -7.54 5.87 -39.25
C ASP E 339 -6.82 4.58 -39.60
N TYR E 340 -6.91 4.18 -40.86
CA TYR E 340 -6.25 3.03 -41.45
C TYR E 340 -6.90 1.73 -41.00
N THR E 341 -7.96 1.77 -40.20
CA THR E 341 -8.65 0.57 -39.80
C THR E 341 -10.07 0.60 -40.34
N GLU E 342 -10.66 -0.58 -40.48
CA GLU E 342 -12.04 -0.72 -40.94
C GLU E 342 -12.98 -0.58 -39.75
N ILE E 343 -13.74 0.51 -39.73
CA ILE E 343 -14.73 0.71 -38.68
C ILE E 343 -16.07 0.18 -39.17
N SER E 344 -16.71 -0.63 -38.35
CA SER E 344 -18.04 -1.16 -38.64
C SER E 344 -19.12 -0.23 -38.13
N PHE E 345 -20.03 0.15 -39.01
CA PHE E 345 -21.21 0.93 -38.68
C PHE E 345 -22.44 0.07 -38.80
N MET E 346 -23.42 0.29 -37.92
CA MET E 346 -24.72 -0.34 -38.06
C MET E 346 -25.62 0.62 -38.82
N LEU E 347 -26.21 0.15 -39.92
CA LEU E 347 -27.10 0.96 -40.72
C LEU E 347 -28.50 0.36 -40.64
N TRP E 348 -29.45 1.12 -40.13
CA TRP E 348 -30.84 0.71 -40.08
C TRP E 348 -31.68 1.62 -40.95
N CYS E 349 -32.49 1.03 -41.80
CA CYS E 349 -33.30 1.81 -42.73
C CYS E 349 -34.73 1.32 -42.68
N LYS E 350 -35.64 2.20 -43.06
CA LYS E 350 -37.05 1.84 -43.18
C LYS E 350 -37.65 2.66 -44.32
N ASP E 351 -38.29 1.97 -45.26
CA ASP E 351 -38.96 2.60 -46.38
C ASP E 351 -38.04 3.57 -47.12
N GLY E 352 -36.78 3.17 -47.28
CA GLY E 352 -35.83 3.95 -48.04
C GLY E 352 -35.20 5.10 -47.32
N HIS E 353 -35.49 5.29 -46.03
CA HIS E 353 -34.86 6.32 -45.23
C HIS E 353 -34.04 5.69 -44.13
N VAL E 354 -33.04 6.42 -43.65
CA VAL E 354 -32.28 5.97 -42.50
C VAL E 354 -33.15 6.01 -41.25
N GLU E 355 -33.06 4.97 -40.43
CA GLU E 355 -33.59 5.04 -39.08
C GLU E 355 -32.51 5.36 -38.07
N THR E 356 -31.40 4.63 -38.08
CA THR E 356 -30.23 5.07 -37.36
C THR E 356 -29.00 4.52 -38.03
N PHE E 357 -27.84 5.04 -37.61
CA PHE E 357 -26.59 4.69 -38.23
C PHE E 357 -25.52 5.00 -37.20
N TYR E 358 -24.92 3.99 -36.61
CA TYR E 358 -23.99 4.28 -35.53
C TYR E 358 -22.81 3.34 -35.62
N PRO E 359 -21.63 3.79 -35.21
CA PRO E 359 -20.48 2.92 -35.18
C PRO E 359 -20.55 1.97 -34.00
N LYS E 360 -19.94 0.80 -34.17
CA LYS E 360 -19.95 -0.21 -33.12
C LYS E 360 -18.62 -0.24 -32.39
N MET F 16 -4.07 14.92 24.25
CA MET F 16 -4.05 14.82 22.80
C MET F 16 -4.34 13.38 22.35
N SER F 17 -4.99 13.24 21.20
CA SER F 17 -5.49 11.95 20.75
C SER F 17 -5.97 12.09 19.32
N LEU F 18 -5.72 11.07 18.50
CA LEU F 18 -6.23 11.04 17.14
C LEU F 18 -7.74 11.27 17.11
N GLU F 19 -8.50 10.54 17.93
CA GLU F 19 -9.95 10.64 17.91
C GLU F 19 -10.43 12.01 18.36
N ASN F 20 -9.70 12.68 19.24
CA ASN F 20 -10.10 14.03 19.61
C ASN F 20 -9.84 15.01 18.49
N VAL F 21 -8.73 14.85 17.77
CA VAL F 21 -8.48 15.66 16.58
C VAL F 21 -9.61 15.50 15.59
N ALA F 22 -10.03 14.26 15.33
CA ALA F 22 -11.12 14.03 14.39
C ALA F 22 -12.40 14.68 14.90
N PHE F 23 -12.65 14.62 16.20
CA PHE F 23 -13.84 15.27 16.73
C PHE F 23 -13.84 16.75 16.43
N ASN F 24 -12.70 17.41 16.62
CA ASN F 24 -12.62 18.84 16.35
C ASN F 24 -12.81 19.12 14.87
N VAL F 25 -12.21 18.30 14.00
CA VAL F 25 -12.36 18.51 12.56
C VAL F 25 -13.83 18.42 12.19
N VAL F 26 -14.51 17.41 12.70
CA VAL F 26 -15.91 17.20 12.35
C VAL F 26 -16.78 18.33 12.88
N ASN F 27 -16.46 18.84 14.06
CA ASN F 27 -17.36 19.80 14.72
C ASN F 27 -16.92 21.24 14.56
N LYS F 28 -15.65 21.51 14.30
CA LYS F 28 -15.14 22.86 14.26
C LYS F 28 -14.42 23.21 12.98
N GLY F 29 -14.22 22.27 12.07
CA GLY F 29 -13.54 22.53 10.82
C GLY F 29 -12.03 22.44 10.88
N HIS F 30 -11.47 22.31 12.07
CA HIS F 30 -10.03 22.27 12.30
C HIS F 30 -9.85 21.97 13.77
N PHE F 31 -8.60 21.88 14.21
CA PHE F 31 -8.36 21.62 15.62
C PHE F 31 -8.61 22.89 16.42
N ASP F 32 -9.52 22.79 17.38
CA ASP F 32 -9.95 23.94 18.16
C ASP F 32 -9.84 23.68 19.66
N GLY F 33 -9.15 22.62 20.06
CA GLY F 33 -9.00 22.36 21.48
C GLY F 33 -10.24 21.91 22.20
N GLN F 34 -11.25 21.41 21.49
CA GLN F 34 -12.48 20.98 22.15
C GLN F 34 -12.32 19.55 22.64
N GLN F 35 -13.01 19.24 23.73
CA GLN F 35 -13.02 17.88 24.25
C GLN F 35 -14.01 17.04 23.48
N GLY F 36 -13.66 15.79 23.23
CA GLY F 36 -14.56 14.87 22.56
C GLY F 36 -13.79 13.87 21.74
N GLU F 37 -14.51 12.86 21.28
CA GLU F 37 -13.92 11.85 20.40
C GLU F 37 -14.97 11.37 19.42
N VAL F 38 -14.51 10.97 18.24
CA VAL F 38 -15.36 10.27 17.28
C VAL F 38 -14.62 9.03 16.79
N PRO F 39 -15.33 8.04 16.27
CA PRO F 39 -14.66 6.85 15.77
C PRO F 39 -13.95 7.14 14.47
N VAL F 40 -12.74 6.60 14.35
CA VAL F 40 -11.87 6.90 13.23
C VAL F 40 -11.39 5.59 12.63
N SER F 41 -11.34 5.53 11.31
CA SER F 41 -10.72 4.42 10.61
C SER F 41 -9.58 4.94 9.76
N ILE F 42 -8.45 4.24 9.76
CA ILE F 42 -7.37 4.55 8.85
C ILE F 42 -7.19 3.37 7.91
N ILE F 43 -7.31 3.63 6.62
CA ILE F 43 -7.13 2.59 5.62
C ILE F 43 -6.32 3.17 4.47
N ASN F 44 -5.21 2.51 4.14
CA ASN F 44 -4.15 3.05 3.31
C ASN F 44 -3.69 4.40 3.82
N ASN F 45 -3.89 5.44 3.02
CA ASN F 45 -3.37 6.77 3.31
C ASN F 45 -4.50 7.75 3.53
N THR F 46 -5.66 7.26 3.95
CA THR F 46 -6.82 8.09 4.12
C THR F 46 -7.39 7.89 5.51
N VAL F 47 -7.90 8.96 6.10
CA VAL F 47 -8.54 8.89 7.40
C VAL F 47 -10.04 9.01 7.21
N TYR F 48 -10.79 8.09 7.80
CA TYR F 48 -12.24 8.13 7.74
C TYR F 48 -12.80 8.23 9.15
N THR F 49 -14.00 8.76 9.24
CA THR F 49 -14.78 8.71 10.44
C THR F 49 -16.18 8.20 10.11
N LYS F 50 -16.81 7.55 11.08
CA LYS F 50 -18.11 6.97 10.85
C LYS F 50 -19.11 8.05 11.22
N VAL F 51 -19.96 8.42 10.27
CA VAL F 51 -20.97 9.44 10.48
C VAL F 51 -22.32 8.83 10.15
N ASP F 52 -23.13 8.61 11.18
CA ASP F 52 -24.47 8.05 11.04
C ASP F 52 -24.44 6.77 10.22
N GLY F 53 -23.54 5.87 10.61
CA GLY F 53 -23.49 4.54 10.07
C GLY F 53 -22.69 4.37 8.80
N VAL F 54 -22.16 5.44 8.22
CA VAL F 54 -21.32 5.34 7.04
C VAL F 54 -20.01 6.06 7.26
N ASP F 55 -19.00 5.64 6.50
CA ASP F 55 -17.67 6.21 6.62
C ASP F 55 -17.54 7.41 5.71
N VAL F 56 -17.00 8.49 6.24
CA VAL F 56 -16.79 9.72 5.51
C VAL F 56 -15.31 10.05 5.54
N GLU F 57 -14.72 10.31 4.38
CA GLU F 57 -13.31 10.64 4.33
C GLU F 57 -13.07 12.02 4.91
N LEU F 58 -12.13 12.10 5.85
CA LEU F 58 -11.78 13.39 6.43
C LEU F 58 -10.49 13.96 5.91
N PHE F 59 -9.55 13.12 5.48
CA PHE F 59 -8.23 13.59 5.12
C PHE F 59 -7.52 12.52 4.31
N GLU F 60 -6.94 12.93 3.19
CA GLU F 60 -6.11 12.05 2.39
C GLU F 60 -4.68 12.56 2.46
N ASN F 61 -3.77 11.71 2.91
CA ASN F 61 -2.39 12.14 3.12
C ASN F 61 -1.67 12.21 1.79
N LYS F 62 -1.23 13.41 1.41
CA LYS F 62 -0.41 13.61 0.24
C LYS F 62 1.02 13.95 0.62
N THR F 63 1.32 13.92 1.90
CA THR F 63 2.65 14.21 2.44
C THR F 63 3.45 12.92 2.53
N THR F 64 4.71 13.05 2.91
CA THR F 64 5.56 11.92 3.21
C THR F 64 5.58 11.56 4.69
N LEU F 65 4.73 12.16 5.49
CA LEU F 65 4.60 11.80 6.88
C LEU F 65 3.62 10.65 7.06
N PRO F 66 3.65 9.99 8.22
CA PRO F 66 2.63 8.99 8.52
C PRO F 66 1.24 9.61 8.52
N VAL F 67 0.28 8.83 8.04
CA VAL F 67 -1.07 9.37 7.83
C VAL F 67 -1.62 9.98 9.11
N ASN F 68 -1.45 9.32 10.25
CA ASN F 68 -2.03 9.89 11.45
C ASN F 68 -1.29 11.14 11.89
N VAL F 69 -0.01 11.24 11.56
CA VAL F 69 0.75 12.43 11.91
C VAL F 69 0.41 13.59 11.00
N ALA F 70 0.37 13.34 9.69
CA ALA F 70 -0.03 14.39 8.76
C ALA F 70 -1.41 14.92 9.09
N PHE F 71 -2.32 14.03 9.46
CA PHE F 71 -3.66 14.45 9.83
C PHE F 71 -3.65 15.43 10.99
N GLU F 72 -2.85 15.15 12.02
CA GLU F 72 -2.81 16.04 13.16
C GLU F 72 -2.20 17.38 12.80
N LEU F 73 -1.13 17.38 12.02
CA LEU F 73 -0.54 18.65 11.61
C LEU F 73 -1.48 19.44 10.72
N TRP F 74 -2.15 18.76 9.80
CA TRP F 74 -3.15 19.43 8.96
C TRP F 74 -4.26 20.05 9.79
N ALA F 75 -4.81 19.30 10.74
CA ALA F 75 -5.89 19.84 11.54
C ALA F 75 -5.47 21.04 12.36
N LYS F 76 -4.19 21.12 12.72
CA LYS F 76 -3.70 22.22 13.54
C LYS F 76 -3.08 23.33 12.73
N ARG F 77 -3.32 23.36 11.41
CA ARG F 77 -2.72 24.40 10.58
C ARG F 77 -3.19 25.78 11.03
N ASN F 78 -2.35 26.77 10.78
CA ASN F 78 -2.73 28.15 11.07
C ASN F 78 -3.79 28.64 10.11
N ILE F 79 -4.90 29.15 10.64
CA ILE F 79 -6.01 29.60 9.81
C ILE F 79 -6.20 31.12 9.86
N LYS F 80 -5.19 31.86 10.27
CA LYS F 80 -5.17 33.30 10.11
C LYS F 80 -4.31 33.65 8.91
N PRO F 81 -4.36 34.89 8.44
CA PRO F 81 -3.43 35.27 7.37
C PRO F 81 -2.00 35.13 7.84
N VAL F 82 -1.19 34.48 7.02
CA VAL F 82 0.22 34.29 7.32
C VAL F 82 1.04 34.62 6.09
N PRO F 83 2.32 34.92 6.25
CA PRO F 83 3.17 35.16 5.09
C PRO F 83 3.12 33.98 4.15
N GLU F 84 3.16 34.26 2.85
CA GLU F 84 3.30 33.19 1.89
C GLU F 84 4.58 32.42 2.14
N VAL F 85 4.54 31.13 1.85
CA VAL F 85 5.68 30.26 2.16
C VAL F 85 6.94 30.74 1.47
N LYS F 86 6.82 31.27 0.25
CA LYS F 86 8.01 31.73 -0.44
C LYS F 86 8.73 32.82 0.33
N ILE F 87 8.00 33.68 1.04
CA ILE F 87 8.65 34.71 1.84
C ILE F 87 9.41 34.07 2.99
N LEU F 88 8.76 33.16 3.72
CA LEU F 88 9.43 32.51 4.84
C LEU F 88 10.66 31.74 4.39
N ASN F 89 10.57 31.00 3.29
CA ASN F 89 11.74 30.29 2.79
C ASN F 89 12.86 31.27 2.50
N ASN F 90 12.54 32.36 1.80
CA ASN F 90 13.55 33.33 1.44
C ASN F 90 14.18 33.96 2.67
N LEU F 91 13.43 34.08 3.75
CA LEU F 91 13.97 34.64 4.97
C LEU F 91 14.69 33.60 5.81
N GLY F 92 14.81 32.38 5.35
CA GLY F 92 15.55 31.39 6.09
C GLY F 92 14.83 30.81 7.29
N VAL F 93 13.50 30.89 7.32
CA VAL F 93 12.77 30.33 8.45
C VAL F 93 12.90 28.82 8.44
N ASP F 94 13.26 28.24 9.59
CA ASP F 94 13.40 26.80 9.71
C ASP F 94 12.20 26.11 10.35
N ILE F 95 11.45 26.81 11.20
CA ILE F 95 10.46 26.16 12.05
C ILE F 95 9.58 27.26 12.61
N ALA F 96 8.37 26.90 13.02
CA ALA F 96 7.43 27.87 13.54
C ALA F 96 7.20 27.67 15.03
N ALA F 97 7.03 28.76 15.75
CA ALA F 97 6.76 28.73 17.18
C ALA F 97 5.28 28.46 17.42
N ASN F 98 4.95 27.25 17.83
CA ASN F 98 3.63 26.90 18.37
C ASN F 98 2.53 27.05 17.34
N THR F 99 2.84 26.75 16.08
CA THR F 99 1.85 26.74 15.03
C THR F 99 2.36 25.86 13.90
N VAL F 100 1.47 25.56 12.96
CA VAL F 100 1.84 24.86 11.74
C VAL F 100 1.53 25.78 10.56
N ILE F 101 2.54 26.10 9.77
CA ILE F 101 2.34 26.76 8.49
C ILE F 101 2.09 25.69 7.45
N TRP F 102 0.86 25.55 7.00
CA TRP F 102 0.55 24.55 5.99
C TRP F 102 0.89 25.10 4.61
N ASP F 103 1.66 24.33 3.84
CA ASP F 103 2.09 24.76 2.51
C ASP F 103 1.09 24.21 1.51
N TYR F 104 0.16 25.04 1.08
CA TYR F 104 -0.92 24.56 0.22
C TYR F 104 -0.46 24.23 -1.20
N LYS F 105 0.65 24.78 -1.66
CA LYS F 105 1.15 24.40 -2.98
C LYS F 105 1.67 22.97 -2.99
N ARG F 106 2.23 22.53 -1.88
CA ARG F 106 2.76 21.18 -1.77
C ARG F 106 1.80 20.25 -1.05
N ASP F 107 0.71 20.80 -0.51
CA ASP F 107 -0.23 20.06 0.32
C ASP F 107 0.48 19.32 1.44
N ALA F 108 1.33 20.04 2.16
CA ALA F 108 2.19 19.46 3.17
C ALA F 108 2.62 20.58 4.10
N PRO F 109 3.10 20.26 5.29
CA PRO F 109 3.63 21.32 6.16
C PRO F 109 4.80 22.03 5.49
N ALA F 110 4.87 23.33 5.70
CA ALA F 110 5.97 24.10 5.16
C ALA F 110 7.28 23.77 5.85
N HIS F 111 7.23 23.28 7.08
CA HIS F 111 8.44 23.01 7.83
C HIS F 111 8.40 21.58 8.35
N ILE F 112 9.59 20.97 8.41
CA ILE F 112 9.67 19.55 8.73
C ILE F 112 9.37 19.29 10.20
N SER F 113 9.75 20.20 11.08
CA SER F 113 9.62 19.99 12.52
C SER F 113 8.68 21.03 13.10
N THR F 114 8.31 20.83 14.35
CA THR F 114 7.38 21.72 15.03
C THR F 114 7.91 22.01 16.41
N ILE F 115 7.33 23.02 17.04
CA ILE F 115 7.62 23.37 18.42
C ILE F 115 6.30 23.41 19.16
N GLY F 116 6.10 22.46 20.06
CA GLY F 116 4.91 22.51 20.88
C GLY F 116 3.61 22.28 20.13
N VAL F 117 3.63 21.44 19.10
CA VAL F 117 2.45 21.18 18.29
C VAL F 117 2.00 19.72 18.40
N CYS F 118 2.94 18.80 18.26
CA CYS F 118 2.57 17.41 18.01
C CYS F 118 3.70 16.54 18.53
N SER F 119 3.33 15.49 19.29
CA SER F 119 4.33 14.73 20.00
C SER F 119 5.26 13.97 19.07
N MET F 120 4.76 13.54 17.92
CA MET F 120 5.63 12.82 17.00
C MET F 120 6.63 13.73 16.32
N THR F 121 6.25 14.98 16.10
CA THR F 121 7.10 15.91 15.35
C THR F 121 7.74 16.99 16.19
N ASP F 122 7.33 17.18 17.43
CA ASP F 122 7.91 18.23 18.24
C ASP F 122 9.39 17.99 18.44
N ILE F 123 10.19 19.05 18.28
CA ILE F 123 11.56 19.01 18.79
C ILE F 123 11.69 19.75 20.10
N ALA F 124 10.66 20.46 20.54
CA ALA F 124 10.67 21.20 21.78
C ALA F 124 9.24 21.59 22.07
N LYS F 125 8.96 21.91 23.33
CA LYS F 125 7.64 22.43 23.63
C LYS F 125 7.59 23.94 23.54
N LYS F 126 8.71 24.59 23.83
CA LYS F 126 8.79 26.04 23.75
C LYS F 126 10.03 26.41 22.96
N PRO F 127 9.99 27.53 22.24
CA PRO F 127 11.15 27.94 21.43
C PRO F 127 12.34 28.44 22.24
N THR F 128 12.21 28.56 23.56
CA THR F 128 13.34 28.96 24.37
C THR F 128 14.30 27.84 24.69
N GLU F 129 13.99 26.59 24.35
CA GLU F 129 14.89 25.50 24.63
C GLU F 129 16.11 25.57 23.73
N THR F 130 17.21 24.98 24.22
CA THR F 130 18.50 25.14 23.55
C THR F 130 18.50 24.53 22.16
N ILE F 131 17.72 23.48 21.95
CA ILE F 131 17.70 22.85 20.64
C ILE F 131 17.16 23.79 19.58
N CYS F 132 16.38 24.78 19.97
CA CYS F 132 15.82 25.73 19.01
C CYS F 132 16.75 26.89 18.72
N ALA F 133 17.74 27.13 19.58
CA ALA F 133 18.64 28.27 19.45
C ALA F 133 19.30 28.38 18.07
N PRO F 134 19.89 27.33 17.49
CA PRO F 134 20.52 27.50 16.18
C PRO F 134 19.54 27.61 15.03
N LEU F 135 18.26 27.28 15.21
CA LEU F 135 17.31 27.35 14.11
C LEU F 135 16.75 28.75 14.00
N THR F 136 16.44 29.15 12.76
CA THR F 136 15.77 30.43 12.56
C THR F 136 14.29 30.18 12.75
N VAL F 137 13.77 30.58 13.89
CA VAL F 137 12.40 30.29 14.29
C VAL F 137 11.52 31.45 13.87
N PHE F 138 10.37 31.13 13.28
CA PHE F 138 9.38 32.14 12.92
C PHE F 138 8.48 32.45 14.10
N PHE F 139 8.44 33.71 14.51
CA PHE F 139 7.58 34.15 15.59
C PHE F 139 6.52 35.08 15.03
N ASP F 140 5.32 35.01 15.60
CA ASP F 140 4.17 35.73 15.10
C ASP F 140 3.70 36.69 16.17
N GLY F 141 3.99 37.98 15.99
CA GLY F 141 3.65 39.01 16.95
C GLY F 141 2.17 39.14 17.26
N ARG F 142 1.29 38.54 16.46
CA ARG F 142 -0.13 38.57 16.78
C ARG F 142 -0.47 37.66 17.95
N VAL F 143 0.38 36.70 18.25
CA VAL F 143 0.17 35.78 19.35
C VAL F 143 0.84 36.38 20.58
N ASP F 144 0.13 36.37 21.70
CA ASP F 144 0.66 36.96 22.92
C ASP F 144 1.99 36.35 23.34
N GLY F 145 2.92 37.22 23.73
CA GLY F 145 4.19 36.80 24.24
C GLY F 145 5.26 36.58 23.21
N GLN F 146 4.90 36.44 21.94
CA GLN F 146 5.89 36.03 20.95
C GLN F 146 6.84 37.16 20.58
N VAL F 147 6.39 38.41 20.66
CA VAL F 147 7.34 39.50 20.42
C VAL F 147 8.49 39.44 21.43
N ASP F 148 8.18 39.22 22.70
CA ASP F 148 9.24 39.17 23.69
C ASP F 148 10.10 37.93 23.54
N LEU F 149 9.51 36.83 23.09
CA LEU F 149 10.30 35.66 22.75
C LEU F 149 11.28 36.00 21.63
N PHE F 150 10.83 36.77 20.66
CA PHE F 150 11.72 37.20 19.60
C PHE F 150 12.87 38.04 20.13
N ARG F 151 12.60 38.92 21.10
CA ARG F 151 13.69 39.75 21.61
C ARG F 151 14.76 38.90 22.28
N ASN F 152 14.38 37.73 22.79
CA ASN F 152 15.30 36.84 23.47
C ASN F 152 15.85 35.73 22.58
N ALA F 153 15.22 35.46 21.44
CA ALA F 153 15.68 34.34 20.65
C ALA F 153 16.99 34.70 19.96
N ARG F 154 17.81 33.67 19.73
CA ARG F 154 19.09 33.86 19.07
C ARG F 154 18.93 34.07 17.58
N ASN F 155 18.06 33.30 16.95
CA ASN F 155 17.80 33.37 15.52
C ASN F 155 16.30 33.38 15.36
N GLY F 156 15.78 34.30 14.57
CA GLY F 156 14.34 34.39 14.47
C GLY F 156 13.90 35.36 13.40
N VAL F 157 12.65 35.19 12.98
CA VAL F 157 11.96 36.16 12.14
C VAL F 157 10.63 36.49 12.81
N LEU F 158 10.30 37.76 12.88
CA LEU F 158 9.09 38.18 13.57
C LEU F 158 8.26 38.99 12.60
N ILE F 159 6.97 38.71 12.52
CA ILE F 159 6.04 39.58 11.83
C ILE F 159 5.11 40.19 12.85
N THR F 160 4.70 41.42 12.59
CA THR F 160 3.71 42.09 13.40
C THR F 160 2.82 42.89 12.47
N GLU F 161 1.69 43.29 13.02
CA GLU F 161 0.76 44.16 12.33
C GLU F 161 1.07 45.62 12.59
N GLY F 162 1.88 45.90 13.60
CA GLY F 162 2.22 47.26 13.94
C GLY F 162 3.65 47.41 14.42
N SER F 163 3.94 48.54 15.04
CA SER F 163 5.30 48.86 15.45
C SER F 163 5.80 47.97 16.59
N VAL F 164 7.11 47.74 16.61
CA VAL F 164 7.80 47.09 17.70
C VAL F 164 8.80 48.09 18.27
N LYS F 165 8.76 48.28 19.59
CA LYS F 165 9.59 49.30 20.22
C LYS F 165 11.07 49.02 19.98
N GLY F 166 11.77 50.01 19.45
CA GLY F 166 13.21 49.90 19.29
C GLY F 166 13.68 49.10 18.11
N LEU F 167 12.79 48.70 17.21
CA LEU F 167 13.18 47.92 16.05
C LEU F 167 12.67 48.60 14.80
N GLN F 168 13.54 48.78 13.82
CA GLN F 168 13.10 49.29 12.53
C GLN F 168 12.46 48.17 11.73
N PRO F 169 11.25 48.35 11.22
CA PRO F 169 10.60 47.30 10.45
C PRO F 169 10.93 47.39 8.97
N SER F 170 10.84 46.25 8.30
CA SER F 170 10.81 46.20 6.85
C SER F 170 9.39 45.85 6.45
N VAL F 171 8.78 46.71 5.64
CA VAL F 171 7.38 46.52 5.25
C VAL F 171 7.29 45.38 4.25
N GLY F 172 6.50 44.38 4.59
CA GLY F 172 6.37 43.21 3.77
C GLY F 172 5.38 43.42 2.65
N PRO F 173 5.06 42.37 1.91
CA PRO F 173 4.10 42.49 0.82
C PRO F 173 2.71 42.83 1.32
N LYS F 174 1.89 43.28 0.39
CA LYS F 174 0.51 43.63 0.73
C LYS F 174 -0.35 42.41 0.95
N GLN F 175 -0.03 41.31 0.28
CA GLN F 175 -0.88 40.12 0.31
C GLN F 175 -0.34 39.10 1.30
N ALA F 176 -1.23 38.22 1.75
CA ALA F 176 -0.83 37.11 2.60
C ALA F 176 -1.75 35.94 2.29
N SER F 177 -1.43 34.81 2.89
CA SER F 177 -2.16 33.58 2.63
C SER F 177 -3.12 33.29 3.77
N LEU F 178 -4.39 33.09 3.43
CA LEU F 178 -5.42 32.74 4.40
C LEU F 178 -6.08 31.45 3.93
N ASN F 179 -5.85 30.36 4.66
CA ASN F 179 -6.41 29.06 4.30
C ASN F 179 -6.10 28.73 2.84
N GLY F 180 -4.90 29.05 2.40
CA GLY F 180 -4.51 28.74 1.05
C GLY F 180 -4.93 29.77 0.04
N VAL F 181 -5.64 30.80 0.46
CA VAL F 181 -6.08 31.87 -0.44
C VAL F 181 -5.15 33.05 -0.27
N THR F 182 -4.45 33.41 -1.34
CA THR F 182 -3.58 34.57 -1.31
C THR F 182 -4.43 35.79 -1.63
N LEU F 183 -4.37 36.80 -0.78
CA LEU F 183 -5.26 37.94 -0.93
C LEU F 183 -4.64 39.18 -0.31
N ILE F 184 -5.09 40.34 -0.79
CA ILE F 184 -4.80 41.61 -0.15
C ILE F 184 -5.98 41.88 0.79
N GLY F 185 -5.72 41.88 2.10
CA GLY F 185 -6.82 41.87 3.03
C GLY F 185 -7.49 43.23 3.10
N GLU F 186 -8.82 43.22 3.18
CA GLU F 186 -9.60 44.41 3.44
C GLU F 186 -10.31 44.39 4.77
N ALA F 187 -10.87 43.25 5.14
CA ALA F 187 -11.46 43.05 6.46
C ALA F 187 -10.46 42.54 7.47
N VAL F 188 -9.28 42.14 7.02
CA VAL F 188 -8.23 41.62 7.87
C VAL F 188 -6.93 42.18 7.35
N LYS F 189 -5.97 42.35 8.24
CA LYS F 189 -4.69 42.91 7.84
C LYS F 189 -3.76 41.84 7.31
N THR F 190 -3.22 42.05 6.11
CA THR F 190 -2.29 41.13 5.51
C THR F 190 -0.93 41.77 5.27
N GLN F 191 -0.79 43.05 5.61
CA GLN F 191 0.44 43.79 5.39
C GLN F 191 1.21 43.76 6.70
N PHE F 192 2.36 43.10 6.71
CA PHE F 192 3.14 42.95 7.94
C PHE F 192 4.43 43.74 7.89
N ASN F 193 4.87 44.16 9.06
CA ASN F 193 6.26 44.53 9.26
C ASN F 193 7.09 43.27 9.49
N TYR F 194 8.31 43.27 8.98
CA TYR F 194 9.21 42.15 9.15
C TYR F 194 10.44 42.56 9.92
N TYR F 195 10.92 41.66 10.78
CA TYR F 195 12.14 41.84 11.56
C TYR F 195 12.88 40.52 11.56
N LYS F 196 14.20 40.58 11.65
CA LYS F 196 14.99 39.36 11.63
C LYS F 196 16.19 39.50 12.55
N LYS F 197 16.46 38.43 13.29
CA LYS F 197 17.62 38.37 14.16
C LYS F 197 18.48 37.19 13.77
N VAL F 198 19.80 37.42 13.77
CA VAL F 198 20.78 36.38 13.54
C VAL F 198 21.79 36.48 14.67
N ASP F 199 21.95 35.39 15.42
CA ASP F 199 22.86 35.32 16.55
C ASP F 199 22.61 36.49 17.50
N GLY F 200 21.36 36.71 17.82
CA GLY F 200 21.00 37.74 18.77
C GLY F 200 21.06 39.16 18.24
N VAL F 201 21.37 39.36 16.98
CA VAL F 201 21.55 40.69 16.41
C VAL F 201 20.43 40.93 15.40
N VAL F 202 19.71 42.03 15.58
CA VAL F 202 18.65 42.38 14.64
C VAL F 202 19.26 42.77 13.30
N GLN F 203 18.72 42.21 12.22
CA GLN F 203 19.18 42.48 10.87
C GLN F 203 18.38 43.62 10.26
N GLN F 204 19.04 44.40 9.41
CA GLN F 204 18.34 45.30 8.50
C GLN F 204 18.01 44.54 7.22
N LEU F 205 16.73 44.27 7.01
CA LEU F 205 16.36 43.54 5.81
C LEU F 205 16.53 44.45 4.61
N PRO F 206 16.92 43.90 3.47
CA PRO F 206 17.24 44.74 2.32
C PRO F 206 16.01 45.33 1.66
N GLU F 207 16.22 46.47 0.99
CA GLU F 207 15.23 46.95 0.04
C GLU F 207 14.93 45.83 -0.95
N THR F 208 13.65 45.65 -1.26
CA THR F 208 13.26 44.54 -2.10
C THR F 208 12.01 44.86 -2.88
N TYR F 209 11.93 44.33 -4.08
CA TYR F 209 10.66 44.19 -4.75
C TYR F 209 9.93 42.99 -4.19
N PHE F 210 8.64 42.90 -4.49
CA PHE F 210 7.83 41.75 -4.13
C PHE F 210 7.12 41.21 -5.35
N THR F 211 7.06 39.89 -5.46
CA THR F 211 6.20 39.31 -6.47
C THR F 211 4.75 39.46 -6.07
N GLN F 212 3.87 39.32 -7.06
CA GLN F 212 2.47 39.67 -6.87
C GLN F 212 1.58 38.46 -6.67
N SER F 213 2.08 37.26 -6.94
CA SER F 213 1.41 36.01 -6.57
C SER F 213 0.08 35.83 -7.30
N ARG F 214 -0.03 36.33 -8.53
CA ARG F 214 -1.26 36.14 -9.27
C ARG F 214 -1.20 34.82 -10.03
N ASN F 215 -2.33 34.43 -10.61
CA ASN F 215 -2.39 33.22 -11.43
C ASN F 215 -2.98 33.51 -12.79
N LEU F 216 -2.78 32.55 -13.69
CA LEU F 216 -3.12 32.76 -15.10
C LEU F 216 -4.60 32.98 -15.30
N GLN F 217 -5.43 32.06 -14.80
CA GLN F 217 -6.82 32.05 -15.18
C GLN F 217 -7.57 33.26 -14.63
N GLU F 218 -7.19 33.72 -13.45
CA GLU F 218 -7.87 34.84 -12.80
C GLU F 218 -6.97 36.06 -12.73
N PHE F 219 -6.10 36.24 -13.71
CA PHE F 219 -5.16 37.36 -13.65
C PHE F 219 -5.92 38.68 -13.72
N LYS F 220 -5.65 39.55 -12.77
CA LYS F 220 -6.27 40.86 -12.72
C LYS F 220 -5.20 41.93 -12.68
N PRO F 221 -5.24 42.93 -13.55
CA PRO F 221 -4.23 43.97 -13.49
C PRO F 221 -4.33 44.76 -12.19
N ARG F 222 -3.19 45.26 -11.72
CA ARG F 222 -3.14 45.99 -10.47
C ARG F 222 -2.54 47.38 -10.62
N SER F 223 -2.34 47.86 -11.84
CA SER F 223 -1.90 49.23 -12.07
C SER F 223 -2.38 49.64 -13.44
N GLN F 224 -2.31 50.94 -13.70
CA GLN F 224 -2.70 51.41 -15.03
C GLN F 224 -1.76 50.86 -16.09
N MET F 225 -0.47 50.76 -15.80
CA MET F 225 0.44 50.18 -16.78
C MET F 225 0.05 48.75 -17.09
N GLU F 226 -0.38 47.98 -16.09
CA GLU F 226 -0.79 46.61 -16.35
C GLU F 226 -2.10 46.59 -17.12
N ILE F 227 -3.00 47.51 -16.77
CA ILE F 227 -4.22 47.70 -17.54
C ILE F 227 -3.88 48.02 -18.99
N ASP F 228 -2.93 48.94 -19.18
CA ASP F 228 -2.53 49.30 -20.53
C ASP F 228 -1.99 48.07 -21.26
N PHE F 229 -1.19 47.26 -20.57
CA PHE F 229 -0.64 46.08 -21.22
C PHE F 229 -1.74 45.17 -21.71
N LEU F 230 -2.79 44.96 -20.92
CA LEU F 230 -3.85 44.07 -21.35
C LEU F 230 -4.72 44.72 -22.40
N GLU F 231 -4.92 46.04 -22.32
CA GLU F 231 -5.85 46.69 -23.23
C GLU F 231 -5.20 47.04 -24.56
N LEU F 232 -3.98 47.55 -24.53
CA LEU F 232 -3.38 48.07 -25.76
C LEU F 232 -2.78 46.95 -26.58
N ALA F 233 -2.62 47.22 -27.86
CA ALA F 233 -1.82 46.37 -28.72
C ALA F 233 -0.36 46.46 -28.31
N MET F 234 0.42 45.49 -28.79
CA MET F 234 1.80 45.37 -28.36
C MET F 234 2.61 46.62 -28.70
N ASP F 235 2.55 47.05 -29.96
CA ASP F 235 3.35 48.20 -30.36
C ASP F 235 2.87 49.48 -29.71
N GLU F 236 1.56 49.62 -29.54
CA GLU F 236 1.00 50.78 -28.85
C GLU F 236 1.49 50.90 -27.42
N PHE F 237 1.51 49.80 -26.68
CA PHE F 237 1.91 49.87 -25.27
C PHE F 237 3.37 50.26 -25.14
N ILE F 238 4.23 49.60 -25.93
CA ILE F 238 5.67 49.86 -25.85
C ILE F 238 5.94 51.29 -26.25
N GLU F 239 5.17 51.81 -27.19
CA GLU F 239 5.31 53.19 -27.60
C GLU F 239 4.87 54.16 -26.51
N ARG F 240 3.74 53.89 -25.85
CA ARG F 240 3.22 54.84 -24.88
C ARG F 240 4.19 55.05 -23.72
N TYR F 241 4.78 53.96 -23.24
CA TYR F 241 5.72 54.03 -22.12
C TYR F 241 7.16 54.05 -22.59
N LYS F 242 7.38 54.27 -23.88
CA LYS F 242 8.69 54.46 -24.47
C LYS F 242 9.65 53.33 -24.09
N LEU F 243 9.21 52.11 -24.42
CA LEU F 243 9.93 50.90 -24.04
C LEU F 243 10.63 50.26 -25.24
N GLU F 244 10.72 50.97 -26.36
CA GLU F 244 11.39 50.46 -27.55
C GLU F 244 12.85 50.10 -27.25
N GLY F 245 13.28 48.94 -27.73
CA GLY F 245 14.65 48.52 -27.52
C GLY F 245 14.88 47.71 -26.27
N TYR F 246 13.85 47.49 -25.47
CA TYR F 246 13.95 46.66 -24.29
C TYR F 246 13.41 45.25 -24.53
N ALA F 247 13.11 44.91 -25.77
CA ALA F 247 12.72 43.56 -26.18
C ALA F 247 11.48 43.06 -25.47
N PHE F 248 10.54 43.95 -25.18
CA PHE F 248 9.28 43.48 -24.59
C PHE F 248 8.53 42.55 -25.52
N GLU F 249 8.64 42.78 -26.82
CA GLU F 249 7.99 41.91 -27.80
C GLU F 249 8.36 40.46 -27.57
N HIS F 250 9.61 40.21 -27.23
CA HIS F 250 10.14 38.89 -26.95
C HIS F 250 9.91 38.50 -25.50
N ILE F 251 10.41 39.33 -24.57
CA ILE F 251 10.49 38.96 -23.17
C ILE F 251 9.12 38.80 -22.55
N VAL F 252 8.24 39.78 -22.76
CA VAL F 252 6.96 39.84 -22.07
C VAL F 252 5.83 39.26 -22.90
N TYR F 253 5.74 39.61 -24.17
CA TYR F 253 4.63 39.14 -24.99
C TYR F 253 4.82 37.70 -25.42
N GLY F 254 6.06 37.26 -25.56
CA GLY F 254 6.36 35.93 -26.04
C GLY F 254 6.45 35.87 -27.56
N ASP F 255 7.31 34.97 -28.02
CA ASP F 255 7.53 34.75 -29.44
C ASP F 255 7.13 33.32 -29.75
N PHE F 256 6.02 33.16 -30.47
CA PHE F 256 5.45 31.85 -30.77
C PHE F 256 5.65 31.46 -32.23
N SER F 257 6.66 32.02 -32.89
CA SER F 257 6.84 31.81 -34.31
C SER F 257 7.71 30.61 -34.65
N HIS F 258 8.48 30.10 -33.70
CA HIS F 258 9.38 28.98 -33.93
C HIS F 258 8.97 27.79 -33.07
N SER F 259 9.54 26.64 -33.40
CA SER F 259 9.21 25.42 -32.68
C SER F 259 9.53 25.56 -31.20
N GLN F 260 10.61 26.25 -30.86
CA GLN F 260 10.92 26.58 -29.49
C GLN F 260 10.30 27.93 -29.14
N LEU F 261 9.50 27.96 -28.08
CA LEU F 261 8.86 29.20 -27.65
C LEU F 261 9.88 30.20 -27.14
N GLY F 262 9.86 31.40 -27.69
CA GLY F 262 10.81 32.43 -27.30
C GLY F 262 10.26 33.31 -26.19
N GLY F 263 11.08 33.54 -25.17
CA GLY F 263 10.72 34.48 -24.12
C GLY F 263 9.52 34.06 -23.31
N LEU F 264 8.64 35.03 -23.04
CA LEU F 264 7.45 34.85 -22.23
C LEU F 264 7.81 34.54 -20.78
N HIS F 265 8.41 35.49 -20.07
CA HIS F 265 8.93 35.25 -18.73
C HIS F 265 8.21 35.99 -17.61
N LEU F 266 7.23 36.82 -17.91
CA LEU F 266 6.47 37.57 -16.91
C LEU F 266 5.04 37.09 -16.94
N LEU F 267 4.48 36.84 -15.76
CA LEU F 267 3.13 36.27 -15.68
C LEU F 267 2.13 37.11 -16.45
N ILE F 268 2.22 38.45 -16.36
CA ILE F 268 1.27 39.26 -17.09
C ILE F 268 1.32 38.96 -18.57
N GLY F 269 2.50 38.61 -19.09
CA GLY F 269 2.60 38.28 -20.51
C GLY F 269 1.93 36.97 -20.84
N LEU F 270 2.06 35.99 -19.95
CA LEU F 270 1.30 34.75 -20.10
C LEU F 270 -0.19 35.01 -20.01
N ALA F 271 -0.61 35.87 -19.08
CA ALA F 271 -2.02 36.18 -18.94
C ALA F 271 -2.60 36.74 -20.23
N LYS F 272 -1.88 37.66 -20.88
CA LYS F 272 -2.42 38.25 -22.09
C LYS F 272 -2.57 37.20 -23.19
N ARG F 273 -1.57 36.35 -23.37
CA ARG F 273 -1.71 35.30 -24.38
C ARG F 273 -2.83 34.36 -23.99
N PHE F 274 -2.91 34.01 -22.70
CA PHE F 274 -3.86 32.99 -22.29
C PHE F 274 -5.29 33.47 -22.50
N LYS F 275 -5.54 34.76 -22.25
CA LYS F 275 -6.89 35.29 -22.41
C LYS F 275 -7.33 35.28 -23.87
N GLU F 276 -6.39 35.24 -24.80
CA GLU F 276 -6.71 35.16 -26.22
C GLU F 276 -6.63 33.75 -26.75
N SER F 277 -5.72 32.95 -26.21
CA SER F 277 -5.40 31.66 -26.78
C SER F 277 -4.84 30.77 -25.67
N PRO F 278 -5.39 29.58 -25.48
CA PRO F 278 -4.96 28.76 -24.34
C PRO F 278 -3.68 28.01 -24.65
N PHE F 279 -2.98 27.64 -23.59
CA PHE F 279 -1.78 26.83 -23.68
C PHE F 279 -1.64 26.04 -22.39
N GLU F 280 -0.77 25.04 -22.42
CA GLU F 280 -0.57 24.15 -21.29
C GLU F 280 0.74 24.48 -20.58
N LEU F 281 0.69 24.53 -19.25
CA LEU F 281 1.85 24.76 -18.41
C LEU F 281 2.01 23.57 -17.49
N GLU F 282 3.06 22.79 -17.68
CA GLU F 282 3.37 21.68 -16.79
C GLU F 282 4.30 22.20 -15.70
N ASP F 283 3.80 22.19 -14.47
CA ASP F 283 4.52 22.71 -13.31
C ASP F 283 5.34 21.57 -12.71
N PHE F 284 6.53 21.35 -13.27
CA PHE F 284 7.21 20.10 -12.99
C PHE F 284 7.97 20.09 -11.66
N ILE F 285 8.12 21.24 -11.01
CA ILE F 285 8.56 21.29 -9.63
C ILE F 285 7.49 22.00 -8.81
N PRO F 286 6.47 21.31 -8.32
CA PRO F 286 5.33 22.02 -7.74
C PRO F 286 5.53 22.47 -6.31
N MET F 287 6.09 23.66 -6.14
CA MET F 287 6.25 24.25 -4.83
C MET F 287 6.12 25.75 -4.97
N ASP F 288 6.03 26.45 -3.85
CA ASP F 288 6.00 27.90 -3.87
C ASP F 288 7.41 28.44 -3.99
N SER F 289 7.68 29.25 -5.01
CA SER F 289 8.97 29.91 -5.10
C SER F 289 8.83 31.19 -5.92
N THR F 290 9.75 32.12 -5.66
CA THR F 290 9.72 33.42 -6.32
C THR F 290 9.78 33.29 -7.84
N VAL F 291 10.67 32.44 -8.35
CA VAL F 291 10.71 32.13 -9.77
C VAL F 291 10.12 30.76 -9.99
N LYS F 292 9.25 30.64 -10.98
CA LYS F 292 8.64 29.37 -11.34
C LYS F 292 9.09 28.91 -12.72
N ASN F 293 9.28 27.62 -12.86
CA ASN F 293 9.73 27.02 -14.12
C ASN F 293 8.62 26.12 -14.63
N TYR F 294 8.23 26.30 -15.88
CA TYR F 294 7.14 25.56 -16.48
C TYR F 294 7.58 24.93 -17.79
N PHE F 295 7.09 23.73 -18.04
CA PHE F 295 7.16 23.12 -19.36
C PHE F 295 5.93 23.58 -20.11
N ILE F 296 6.11 24.51 -21.05
CA ILE F 296 5.01 25.19 -21.69
C ILE F 296 4.84 24.67 -23.11
N THR F 297 3.59 24.44 -23.50
CA THR F 297 3.23 24.04 -24.85
C THR F 297 2.14 24.96 -25.35
N ASP F 298 2.42 25.70 -26.43
CA ASP F 298 1.41 26.61 -26.96
C ASP F 298 0.47 25.83 -27.87
N ALA F 299 -0.82 25.84 -27.54
CA ALA F 299 -1.77 25.01 -28.25
C ALA F 299 -2.02 25.51 -29.66
N GLN F 300 -1.97 26.83 -29.86
CA GLN F 300 -2.29 27.40 -31.16
C GLN F 300 -1.22 27.11 -32.20
N THR F 301 0.06 27.23 -31.81
CA THR F 301 1.14 27.17 -32.77
C THR F 301 1.95 25.89 -32.71
N GLY F 302 1.93 25.19 -31.58
CA GLY F 302 2.82 24.09 -31.37
C GLY F 302 4.19 24.50 -30.88
N SER F 303 4.43 25.80 -30.71
CA SER F 303 5.66 26.25 -30.08
C SER F 303 5.69 25.82 -28.62
N SER F 304 6.85 25.35 -28.19
CA SER F 304 6.98 24.83 -26.83
C SER F 304 8.39 25.09 -26.31
N LYS F 305 8.53 24.96 -25.00
CA LYS F 305 9.83 25.13 -24.36
C LYS F 305 9.82 24.35 -23.06
N CYS F 306 10.88 23.58 -22.83
CA CYS F 306 10.92 22.68 -21.68
C CYS F 306 11.04 23.42 -20.36
N VAL F 307 11.87 24.46 -20.32
CA VAL F 307 12.08 25.23 -19.10
C VAL F 307 11.84 26.70 -19.45
N CYS F 308 10.67 27.20 -19.09
CA CYS F 308 10.32 28.62 -19.26
C CYS F 308 10.22 29.23 -17.87
N SER F 309 11.21 30.02 -17.50
CA SER F 309 11.18 30.65 -16.18
C SER F 309 10.27 31.86 -16.19
N VAL F 310 9.40 31.93 -15.18
CA VAL F 310 8.32 32.88 -15.12
C VAL F 310 8.33 33.54 -13.76
N ILE F 311 8.28 34.86 -13.74
CA ILE F 311 8.22 35.63 -12.50
C ILE F 311 7.03 36.57 -12.60
N ASP F 312 6.33 36.75 -11.48
CA ASP F 312 5.20 37.67 -11.43
C ASP F 312 5.58 38.94 -10.70
N LEU F 313 6.24 39.84 -11.41
CA LEU F 313 6.41 41.19 -10.88
C LEU F 313 5.30 42.07 -11.39
N LEU F 314 4.91 43.04 -10.58
CA LEU F 314 4.08 44.13 -11.07
C LEU F 314 4.79 44.77 -12.25
N LEU F 315 4.06 45.00 -13.34
CA LEU F 315 4.69 45.46 -14.56
C LEU F 315 5.46 46.76 -14.35
N ASP F 316 4.92 47.66 -13.52
CA ASP F 316 5.64 48.90 -13.23
C ASP F 316 6.99 48.61 -12.60
N ASP F 317 7.05 47.60 -11.75
CA ASP F 317 8.29 47.22 -11.10
C ASP F 317 9.29 46.63 -12.09
N PHE F 318 8.82 45.75 -12.97
CA PHE F 318 9.69 45.15 -13.96
C PHE F 318 10.28 46.19 -14.92
N VAL F 319 9.48 47.18 -15.30
CA VAL F 319 10.00 48.24 -16.16
C VAL F 319 11.08 49.02 -15.44
N GLU F 320 10.87 49.33 -14.17
CA GLU F 320 11.89 50.02 -13.40
C GLU F 320 13.18 49.21 -13.40
N ILE F 321 13.07 47.91 -13.17
CA ILE F 321 14.24 47.06 -13.10
C ILE F 321 14.99 47.07 -14.42
N ILE F 322 14.28 46.80 -15.53
CA ILE F 322 14.96 46.67 -16.82
C ILE F 322 15.48 48.02 -17.30
N LYS F 323 14.81 49.12 -16.97
CA LYS F 323 15.35 50.41 -17.35
C LYS F 323 16.51 50.84 -16.47
N SER F 324 16.89 50.04 -15.48
CA SER F 324 17.98 50.42 -14.61
C SER F 324 19.21 49.58 -14.91
N GLN F 325 19.23 48.93 -16.05
CA GLN F 325 20.34 48.08 -16.47
C GLN F 325 21.10 48.75 -17.60
N ASP F 326 22.40 48.51 -17.63
CA ASP F 326 23.24 48.86 -18.75
C ASP F 326 23.07 47.86 -19.88
N LEU F 327 22.91 48.33 -21.11
CA LEU F 327 22.58 47.44 -22.20
C LEU F 327 23.74 47.29 -23.17
N SER F 328 24.96 47.57 -22.69
CA SER F 328 26.13 47.72 -23.53
C SER F 328 26.92 46.44 -23.66
N VAL F 329 26.47 45.34 -23.08
CA VAL F 329 27.27 44.12 -23.01
C VAL F 329 26.45 42.97 -23.55
N VAL F 330 27.14 42.02 -24.18
CA VAL F 330 26.46 40.92 -24.84
C VAL F 330 25.62 40.12 -23.85
N SER F 331 26.22 39.72 -22.73
CA SER F 331 25.48 38.90 -21.79
C SER F 331 26.05 39.12 -20.40
N LYS F 332 25.17 39.11 -19.41
CA LYS F 332 25.63 39.22 -18.03
C LYS F 332 24.50 38.80 -17.10
N VAL F 333 24.87 38.56 -15.84
CA VAL F 333 23.93 38.21 -14.80
C VAL F 333 23.54 39.49 -14.07
N VAL F 334 22.24 39.70 -13.91
CA VAL F 334 21.73 40.85 -13.19
C VAL F 334 21.10 40.35 -11.91
N LYS F 335 21.47 40.99 -10.79
CA LYS F 335 20.98 40.64 -9.47
C LYS F 335 19.92 41.64 -9.07
N VAL F 336 18.76 41.13 -8.66
CA VAL F 336 17.64 41.95 -8.25
C VAL F 336 17.13 41.37 -6.94
N THR F 337 17.09 42.20 -5.90
CA THR F 337 16.56 41.73 -4.64
C THR F 337 15.04 41.68 -4.74
N ILE F 338 14.48 40.50 -4.56
CA ILE F 338 13.05 40.26 -4.69
C ILE F 338 12.64 39.29 -3.59
N ASP F 339 11.53 39.60 -2.90
CA ASP F 339 11.09 38.79 -1.77
C ASP F 339 12.21 38.53 -0.78
N TYR F 340 13.05 39.53 -0.59
CA TYR F 340 14.16 39.53 0.35
C TYR F 340 15.31 38.66 -0.12
N THR F 341 15.21 38.05 -1.28
CA THR F 341 16.30 37.25 -1.82
C THR F 341 16.82 37.88 -3.10
N GLU F 342 18.06 37.59 -3.43
CA GLU F 342 18.67 38.07 -4.66
C GLU F 342 18.32 37.13 -5.81
N ILE F 343 17.52 37.61 -6.74
CA ILE F 343 17.18 36.82 -7.91
C ILE F 343 18.14 37.18 -9.03
N SER F 344 18.71 36.15 -9.66
CA SER F 344 19.59 36.33 -10.80
C SER F 344 18.81 36.34 -12.09
N PHE F 345 19.03 37.38 -12.89
CA PHE F 345 18.47 37.48 -14.23
C PHE F 345 19.57 37.36 -15.26
N MET F 346 19.27 36.73 -16.39
CA MET F 346 20.20 36.72 -17.51
C MET F 346 19.83 37.87 -18.42
N LEU F 347 20.79 38.73 -18.71
CA LEU F 347 20.57 39.88 -19.60
C LEU F 347 21.41 39.69 -20.85
N TRP F 348 20.75 39.62 -22.00
CA TRP F 348 21.42 39.52 -23.29
C TRP F 348 21.12 40.75 -24.11
N CYS F 349 22.17 41.37 -24.65
CA CYS F 349 22.00 42.59 -25.40
C CYS F 349 22.76 42.48 -26.72
N LYS F 350 22.32 43.26 -27.70
CA LYS F 350 23.01 43.35 -28.97
C LYS F 350 22.84 44.76 -29.50
N ASP F 351 23.97 45.40 -29.83
CA ASP F 351 23.98 46.74 -30.41
C ASP F 351 23.17 47.72 -29.55
N GLY F 352 23.29 47.60 -28.23
CA GLY F 352 22.67 48.53 -27.32
C GLY F 352 21.20 48.27 -27.04
N HIS F 353 20.62 47.20 -27.58
CA HIS F 353 19.25 46.83 -27.29
C HIS F 353 19.22 45.50 -26.57
N VAL F 354 18.16 45.26 -25.81
CA VAL F 354 17.94 43.97 -25.20
C VAL F 354 17.65 42.93 -26.26
N GLU F 355 18.25 41.75 -26.13
CA GLU F 355 17.80 40.60 -26.89
C GLU F 355 16.88 39.71 -26.08
N THR F 356 17.29 39.33 -24.87
CA THR F 356 16.34 38.75 -23.94
C THR F 356 16.81 39.03 -22.53
N PHE F 357 15.92 38.75 -21.59
CA PHE F 357 16.18 39.07 -20.19
C PHE F 357 15.25 38.17 -19.39
N TYR F 358 15.81 37.15 -18.73
CA TYR F 358 14.93 36.22 -18.07
C TYR F 358 15.53 35.82 -16.74
N PRO F 359 14.70 35.52 -15.76
CA PRO F 359 15.21 35.03 -14.49
C PRO F 359 15.64 33.59 -14.59
N LYS F 360 16.61 33.22 -13.76
CA LYS F 360 17.11 31.86 -13.78
C LYS F 360 16.56 31.07 -12.60
#